data_2LTL
#
_entry.id   2LTL
#
_entity_poly.entity_id   1
_entity_poly.type   'polypeptide(L)'
_entity_poly.pdbx_seq_one_letter_code
;MGHHHHHHSHMNSQRLIHIKTLTTPNENALKFLSTDGEMLQTRGSKSIVIKNTDENLINHSKLAQQIFLQCPGVESLMIG
DDFLTINKDRMVHWNSIKPEIIDLLTKQLAYGEDVISKE
;
_entity_poly.pdbx_strand_id   A
#
# COMPACT_ATOMS: atom_id res chain seq x y z
N MET A 1 3.95 -39.25 -12.13
CA MET A 1 4.70 -38.01 -12.47
C MET A 1 3.91 -37.19 -13.50
N GLY A 2 3.71 -35.88 -13.22
CA GLY A 2 3.01 -34.99 -14.14
C GLY A 2 2.47 -33.77 -13.43
N HIS A 3 3.36 -32.80 -13.14
CA HIS A 3 2.99 -31.51 -12.55
C HIS A 3 2.14 -30.69 -13.55
N HIS A 4 0.80 -30.72 -13.36
CA HIS A 4 -0.15 -30.07 -14.26
C HIS A 4 -0.98 -28.99 -13.54
N HIS A 5 -0.73 -28.82 -12.22
CA HIS A 5 -1.43 -27.81 -11.40
C HIS A 5 -1.07 -26.38 -11.87
N HIS A 6 -2.06 -25.49 -11.89
CA HIS A 6 -1.91 -24.12 -12.42
C HIS A 6 -2.94 -23.19 -11.76
N HIS A 7 -2.61 -21.88 -11.73
CA HIS A 7 -3.50 -20.84 -11.17
C HIS A 7 -3.42 -19.60 -12.08
N HIS A 8 -4.59 -19.00 -12.38
CA HIS A 8 -4.69 -17.84 -13.30
C HIS A 8 -5.03 -16.56 -12.53
N SER A 9 -4.53 -15.43 -13.04
CA SER A 9 -4.71 -14.10 -12.45
C SER A 9 -6.13 -13.57 -12.70
N HIS A 10 -6.47 -12.43 -12.04
CA HIS A 10 -7.84 -11.87 -12.07
C HIS A 10 -7.97 -10.85 -13.22
N MET A 11 -8.91 -11.12 -14.15
CA MET A 11 -9.34 -10.16 -15.19
C MET A 11 -10.80 -9.75 -14.87
N ASN A 12 -10.91 -8.72 -14.01
CA ASN A 12 -12.19 -8.26 -13.43
C ASN A 12 -12.67 -6.97 -14.11
N SER A 13 -13.92 -6.57 -13.77
CA SER A 13 -14.53 -5.32 -14.25
C SER A 13 -14.51 -4.25 -13.12
N GLN A 14 -13.78 -4.53 -12.04
CA GLN A 14 -13.69 -3.67 -10.85
C GLN A 14 -12.30 -2.99 -10.79
N ARG A 15 -12.22 -1.76 -11.29
CA ARG A 15 -10.95 -0.99 -11.40
C ARG A 15 -10.51 -0.35 -10.07
N LEU A 16 -11.20 -0.66 -8.97
CA LEU A 16 -10.81 -0.20 -7.62
C LEU A 16 -10.79 -1.40 -6.67
N ILE A 17 -9.80 -1.43 -5.78
CA ILE A 17 -9.66 -2.48 -4.76
C ILE A 17 -9.69 -1.80 -3.40
N HIS A 18 -10.71 -2.13 -2.59
CA HIS A 18 -10.90 -1.55 -1.25
C HIS A 18 -9.72 -1.97 -0.34
N ILE A 19 -9.04 -0.98 0.26
CA ILE A 19 -7.83 -1.19 1.05
C ILE A 19 -8.14 -0.77 2.50
N LYS A 20 -7.87 -1.65 3.45
CA LYS A 20 -8.15 -1.41 4.88
C LYS A 20 -6.88 -0.84 5.52
N THR A 21 -7.07 -0.02 6.56
CA THR A 21 -5.97 0.51 7.37
C THR A 21 -6.42 0.55 8.85
N LEU A 22 -5.78 -0.31 9.66
CA LEU A 22 -6.05 -0.45 11.10
C LEU A 22 -5.03 0.33 11.91
N THR A 23 -5.50 1.00 12.97
CA THR A 23 -4.65 1.74 13.91
C THR A 23 -4.04 0.75 14.91
N THR A 24 -2.77 0.98 15.23
CA THR A 24 -1.97 0.13 16.11
C THR A 24 -1.77 0.85 17.47
N PRO A 25 -1.31 0.15 18.55
CA PRO A 25 -0.88 0.82 19.81
C PRO A 25 0.40 1.69 19.63
N ASN A 26 1.02 1.59 18.44
CA ASN A 26 2.26 2.31 18.09
C ASN A 26 1.97 3.75 17.62
N GLU A 27 2.94 4.65 17.86
CA GLU A 27 2.80 6.10 17.65
C GLU A 27 3.18 6.53 16.23
N ASN A 28 4.14 5.82 15.61
CA ASN A 28 4.69 6.18 14.28
C ASN A 28 4.52 5.04 13.26
N ALA A 29 3.88 3.94 13.68
CA ALA A 29 3.59 2.81 12.79
C ALA A 29 2.08 2.68 12.54
N LEU A 30 1.70 2.42 11.29
CA LEU A 30 0.28 2.22 10.91
C LEU A 30 0.16 1.03 9.96
N LYS A 31 -0.82 0.17 10.23
CA LYS A 31 -1.06 -1.07 9.53
C LYS A 31 -2.05 -0.86 8.36
N PHE A 32 -1.60 -1.15 7.13
CA PHE A 32 -2.45 -1.15 5.92
C PHE A 32 -2.63 -2.59 5.45
N LEU A 33 -3.84 -3.13 5.62
CA LEU A 33 -4.14 -4.54 5.33
C LEU A 33 -5.08 -4.59 4.11
N SER A 34 -4.79 -5.46 3.15
CA SER A 34 -5.57 -5.61 1.91
C SER A 34 -6.76 -6.59 2.15
N THR A 35 -8.00 -6.06 2.13
CA THR A 35 -9.24 -6.84 2.33
C THR A 35 -10.30 -6.45 1.28
N ASP A 36 -10.31 -7.16 0.13
CA ASP A 36 -11.31 -6.95 -0.95
C ASP A 36 -11.14 -8.00 -2.06
N GLY A 37 -9.94 -8.02 -2.65
CA GLY A 37 -9.64 -8.88 -3.79
C GLY A 37 -8.26 -9.46 -3.71
N GLU A 38 -7.24 -8.61 -3.95
CA GLU A 38 -5.84 -9.02 -3.93
C GLU A 38 -5.17 -8.67 -2.59
N MET A 39 -3.98 -9.24 -2.40
CA MET A 39 -3.15 -9.06 -1.21
C MET A 39 -1.71 -8.75 -1.65
N LEU A 40 -0.89 -8.30 -0.72
CA LEU A 40 0.48 -7.83 -1.02
C LEU A 40 1.42 -9.02 -1.29
N GLN A 41 1.69 -9.82 -0.27
CA GLN A 41 2.69 -10.90 -0.32
C GLN A 41 2.01 -12.25 -0.02
N THR A 42 2.36 -13.30 -0.80
CA THR A 42 1.80 -14.65 -0.62
C THR A 42 2.08 -15.21 0.79
N ARG A 43 1.03 -15.80 1.40
CA ARG A 43 1.09 -16.36 2.76
C ARG A 43 2.09 -17.51 2.85
N GLY A 44 2.97 -17.44 3.84
CA GLY A 44 4.06 -18.39 4.01
C GLY A 44 5.42 -17.73 3.89
N SER A 45 5.41 -16.40 3.67
CA SER A 45 6.62 -15.59 3.59
C SER A 45 6.91 -14.90 4.93
N LYS A 46 7.94 -14.03 4.99
CA LYS A 46 8.32 -13.30 6.22
C LYS A 46 7.97 -11.81 6.10
N SER A 47 7.92 -11.13 7.26
CA SER A 47 7.69 -9.68 7.34
C SER A 47 9.02 -8.93 7.12
N ILE A 48 9.25 -8.49 5.87
CA ILE A 48 10.53 -7.85 5.44
C ILE A 48 10.51 -6.34 5.73
N VAL A 49 11.47 -5.86 6.54
CA VAL A 49 11.58 -4.45 6.91
C VAL A 49 12.45 -3.71 5.87
N ILE A 50 11.82 -2.87 5.04
CA ILE A 50 12.49 -2.14 3.96
C ILE A 50 12.84 -0.72 4.44
N LYS A 51 14.14 -0.45 4.65
CA LYS A 51 14.62 0.83 5.19
C LYS A 51 14.98 1.80 4.05
N ASN A 52 14.86 3.13 4.31
CA ASN A 52 15.20 4.17 3.30
C ASN A 52 16.71 4.17 2.97
N THR A 53 17.52 3.65 3.90
CA THR A 53 18.97 3.51 3.74
C THR A 53 19.31 2.21 2.96
N ASP A 54 18.48 1.18 3.15
CA ASP A 54 18.64 -0.13 2.51
C ASP A 54 17.96 -0.12 1.14
N GLU A 55 18.63 0.55 0.18
CA GLU A 55 18.09 0.84 -1.15
C GLU A 55 17.83 -0.43 -2.00
N ASN A 56 18.60 -1.53 -1.78
CA ASN A 56 18.44 -2.79 -2.55
C ASN A 56 17.03 -3.37 -2.38
N LEU A 57 16.50 -3.27 -1.14
CA LEU A 57 15.14 -3.73 -0.80
C LEU A 57 14.06 -2.83 -1.46
N ILE A 58 14.35 -1.51 -1.50
CA ILE A 58 13.50 -0.49 -2.16
C ILE A 58 13.43 -0.78 -3.68
N ASN A 59 14.59 -1.05 -4.29
CA ASN A 59 14.75 -1.37 -5.72
C ASN A 59 13.92 -2.62 -6.11
N HIS A 60 13.77 -3.57 -5.16
CA HIS A 60 12.96 -4.79 -5.37
C HIS A 60 11.46 -4.49 -5.44
N SER A 61 11.02 -3.48 -4.67
CA SER A 61 9.60 -3.11 -4.56
C SER A 61 9.36 -1.72 -5.17
N LYS A 62 8.75 -1.69 -6.37
CA LYS A 62 8.35 -0.44 -7.04
C LYS A 62 7.40 0.38 -6.14
N LEU A 63 6.60 -0.33 -5.33
CA LEU A 63 5.68 0.25 -4.34
C LEU A 63 6.45 1.04 -3.28
N ALA A 64 7.56 0.44 -2.78
CA ALA A 64 8.42 1.08 -1.77
C ALA A 64 9.03 2.37 -2.30
N GLN A 65 9.47 2.32 -3.57
CA GLN A 65 10.04 3.48 -4.31
C GLN A 65 9.04 4.64 -4.34
N GLN A 66 7.77 4.31 -4.65
CA GLN A 66 6.68 5.29 -4.72
C GLN A 66 6.33 5.87 -3.32
N ILE A 67 6.39 5.04 -2.27
CA ILE A 67 6.07 5.45 -0.89
C ILE A 67 7.14 6.43 -0.34
N PHE A 68 8.43 6.08 -0.50
CA PHE A 68 9.55 6.95 -0.06
C PHE A 68 9.62 8.24 -0.90
N LEU A 69 9.19 8.16 -2.19
CA LEU A 69 9.19 9.30 -3.12
C LEU A 69 8.08 10.31 -2.76
N GLN A 70 6.84 9.82 -2.62
CA GLN A 70 5.63 10.65 -2.43
C GLN A 70 5.41 11.02 -0.95
N CYS A 71 5.86 10.14 -0.06
CA CYS A 71 5.78 10.36 1.39
C CYS A 71 7.21 10.36 1.96
N PRO A 72 7.90 11.55 1.96
CA PRO A 72 9.35 11.66 2.31
C PRO A 72 9.63 11.37 3.79
N GLY A 73 8.59 11.42 4.62
CA GLY A 73 8.71 11.22 6.07
C GLY A 73 8.87 9.77 6.48
N VAL A 74 8.63 8.82 5.55
CA VAL A 74 8.67 7.39 5.85
C VAL A 74 10.12 6.92 6.09
N GLU A 75 10.33 6.34 7.27
CA GLU A 75 11.63 5.81 7.71
C GLU A 75 11.86 4.41 7.11
N SER A 76 10.84 3.55 7.29
CA SER A 76 10.93 2.15 6.92
C SER A 76 9.53 1.56 6.71
N LEU A 77 9.50 0.41 6.05
CA LEU A 77 8.29 -0.36 5.76
C LEU A 77 8.42 -1.74 6.42
N MET A 78 7.31 -2.46 6.55
CA MET A 78 7.32 -3.89 6.88
C MET A 78 6.29 -4.59 6.00
N ILE A 79 6.76 -5.37 5.03
CA ILE A 79 5.90 -6.10 4.11
C ILE A 79 5.48 -7.42 4.77
N GLY A 80 4.24 -7.45 5.28
CA GLY A 80 3.65 -8.67 5.81
C GLY A 80 2.96 -9.46 4.70
N ASP A 81 2.28 -10.54 5.08
CA ASP A 81 1.53 -11.37 4.11
C ASP A 81 0.34 -10.56 3.55
N ASP A 82 -0.59 -10.19 4.43
CA ASP A 82 -1.81 -9.44 4.06
C ASP A 82 -1.63 -7.93 4.26
N PHE A 83 -0.67 -7.54 5.11
CA PHE A 83 -0.55 -6.14 5.59
C PHE A 83 0.80 -5.49 5.24
N LEU A 84 0.88 -4.17 5.45
CA LEU A 84 2.07 -3.35 5.25
C LEU A 84 2.10 -2.30 6.37
N THR A 85 3.14 -2.36 7.19
CA THR A 85 3.30 -1.45 8.32
C THR A 85 4.24 -0.31 7.92
N ILE A 86 3.65 0.89 7.79
CA ILE A 86 4.40 2.10 7.41
C ILE A 86 4.91 2.76 8.69
N ASN A 87 6.23 2.99 8.75
CA ASN A 87 6.88 3.69 9.86
C ASN A 87 7.37 5.03 9.33
N LYS A 88 7.01 6.13 10.01
CA LYS A 88 7.36 7.50 9.56
C LYS A 88 7.98 8.30 10.72
N ASP A 89 8.49 9.49 10.41
CA ASP A 89 8.96 10.44 11.42
C ASP A 89 7.77 11.19 12.01
N ARG A 90 7.80 11.45 13.32
CA ARG A 90 6.68 12.02 14.07
C ARG A 90 6.33 13.46 13.66
N MET A 91 7.19 14.13 12.87
CA MET A 91 6.90 15.49 12.34
C MET A 91 5.88 15.44 11.18
N VAL A 92 5.84 14.30 10.44
CA VAL A 92 4.99 14.13 9.25
C VAL A 92 3.72 13.35 9.65
N HIS A 93 2.56 13.90 9.32
CA HIS A 93 1.26 13.36 9.76
C HIS A 93 0.65 12.44 8.67
N TRP A 94 -0.19 11.50 9.13
CA TRP A 94 -0.86 10.51 8.28
C TRP A 94 -1.91 11.15 7.33
N ASN A 95 -2.27 12.42 7.60
CA ASN A 95 -3.17 13.22 6.74
C ASN A 95 -2.70 13.23 5.27
N SER A 96 -1.38 13.23 5.07
CA SER A 96 -0.76 13.30 3.74
C SER A 96 -0.37 11.89 3.25
N ILE A 97 0.00 11.01 4.19
CA ILE A 97 0.66 9.73 3.89
C ILE A 97 -0.37 8.67 3.45
N LYS A 98 -1.44 8.50 4.28
CA LYS A 98 -2.46 7.44 4.09
C LYS A 98 -3.11 7.47 2.68
N PRO A 99 -3.78 8.60 2.22
CA PRO A 99 -4.56 8.59 0.94
C PRO A 99 -3.68 8.23 -0.29
N GLU A 100 -2.41 8.71 -0.25
CA GLU A 100 -1.42 8.42 -1.29
C GLU A 100 -1.09 6.93 -1.32
N ILE A 101 -0.85 6.34 -0.14
CA ILE A 101 -0.50 4.91 0.00
C ILE A 101 -1.70 3.98 -0.31
N ILE A 102 -2.95 4.42 -0.02
CA ILE A 102 -4.16 3.65 -0.38
C ILE A 102 -4.25 3.54 -1.92
N ASP A 103 -3.99 4.68 -2.60
CA ASP A 103 -3.97 4.78 -4.07
C ASP A 103 -2.88 3.84 -4.66
N LEU A 104 -1.65 3.97 -4.13
CA LEU A 104 -0.46 3.23 -4.59
C LEU A 104 -0.65 1.70 -4.42
N LEU A 105 -1.26 1.30 -3.28
CA LEU A 105 -1.60 -0.11 -2.99
C LEU A 105 -2.62 -0.64 -4.00
N THR A 106 -3.60 0.20 -4.41
CA THR A 106 -4.65 -0.21 -5.36
C THR A 106 -4.05 -0.35 -6.78
N LYS A 107 -3.05 0.50 -7.09
CA LYS A 107 -2.32 0.46 -8.37
C LYS A 107 -1.49 -0.82 -8.45
N GLN A 108 -0.76 -1.10 -7.36
CA GLN A 108 0.18 -2.23 -7.27
C GLN A 108 -0.57 -3.56 -7.44
N LEU A 109 -1.67 -3.70 -6.70
CA LEU A 109 -2.53 -4.90 -6.75
C LEU A 109 -3.26 -5.04 -8.09
N ALA A 110 -3.28 -3.96 -8.90
CA ALA A 110 -3.83 -3.97 -10.26
C ALA A 110 -2.76 -4.36 -11.30
N TYR A 111 -1.46 -4.18 -10.96
CA TYR A 111 -0.35 -4.52 -11.87
C TYR A 111 0.11 -5.98 -11.64
N GLY A 112 0.38 -6.30 -10.36
CA GLY A 112 0.90 -7.59 -9.94
C GLY A 112 0.31 -8.05 -8.62
N GLU A 113 0.16 -9.37 -8.47
CA GLU A 113 -0.51 -9.98 -7.31
C GLU A 113 0.43 -10.01 -6.10
N ASP A 114 1.74 -10.20 -6.35
CA ASP A 114 2.77 -10.05 -5.31
C ASP A 114 3.41 -8.67 -5.42
N VAL A 115 3.66 -8.06 -4.25
CA VAL A 115 4.23 -6.72 -4.14
C VAL A 115 5.69 -6.68 -4.64
N ILE A 116 6.48 -7.70 -4.25
CA ILE A 116 7.91 -7.78 -4.56
C ILE A 116 8.17 -9.00 -5.45
N SER A 117 9.00 -8.83 -6.51
CA SER A 117 9.62 -9.95 -7.23
C SER A 117 10.53 -10.65 -6.21
N LYS A 118 10.14 -11.86 -5.80
CA LYS A 118 10.51 -12.45 -4.50
C LYS A 118 12.05 -12.49 -4.24
N GLU A 119 12.53 -11.38 -3.65
CA GLU A 119 13.89 -11.21 -3.11
C GLU A 119 14.99 -11.53 -4.18
N MET A 1 -1.91 -37.30 -39.23
CA MET A 1 -1.51 -35.91 -38.91
C MET A 1 -2.42 -35.33 -37.80
N GLY A 2 -2.01 -34.18 -37.24
CA GLY A 2 -2.76 -33.53 -36.16
C GLY A 2 -2.56 -32.02 -36.17
N HIS A 3 -3.68 -31.27 -36.08
CA HIS A 3 -3.65 -29.80 -35.98
C HIS A 3 -4.53 -29.39 -34.78
N HIS A 4 -3.96 -29.50 -33.57
CA HIS A 4 -4.63 -29.16 -32.32
C HIS A 4 -4.52 -27.63 -32.07
N HIS A 5 -5.65 -26.92 -32.18
CA HIS A 5 -5.73 -25.47 -31.93
C HIS A 5 -7.14 -25.10 -31.44
N HIS A 6 -7.37 -25.26 -30.13
CA HIS A 6 -8.62 -24.85 -29.46
C HIS A 6 -8.37 -24.75 -27.95
N HIS A 7 -7.93 -23.55 -27.53
CA HIS A 7 -7.72 -23.21 -26.12
C HIS A 7 -8.53 -21.95 -25.79
N HIS A 8 -9.71 -22.14 -25.21
CA HIS A 8 -10.66 -21.06 -24.88
C HIS A 8 -10.68 -20.81 -23.37
N SER A 9 -10.20 -19.63 -22.95
CA SER A 9 -10.22 -19.19 -21.54
C SER A 9 -11.00 -17.87 -21.43
N HIS A 10 -11.41 -17.51 -20.21
CA HIS A 10 -12.14 -16.25 -19.94
C HIS A 10 -11.81 -15.78 -18.51
N MET A 11 -11.78 -14.45 -18.31
CA MET A 11 -11.53 -13.86 -16.98
C MET A 11 -12.01 -12.40 -16.95
N ASN A 12 -12.95 -12.13 -16.05
CA ASN A 12 -13.39 -10.79 -15.67
C ASN A 12 -13.33 -10.73 -14.15
N SER A 13 -12.25 -10.14 -13.64
CA SER A 13 -12.02 -9.98 -12.20
C SER A 13 -11.84 -8.49 -11.91
N GLN A 14 -12.75 -7.69 -12.51
CA GLN A 14 -12.70 -6.22 -12.47
C GLN A 14 -13.34 -5.63 -11.19
N ARG A 15 -13.21 -6.36 -10.08
CA ARG A 15 -13.49 -5.83 -8.74
C ARG A 15 -12.41 -4.79 -8.40
N LEU A 16 -12.82 -3.53 -8.20
CA LEU A 16 -11.92 -2.45 -7.74
C LEU A 16 -11.46 -2.75 -6.31
N ILE A 17 -10.20 -2.41 -6.02
CA ILE A 17 -9.47 -2.97 -4.86
C ILE A 17 -9.55 -2.02 -3.65
N HIS A 18 -10.20 -2.50 -2.58
CA HIS A 18 -10.37 -1.75 -1.32
C HIS A 18 -9.25 -2.13 -0.34
N ILE A 19 -8.81 -1.16 0.46
CA ILE A 19 -7.70 -1.28 1.42
C ILE A 19 -8.23 -0.78 2.78
N LYS A 20 -8.09 -1.59 3.83
CA LYS A 20 -8.54 -1.22 5.18
C LYS A 20 -7.32 -0.90 6.03
N THR A 21 -7.32 0.29 6.63
CA THR A 21 -6.20 0.77 7.43
C THR A 21 -6.54 0.61 8.92
N LEU A 22 -5.82 -0.29 9.61
CA LEU A 22 -5.96 -0.54 11.05
C LEU A 22 -4.84 0.16 11.83
N THR A 23 -5.19 0.73 12.99
CA THR A 23 -4.23 1.45 13.86
C THR A 23 -3.49 0.48 14.79
N THR A 24 -2.31 0.92 15.26
CA THR A 24 -1.42 0.13 16.14
C THR A 24 -1.09 0.99 17.40
N PRO A 25 -0.60 0.39 18.55
CA PRO A 25 -0.28 1.18 19.79
C PRO A 25 0.83 2.25 19.57
N ASN A 26 1.62 2.11 18.48
CA ASN A 26 2.64 3.10 18.08
C ASN A 26 2.07 3.96 16.93
N GLU A 27 2.21 5.31 17.03
CA GLU A 27 1.65 6.24 16.02
C GLU A 27 2.53 6.33 14.76
N ASN A 28 3.79 5.85 14.86
CA ASN A 28 4.72 5.76 13.71
C ASN A 28 4.24 4.65 12.76
N ALA A 29 3.75 3.54 13.34
CA ALA A 29 3.28 2.36 12.59
C ALA A 29 1.79 2.52 12.22
N LEU A 30 1.41 2.02 11.03
CA LEU A 30 -0.01 1.99 10.60
C LEU A 30 -0.20 0.87 9.58
N LYS A 31 -1.14 -0.02 9.88
CA LYS A 31 -1.40 -1.22 9.09
C LYS A 31 -2.34 -0.89 7.89
N PHE A 32 -1.87 -1.16 6.66
CA PHE A 32 -2.69 -1.14 5.44
C PHE A 32 -2.86 -2.59 4.95
N LEU A 33 -4.10 -3.09 5.01
CA LEU A 33 -4.45 -4.48 4.67
C LEU A 33 -5.17 -4.49 3.31
N SER A 34 -4.76 -5.43 2.43
CA SER A 34 -5.47 -5.67 1.15
C SER A 34 -6.78 -6.42 1.46
N THR A 35 -7.91 -5.69 1.38
CA THR A 35 -9.24 -6.14 1.86
C THR A 35 -10.16 -6.45 0.66
N ASP A 36 -9.57 -7.09 -0.36
CA ASP A 36 -10.26 -7.44 -1.62
C ASP A 36 -9.84 -8.87 -2.02
N GLY A 37 -9.93 -9.22 -3.32
CA GLY A 37 -9.53 -10.55 -3.80
C GLY A 37 -8.01 -10.75 -3.83
N GLU A 38 -7.25 -9.63 -3.85
CA GLU A 38 -5.77 -9.67 -3.95
C GLU A 38 -5.11 -9.61 -2.58
N MET A 39 -3.86 -10.07 -2.54
CA MET A 39 -3.05 -10.20 -1.31
C MET A 39 -1.64 -9.64 -1.57
N LEU A 40 -0.98 -9.12 -0.53
CA LEU A 40 0.35 -8.47 -0.68
C LEU A 40 1.49 -9.48 -0.79
N GLN A 41 1.67 -10.36 0.21
CA GLN A 41 2.79 -11.34 0.22
C GLN A 41 2.22 -12.77 0.16
N THR A 42 2.26 -13.51 1.28
CA THR A 42 1.84 -14.92 1.34
C THR A 42 1.78 -15.35 2.82
N ARG A 43 0.79 -16.19 3.15
CA ARG A 43 0.55 -16.66 4.54
C ARG A 43 1.70 -17.62 4.91
N GLY A 44 2.52 -17.21 5.88
CA GLY A 44 3.71 -17.97 6.28
C GLY A 44 4.94 -17.45 5.54
N SER A 45 5.29 -16.18 5.80
CA SER A 45 6.43 -15.52 5.15
C SER A 45 7.23 -14.72 6.21
N LYS A 46 8.20 -13.93 5.73
CA LYS A 46 9.10 -13.11 6.57
C LYS A 46 8.49 -11.70 6.71
N SER A 47 8.63 -11.10 7.91
CA SER A 47 8.24 -9.70 8.13
C SER A 47 9.35 -8.77 7.59
N ILE A 48 9.30 -8.52 6.27
CA ILE A 48 10.38 -7.83 5.53
C ILE A 48 10.37 -6.32 5.86
N VAL A 49 11.27 -5.90 6.78
CA VAL A 49 11.36 -4.49 7.20
C VAL A 49 12.48 -3.81 6.38
N ILE A 50 12.07 -2.94 5.45
CA ILE A 50 12.96 -2.19 4.56
C ILE A 50 13.01 -0.73 5.05
N LYS A 51 14.17 -0.27 5.54
CA LYS A 51 14.34 1.13 5.95
C LYS A 51 14.59 1.99 4.71
N ASN A 52 14.39 3.30 4.86
CA ASN A 52 14.60 4.28 3.78
C ASN A 52 16.09 4.36 3.35
N THR A 53 16.97 3.85 4.22
CA THR A 53 18.40 3.73 3.97
C THR A 53 18.73 2.57 3.00
N ASP A 54 17.86 1.53 2.99
CA ASP A 54 18.09 0.27 2.24
C ASP A 54 17.62 0.40 0.78
N GLU A 55 18.34 1.21 -0.01
CA GLU A 55 18.00 1.50 -1.42
C GLU A 55 18.00 0.20 -2.27
N ASN A 56 18.82 -0.77 -1.87
CA ASN A 56 18.90 -2.12 -2.50
C ASN A 56 17.54 -2.83 -2.44
N LEU A 57 16.93 -2.82 -1.25
CA LEU A 57 15.65 -3.50 -0.98
C LEU A 57 14.45 -2.66 -1.51
N ILE A 58 14.62 -1.32 -1.51
CA ILE A 58 13.62 -0.35 -2.06
C ILE A 58 13.49 -0.55 -3.58
N ASN A 59 14.64 -0.71 -4.27
CA ASN A 59 14.69 -0.92 -5.73
C ASN A 59 14.16 -2.32 -6.15
N HIS A 60 13.87 -3.22 -5.18
CA HIS A 60 13.26 -4.55 -5.44
C HIS A 60 11.71 -4.47 -5.35
N SER A 61 11.19 -3.29 -4.93
CA SER A 61 9.76 -3.04 -4.79
C SER A 61 9.43 -1.62 -5.27
N LYS A 62 8.82 -1.52 -6.46
CA LYS A 62 8.42 -0.22 -7.05
C LYS A 62 7.49 0.56 -6.11
N LEU A 63 6.70 -0.17 -5.28
CA LEU A 63 5.78 0.43 -4.30
C LEU A 63 6.55 1.30 -3.30
N ALA A 64 7.68 0.76 -2.79
CA ALA A 64 8.54 1.44 -1.83
C ALA A 64 9.08 2.74 -2.43
N GLN A 65 9.57 2.64 -3.67
CA GLN A 65 10.12 3.77 -4.44
C GLN A 65 9.12 4.94 -4.53
N GLN A 66 7.86 4.62 -4.86
CA GLN A 66 6.79 5.62 -5.02
C GLN A 66 6.31 6.19 -3.67
N ILE A 67 6.28 5.36 -2.60
CA ILE A 67 5.89 5.80 -1.23
C ILE A 67 6.92 6.82 -0.69
N PHE A 68 8.23 6.49 -0.83
CA PHE A 68 9.34 7.37 -0.39
C PHE A 68 9.45 8.63 -1.26
N LEU A 69 9.05 8.53 -2.55
CA LEU A 69 9.02 9.70 -3.48
C LEU A 69 7.92 10.68 -3.05
N GLN A 70 6.68 10.16 -2.97
CA GLN A 70 5.47 10.96 -2.70
C GLN A 70 5.46 11.45 -1.24
N CYS A 71 6.13 10.69 -0.35
CA CYS A 71 6.25 11.03 1.08
C CYS A 71 7.65 10.62 1.60
N PRO A 72 8.66 11.55 1.56
CA PRO A 72 10.03 11.28 2.10
C PRO A 72 10.10 11.28 3.65
N GLY A 73 8.93 11.45 4.30
CA GLY A 73 8.83 11.36 5.76
C GLY A 73 8.45 9.98 6.26
N VAL A 74 8.70 8.94 5.44
CA VAL A 74 8.53 7.53 5.83
C VAL A 74 9.90 6.93 6.23
N GLU A 75 9.94 6.24 7.38
CA GLU A 75 11.20 5.67 7.96
C GLU A 75 11.48 4.24 7.45
N SER A 76 10.46 3.38 7.48
CA SER A 76 10.60 1.96 7.08
C SER A 76 9.25 1.35 6.72
N LEU A 77 9.30 0.20 6.03
CA LEU A 77 8.11 -0.54 5.60
C LEU A 77 8.24 -1.98 6.12
N MET A 78 7.24 -2.47 6.86
CA MET A 78 7.19 -3.86 7.33
C MET A 78 6.15 -4.59 6.49
N ILE A 79 6.59 -5.54 5.67
CA ILE A 79 5.70 -6.34 4.83
C ILE A 79 5.21 -7.53 5.65
N GLY A 80 3.91 -7.56 5.95
CA GLY A 80 3.32 -8.70 6.62
C GLY A 80 2.94 -9.80 5.64
N ASP A 81 2.22 -10.80 6.14
CA ASP A 81 1.75 -11.93 5.32
C ASP A 81 0.65 -11.45 4.36
N ASP A 82 -0.43 -10.94 4.95
CA ASP A 82 -1.59 -10.37 4.23
C ASP A 82 -1.46 -8.85 4.14
N PHE A 83 -0.94 -8.27 5.22
CA PHE A 83 -0.98 -6.83 5.49
C PHE A 83 0.36 -6.12 5.20
N LEU A 84 0.33 -4.80 5.36
CA LEU A 84 1.49 -3.91 5.27
C LEU A 84 1.46 -3.03 6.52
N THR A 85 2.62 -2.66 7.04
CA THR A 85 2.74 -1.73 8.17
C THR A 85 3.75 -0.64 7.79
N ILE A 86 3.26 0.58 7.58
CA ILE A 86 4.10 1.71 7.23
C ILE A 86 4.60 2.38 8.51
N ASN A 87 5.91 2.40 8.70
CA ASN A 87 6.56 3.12 9.80
C ASN A 87 7.02 4.47 9.26
N LYS A 88 6.46 5.56 9.79
CA LYS A 88 6.78 6.92 9.37
C LYS A 88 7.68 7.59 10.42
N ASP A 89 8.13 8.80 10.10
CA ASP A 89 8.78 9.69 11.06
C ASP A 89 7.71 10.26 12.01
N ARG A 90 8.06 10.30 13.30
CA ARG A 90 7.20 10.74 14.41
C ARG A 90 6.68 12.20 14.24
N MET A 91 7.54 13.08 13.70
CA MET A 91 7.22 14.52 13.52
C MET A 91 6.43 14.77 12.21
N VAL A 92 6.42 13.77 11.32
CA VAL A 92 5.62 13.82 10.07
C VAL A 92 4.20 13.26 10.34
N HIS A 93 3.19 13.83 9.68
CA HIS A 93 1.74 13.54 9.96
C HIS A 93 1.15 12.64 8.85
N TRP A 94 0.22 11.72 9.22
CA TRP A 94 -0.37 10.71 8.30
C TRP A 94 -1.27 11.32 7.19
N ASN A 95 -1.81 12.51 7.43
CA ASN A 95 -2.81 13.16 6.53
C ASN A 95 -2.25 13.41 5.11
N SER A 96 -0.91 13.47 4.99
CA SER A 96 -0.20 13.60 3.70
C SER A 96 0.18 12.22 3.12
N ILE A 97 0.51 11.26 4.00
CA ILE A 97 1.17 9.99 3.62
C ILE A 97 0.14 8.94 3.13
N LYS A 98 -0.96 8.78 3.91
CA LYS A 98 -2.01 7.76 3.67
C LYS A 98 -2.62 7.80 2.24
N PRO A 99 -3.13 8.98 1.69
CA PRO A 99 -3.80 9.02 0.35
C PRO A 99 -2.85 8.50 -0.76
N GLU A 100 -1.57 8.85 -0.63
CA GLU A 100 -0.52 8.44 -1.56
C GLU A 100 -0.39 6.90 -1.59
N ILE A 101 -0.21 6.32 -0.39
CA ILE A 101 -0.04 4.86 -0.20
C ILE A 101 -1.26 4.06 -0.70
N ILE A 102 -2.47 4.44 -0.23
CA ILE A 102 -3.73 3.75 -0.56
C ILE A 102 -3.97 3.69 -2.09
N ASP A 103 -3.71 4.82 -2.76
CA ASP A 103 -3.82 4.94 -4.23
C ASP A 103 -2.88 3.91 -4.92
N LEU A 104 -1.62 3.91 -4.46
CA LEU A 104 -0.55 3.04 -4.96
C LEU A 104 -0.91 1.54 -4.81
N LEU A 105 -1.46 1.15 -3.63
CA LEU A 105 -1.83 -0.26 -3.32
C LEU A 105 -2.98 -0.76 -4.22
N THR A 106 -3.91 0.15 -4.60
CA THR A 106 -5.10 -0.19 -5.39
C THR A 106 -4.72 -0.40 -6.87
N LYS A 107 -3.72 0.38 -7.35
CA LYS A 107 -3.22 0.29 -8.73
C LYS A 107 -2.33 -0.97 -8.90
N GLN A 108 -1.39 -1.13 -7.94
CA GLN A 108 -0.36 -2.22 -7.92
C GLN A 108 -0.97 -3.62 -8.09
N LEU A 109 -1.86 -3.96 -7.15
CA LEU A 109 -2.53 -5.27 -7.11
C LEU A 109 -3.41 -5.49 -8.37
N ALA A 110 -3.89 -4.38 -8.96
CA ALA A 110 -4.77 -4.38 -10.15
C ALA A 110 -3.97 -4.54 -11.46
N TYR A 111 -2.63 -4.44 -11.39
CA TYR A 111 -1.74 -4.79 -12.52
C TYR A 111 -1.51 -6.31 -12.58
N GLY A 112 -1.84 -7.01 -11.48
CA GLY A 112 -1.72 -8.47 -11.39
C GLY A 112 -0.68 -8.89 -10.37
N GLU A 113 0.34 -8.04 -10.16
CA GLU A 113 1.47 -8.30 -9.24
C GLU A 113 1.21 -7.79 -7.82
N ASP A 114 2.19 -8.04 -6.95
CA ASP A 114 2.09 -7.85 -5.49
C ASP A 114 2.97 -6.67 -5.02
N VAL A 115 3.10 -6.54 -3.67
CA VAL A 115 3.92 -5.50 -3.02
C VAL A 115 5.41 -5.55 -3.46
N ILE A 116 5.96 -6.78 -3.51
CA ILE A 116 7.35 -7.06 -3.90
C ILE A 116 7.35 -8.23 -4.90
N SER A 117 8.37 -8.27 -5.79
CA SER A 117 8.60 -9.41 -6.68
C SER A 117 8.99 -10.64 -5.84
N LYS A 118 7.97 -11.42 -5.43
CA LYS A 118 8.13 -12.63 -4.59
C LYS A 118 8.82 -13.76 -5.39
N GLU A 119 10.16 -13.84 -5.27
CA GLU A 119 10.98 -14.83 -5.98
C GLU A 119 11.60 -15.80 -4.93
N MET A 1 -59.21 -5.43 -14.45
CA MET A 1 -58.10 -6.24 -15.00
C MET A 1 -57.27 -5.42 -16.02
N GLY A 2 -56.30 -6.08 -16.67
CA GLY A 2 -55.47 -5.47 -17.72
C GLY A 2 -53.99 -5.66 -17.44
N HIS A 3 -53.42 -4.75 -16.63
CA HIS A 3 -51.99 -4.76 -16.24
C HIS A 3 -51.88 -4.34 -14.77
N HIS A 4 -51.05 -5.08 -14.00
CA HIS A 4 -50.88 -4.86 -12.55
C HIS A 4 -50.03 -3.59 -12.25
N HIS A 5 -48.70 -3.70 -12.39
CA HIS A 5 -47.72 -2.63 -11.98
C HIS A 5 -46.57 -2.52 -13.00
N HIS A 6 -45.73 -1.47 -12.84
CA HIS A 6 -44.58 -1.21 -13.73
C HIS A 6 -43.29 -1.83 -13.14
N HIS A 7 -42.44 -2.36 -14.03
CA HIS A 7 -41.14 -2.95 -13.67
C HIS A 7 -40.14 -1.84 -13.26
N HIS A 8 -39.41 -2.08 -12.16
CA HIS A 8 -38.37 -1.18 -11.68
C HIS A 8 -37.01 -1.63 -12.25
N SER A 9 -36.53 -0.94 -13.30
CA SER A 9 -35.24 -1.23 -13.95
C SER A 9 -34.13 -0.38 -13.29
N HIS A 10 -33.15 -1.06 -12.67
CA HIS A 10 -32.08 -0.41 -11.90
C HIS A 10 -30.80 -1.26 -11.98
N MET A 11 -29.66 -0.59 -12.18
CA MET A 11 -28.34 -1.23 -12.32
C MET A 11 -27.24 -0.32 -11.72
N ASN A 12 -26.47 -0.86 -10.77
CA ASN A 12 -25.32 -0.17 -10.16
C ASN A 12 -24.16 -1.16 -10.02
N SER A 13 -22.91 -0.70 -10.26
CA SER A 13 -21.71 -1.53 -10.12
C SER A 13 -20.55 -0.68 -9.60
N GLN A 14 -19.84 -1.21 -8.59
CA GLN A 14 -18.67 -0.55 -7.97
C GLN A 14 -17.68 -1.63 -7.53
N ARG A 15 -16.48 -1.63 -8.14
CA ARG A 15 -15.38 -2.53 -7.77
C ARG A 15 -14.10 -1.71 -7.59
N LEU A 16 -13.39 -1.96 -6.49
CA LEU A 16 -12.14 -1.25 -6.16
C LEU A 16 -11.30 -2.10 -5.21
N ILE A 17 -9.98 -1.85 -5.21
CA ILE A 17 -9.04 -2.49 -4.28
C ILE A 17 -9.30 -1.98 -2.85
N HIS A 18 -9.89 -2.86 -2.03
CA HIS A 18 -10.28 -2.56 -0.64
C HIS A 18 -9.03 -2.50 0.26
N ILE A 19 -8.79 -1.30 0.82
CA ILE A 19 -7.65 -1.02 1.70
C ILE A 19 -8.21 -0.49 3.03
N LYS A 20 -8.03 -1.27 4.12
CA LYS A 20 -8.55 -0.93 5.45
C LYS A 20 -7.46 -0.29 6.30
N THR A 21 -7.79 0.85 6.93
CA THR A 21 -6.86 1.60 7.78
C THR A 21 -7.04 1.15 9.24
N LEU A 22 -6.01 0.51 9.80
CA LEU A 22 -6.04 -0.08 11.16
C LEU A 22 -4.95 0.54 12.03
N THR A 23 -5.31 0.85 13.29
CA THR A 23 -4.41 1.42 14.29
C THR A 23 -3.61 0.32 15.02
N THR A 24 -2.43 0.69 15.52
CA THR A 24 -1.53 -0.20 16.27
C THR A 24 -1.30 0.44 17.68
N PRO A 25 -0.58 -0.22 18.64
CA PRO A 25 -0.10 0.47 19.88
C PRO A 25 1.06 1.48 19.62
N ASN A 26 1.43 1.65 18.33
CA ASN A 26 2.50 2.56 17.89
C ASN A 26 1.93 3.79 17.15
N GLU A 27 2.44 4.98 17.49
CA GLU A 27 2.11 6.27 16.83
C GLU A 27 2.72 6.36 15.41
N ASN A 28 3.82 5.60 15.20
CA ASN A 28 4.59 5.60 13.93
C ASN A 28 4.46 4.25 13.21
N ALA A 29 3.31 3.59 13.40
CA ALA A 29 2.94 2.36 12.66
C ALA A 29 1.45 2.37 12.35
N LEU A 30 1.10 2.24 11.06
CA LEU A 30 -0.32 2.20 10.61
C LEU A 30 -0.46 1.05 9.59
N LYS A 31 -1.36 0.11 9.91
CA LYS A 31 -1.58 -1.11 9.14
C LYS A 31 -2.64 -0.87 8.02
N PHE A 32 -2.21 -1.07 6.76
CA PHE A 32 -3.08 -1.02 5.58
C PHE A 32 -3.33 -2.46 5.14
N LEU A 33 -4.58 -2.91 5.30
CA LEU A 33 -4.98 -4.32 5.18
C LEU A 33 -5.71 -4.55 3.83
N SER A 34 -5.25 -5.56 3.07
CA SER A 34 -5.95 -6.04 1.88
C SER A 34 -7.23 -6.76 2.35
N THR A 35 -8.38 -6.11 2.16
CA THR A 35 -9.65 -6.56 2.76
C THR A 35 -10.38 -7.61 1.88
N ASP A 36 -9.96 -7.71 0.61
CA ASP A 36 -10.57 -8.63 -0.38
C ASP A 36 -9.82 -9.98 -0.43
N GLY A 37 -8.54 -9.94 -0.85
CA GLY A 37 -7.75 -11.15 -1.05
C GLY A 37 -6.59 -10.95 -2.02
N GLU A 38 -6.53 -9.78 -2.69
CA GLU A 38 -5.35 -9.36 -3.46
C GLU A 38 -4.22 -9.04 -2.48
N MET A 39 -3.24 -9.94 -2.37
CA MET A 39 -2.19 -9.90 -1.34
C MET A 39 -0.86 -9.39 -1.93
N LEU A 40 -0.04 -8.74 -1.10
CA LEU A 40 1.27 -8.19 -1.49
C LEU A 40 2.31 -9.30 -1.74
N GLN A 41 2.26 -10.37 -0.95
CA GLN A 41 3.20 -11.52 -1.07
C GLN A 41 2.40 -12.84 -1.13
N THR A 42 3.06 -13.97 -0.74
CA THR A 42 2.39 -15.27 -0.54
C THR A 42 1.42 -15.21 0.69
N ARG A 43 1.26 -16.31 1.44
CA ARG A 43 0.46 -16.28 2.70
C ARG A 43 1.39 -16.57 3.91
N GLY A 44 1.15 -15.85 5.03
CA GLY A 44 1.97 -15.96 6.23
C GLY A 44 3.41 -15.50 5.98
N SER A 45 3.54 -14.32 5.33
CA SER A 45 4.85 -13.76 4.94
C SER A 45 5.59 -13.21 6.17
N LYS A 46 6.93 -13.24 6.08
CA LYS A 46 7.82 -12.64 7.09
C LYS A 46 7.73 -11.08 7.03
N SER A 47 8.11 -10.44 8.13
CA SER A 47 8.09 -8.97 8.26
C SER A 47 9.31 -8.37 7.53
N ILE A 48 9.14 -8.08 6.23
CA ILE A 48 10.22 -7.55 5.38
C ILE A 48 10.41 -6.06 5.69
N VAL A 49 11.44 -5.74 6.50
CA VAL A 49 11.72 -4.38 6.96
C VAL A 49 12.68 -3.69 5.97
N ILE A 50 12.14 -2.69 5.23
CA ILE A 50 12.87 -1.93 4.20
C ILE A 50 12.90 -0.46 4.61
N LYS A 51 14.08 0.05 4.97
CA LYS A 51 14.25 1.48 5.32
C LYS A 51 14.55 2.29 4.05
N ASN A 52 14.31 3.61 4.11
CA ASN A 52 14.62 4.54 3.00
C ASN A 52 16.14 4.60 2.75
N THR A 53 16.92 4.22 3.78
CA THR A 53 18.39 4.15 3.71
C THR A 53 18.85 2.86 2.97
N ASP A 54 18.04 1.78 3.09
CA ASP A 54 18.32 0.48 2.44
C ASP A 54 17.95 0.56 0.95
N GLU A 55 18.82 1.25 0.17
CA GLU A 55 18.61 1.51 -1.26
C GLU A 55 18.40 0.21 -2.05
N ASN A 56 19.22 -0.82 -1.76
CA ASN A 56 19.20 -2.12 -2.46
C ASN A 56 17.80 -2.76 -2.40
N LEU A 57 17.22 -2.77 -1.18
CA LEU A 57 15.91 -3.35 -0.92
C LEU A 57 14.80 -2.62 -1.71
N ILE A 58 14.97 -1.29 -1.85
CA ILE A 58 13.99 -0.43 -2.54
C ILE A 58 14.05 -0.65 -4.06
N ASN A 59 15.29 -0.69 -4.61
CA ASN A 59 15.57 -0.86 -6.07
C ASN A 59 14.87 -2.10 -6.65
N HIS A 60 14.71 -3.13 -5.80
CA HIS A 60 14.00 -4.36 -6.13
C HIS A 60 12.50 -4.22 -5.83
N SER A 61 12.16 -3.65 -4.65
CA SER A 61 10.77 -3.52 -4.19
C SER A 61 10.07 -2.32 -4.87
N LYS A 62 9.29 -2.65 -5.93
CA LYS A 62 8.48 -1.71 -6.72
C LYS A 62 7.66 -0.72 -5.86
N LEU A 63 6.86 -1.26 -4.91
CA LEU A 63 6.00 -0.45 -4.03
C LEU A 63 6.82 0.46 -3.10
N ALA A 64 8.00 -0.03 -2.65
CA ALA A 64 8.90 0.77 -1.79
C ALA A 64 9.37 2.03 -2.52
N GLN A 65 9.69 1.86 -3.82
CA GLN A 65 10.10 2.96 -4.71
C GLN A 65 9.01 4.05 -4.74
N GLN A 66 7.75 3.62 -4.96
CA GLN A 66 6.57 4.50 -5.02
C GLN A 66 6.32 5.28 -3.71
N ILE A 67 6.34 4.56 -2.55
CA ILE A 67 6.03 5.14 -1.23
C ILE A 67 7.08 6.20 -0.82
N PHE A 68 8.37 5.82 -0.90
CA PHE A 68 9.49 6.71 -0.53
C PHE A 68 9.60 7.90 -1.50
N LEU A 69 9.27 7.68 -2.80
CA LEU A 69 9.25 8.74 -3.84
C LEU A 69 8.26 9.84 -3.46
N GLN A 70 7.02 9.43 -3.19
CA GLN A 70 5.90 10.34 -2.92
C GLN A 70 5.95 10.92 -1.49
N CYS A 71 6.59 10.21 -0.56
CA CYS A 71 6.69 10.63 0.84
C CYS A 71 8.07 10.22 1.41
N PRO A 72 9.08 11.16 1.43
CA PRO A 72 10.43 10.89 1.97
C PRO A 72 10.48 10.93 3.52
N GLY A 73 9.32 11.20 4.17
CA GLY A 73 9.21 11.21 5.62
C GLY A 73 8.96 9.82 6.21
N VAL A 74 8.87 8.81 5.33
CA VAL A 74 8.71 7.40 5.73
C VAL A 74 10.09 6.80 6.10
N GLU A 75 10.20 6.28 7.33
CA GLU A 75 11.45 5.70 7.88
C GLU A 75 11.67 4.29 7.30
N SER A 76 10.66 3.42 7.48
CA SER A 76 10.74 2.01 7.10
C SER A 76 9.37 1.44 6.71
N LEU A 77 9.40 0.28 6.04
CA LEU A 77 8.21 -0.45 5.61
C LEU A 77 8.27 -1.85 6.21
N MET A 78 7.19 -2.28 6.86
CA MET A 78 7.03 -3.66 7.29
C MET A 78 6.06 -4.32 6.31
N ILE A 79 6.63 -5.06 5.34
CA ILE A 79 5.85 -5.72 4.29
C ILE A 79 5.27 -7.01 4.86
N GLY A 80 3.94 -7.17 4.77
CA GLY A 80 3.28 -8.41 5.12
C GLY A 80 2.74 -9.13 3.89
N ASP A 81 1.99 -10.21 4.11
CA ASP A 81 1.35 -10.97 3.03
C ASP A 81 0.06 -10.27 2.59
N ASP A 82 -0.89 -10.06 3.51
CA ASP A 82 -2.18 -9.38 3.20
C ASP A 82 -2.28 -8.03 3.94
N PHE A 83 -1.13 -7.50 4.37
CA PHE A 83 -1.09 -6.24 5.15
C PHE A 83 0.22 -5.48 4.87
N LEU A 84 0.22 -4.19 5.23
CA LEU A 84 1.37 -3.31 5.06
C LEU A 84 1.44 -2.32 6.23
N THR A 85 2.39 -2.52 7.13
CA THR A 85 2.55 -1.66 8.32
C THR A 85 3.64 -0.61 8.01
N ILE A 86 3.22 0.64 7.80
CA ILE A 86 4.09 1.76 7.40
C ILE A 86 4.69 2.41 8.65
N ASN A 87 5.97 2.80 8.57
CA ASN A 87 6.68 3.51 9.65
C ASN A 87 7.17 4.85 9.12
N LYS A 88 6.72 5.95 9.75
CA LYS A 88 7.10 7.32 9.37
C LYS A 88 7.75 8.04 10.57
N ASP A 89 8.41 9.17 10.29
CA ASP A 89 9.01 10.04 11.32
C ASP A 89 7.90 10.68 12.17
N ARG A 90 8.10 10.82 13.48
CA ARG A 90 7.04 11.25 14.41
C ARG A 90 6.64 12.75 14.21
N MET A 91 7.44 13.50 13.41
CA MET A 91 7.13 14.90 13.04
C MET A 91 6.06 14.96 11.93
N VAL A 92 5.83 13.81 11.26
CA VAL A 92 4.89 13.69 10.13
C VAL A 92 3.51 13.22 10.63
N HIS A 93 2.45 13.78 10.01
CA HIS A 93 1.05 13.41 10.29
C HIS A 93 0.59 12.34 9.26
N TRP A 94 -0.11 11.29 9.74
CA TRP A 94 -0.52 10.14 8.89
C TRP A 94 -1.39 10.54 7.69
N ASN A 95 -2.38 11.44 7.91
CA ASN A 95 -3.38 11.83 6.88
C ASN A 95 -2.71 12.41 5.60
N SER A 96 -1.44 12.84 5.70
CA SER A 96 -0.65 13.30 4.54
C SER A 96 -0.32 12.11 3.60
N ILE A 97 0.30 11.06 4.19
CA ILE A 97 0.86 9.92 3.45
C ILE A 97 -0.24 8.87 3.15
N LYS A 98 -1.22 8.74 4.07
CA LYS A 98 -2.27 7.69 4.06
C LYS A 98 -3.02 7.54 2.70
N PRO A 99 -3.67 8.62 2.10
CA PRO A 99 -4.44 8.47 0.84
C PRO A 99 -3.54 8.13 -0.36
N GLU A 100 -2.26 8.57 -0.28
CA GLU A 100 -1.25 8.30 -1.31
C GLU A 100 -0.91 6.80 -1.31
N ILE A 101 -0.75 6.23 -0.08
CA ILE A 101 -0.49 4.81 0.13
C ILE A 101 -1.64 3.97 -0.46
N ILE A 102 -2.89 4.33 -0.08
CA ILE A 102 -4.10 3.61 -0.52
C ILE A 102 -4.19 3.56 -2.06
N ASP A 103 -3.84 4.70 -2.70
CA ASP A 103 -3.86 4.81 -4.18
C ASP A 103 -2.79 3.88 -4.82
N LEU A 104 -1.56 3.92 -4.26
CA LEU A 104 -0.41 3.10 -4.72
C LEU A 104 -0.67 1.59 -4.53
N LEU A 105 -1.40 1.25 -3.45
CA LEU A 105 -1.79 -0.13 -3.13
C LEU A 105 -2.92 -0.59 -4.06
N THR A 106 -3.68 0.36 -4.64
CA THR A 106 -4.70 0.06 -5.64
C THR A 106 -4.02 -0.21 -7.00
N LYS A 107 -2.93 0.54 -7.28
CA LYS A 107 -2.10 0.36 -8.50
C LYS A 107 -1.38 -1.01 -8.45
N GLN A 108 -0.91 -1.38 -7.25
CA GLN A 108 -0.24 -2.67 -7.00
C GLN A 108 -1.20 -3.83 -7.31
N LEU A 109 -2.29 -3.89 -6.55
CA LEU A 109 -3.18 -5.05 -6.49
C LEU A 109 -4.14 -5.11 -7.70
N ALA A 110 -4.08 -4.09 -8.59
CA ALA A 110 -4.80 -4.07 -9.87
C ALA A 110 -3.93 -4.70 -11.00
N TYR A 111 -2.67 -4.24 -11.10
CA TYR A 111 -1.77 -4.60 -12.23
C TYR A 111 -0.98 -5.88 -11.92
N GLY A 112 -0.32 -5.89 -10.75
CA GLY A 112 0.54 -6.98 -10.33
C GLY A 112 0.71 -6.96 -8.83
N GLU A 113 0.00 -7.87 -8.14
CA GLU A 113 -0.25 -7.83 -6.69
C GLU A 113 1.04 -7.86 -5.86
N ASP A 114 2.11 -8.42 -6.45
CA ASP A 114 3.39 -8.59 -5.77
C ASP A 114 4.04 -7.21 -5.52
N VAL A 115 4.23 -6.91 -4.22
CA VAL A 115 4.84 -5.67 -3.71
C VAL A 115 6.25 -5.40 -4.30
N ILE A 116 7.07 -6.46 -4.38
CA ILE A 116 8.48 -6.36 -4.77
C ILE A 116 8.63 -6.58 -6.29
N SER A 117 8.18 -7.75 -6.75
CA SER A 117 8.39 -8.22 -8.11
C SER A 117 7.44 -7.53 -9.12
N LYS A 118 8.01 -7.28 -10.31
CA LYS A 118 7.32 -6.70 -11.47
C LYS A 118 7.87 -7.39 -12.74
N GLU A 119 8.15 -8.70 -12.58
CA GLU A 119 8.72 -9.57 -13.62
C GLU A 119 7.68 -9.82 -14.74
N MET A 1 -57.29 10.52 -2.58
CA MET A 1 -56.64 9.32 -3.13
C MET A 1 -55.16 9.33 -2.73
N GLY A 2 -54.68 8.22 -2.16
CA GLY A 2 -53.31 8.11 -1.65
C GLY A 2 -52.25 8.13 -2.74
N HIS A 3 -51.12 8.80 -2.45
CA HIS A 3 -49.98 8.89 -3.37
C HIS A 3 -48.71 8.44 -2.64
N HIS A 4 -47.92 7.60 -3.32
CA HIS A 4 -46.64 7.07 -2.82
C HIS A 4 -45.69 6.83 -4.01
N HIS A 5 -44.38 7.04 -3.77
CA HIS A 5 -43.34 6.91 -4.81
C HIS A 5 -42.18 6.08 -4.25
N HIS A 6 -41.45 5.39 -5.14
CA HIS A 6 -40.25 4.62 -4.75
C HIS A 6 -39.02 5.54 -4.70
N HIS A 7 -38.30 5.53 -3.54
CA HIS A 7 -37.07 6.32 -3.34
C HIS A 7 -35.90 5.66 -4.08
N HIS A 8 -35.25 6.43 -4.96
CA HIS A 8 -34.06 6.01 -5.72
C HIS A 8 -32.79 6.31 -4.90
N SER A 9 -32.03 5.27 -4.56
CA SER A 9 -30.77 5.39 -3.81
C SER A 9 -29.57 5.42 -4.78
N HIS A 10 -28.45 6.00 -4.33
CA HIS A 10 -27.19 5.98 -5.07
C HIS A 10 -26.66 4.53 -5.15
N MET A 11 -26.95 3.89 -6.28
CA MET A 11 -26.49 2.51 -6.56
C MET A 11 -25.03 2.57 -7.03
N ASN A 12 -24.11 2.29 -6.10
CA ASN A 12 -22.66 2.46 -6.32
C ASN A 12 -22.08 1.33 -7.17
N SER A 13 -21.08 1.66 -8.00
CA SER A 13 -20.33 0.70 -8.81
C SER A 13 -19.01 0.41 -8.09
N GLN A 14 -19.02 -0.63 -7.23
CA GLN A 14 -17.84 -1.03 -6.45
C GLN A 14 -16.73 -1.54 -7.39
N ARG A 15 -15.85 -0.61 -7.79
CA ARG A 15 -14.69 -0.89 -8.65
C ARG A 15 -13.45 -0.21 -8.04
N LEU A 16 -12.99 -0.74 -6.92
CA LEU A 16 -11.82 -0.24 -6.19
C LEU A 16 -11.17 -1.40 -5.43
N ILE A 17 -9.84 -1.32 -5.28
CA ILE A 17 -9.08 -2.28 -4.48
C ILE A 17 -9.17 -1.84 -3.01
N HIS A 18 -10.12 -2.47 -2.31
CA HIS A 18 -10.54 -2.11 -0.96
C HIS A 18 -9.46 -2.44 0.09
N ILE A 19 -9.04 -1.39 0.82
CA ILE A 19 -7.94 -1.45 1.81
C ILE A 19 -8.49 -0.92 3.14
N LYS A 20 -8.36 -1.70 4.22
CA LYS A 20 -8.87 -1.32 5.55
C LYS A 20 -7.72 -0.77 6.41
N THR A 21 -7.90 0.44 6.95
CA THR A 21 -6.87 1.13 7.73
C THR A 21 -7.06 0.78 9.23
N LEU A 22 -6.05 0.13 9.81
CA LEU A 22 -6.05 -0.34 11.21
C LEU A 22 -4.98 0.41 12.01
N THR A 23 -5.33 0.81 13.25
CA THR A 23 -4.40 1.48 14.17
C THR A 23 -3.57 0.45 14.94
N THR A 24 -2.36 0.86 15.37
CA THR A 24 -1.37 -0.01 16.02
C THR A 24 -1.07 0.54 17.45
N PRO A 25 -0.28 -0.19 18.32
CA PRO A 25 0.25 0.38 19.59
C PRO A 25 1.43 1.37 19.36
N ASN A 26 1.64 1.81 18.09
CA ASN A 26 2.72 2.74 17.72
C ASN A 26 2.08 4.04 17.14
N GLU A 27 2.85 5.15 17.18
CA GLU A 27 2.44 6.44 16.57
C GLU A 27 3.15 6.63 15.22
N ASN A 28 4.39 6.11 15.10
CA ASN A 28 5.16 6.14 13.85
C ASN A 28 4.56 5.17 12.83
N ALA A 29 4.15 3.98 13.31
CA ALA A 29 3.63 2.90 12.44
C ALA A 29 2.10 2.97 12.32
N LEU A 30 1.58 2.69 11.10
CA LEU A 30 0.14 2.56 10.83
C LEU A 30 -0.07 1.40 9.85
N LYS A 31 -1.03 0.52 10.16
CA LYS A 31 -1.29 -0.72 9.41
C LYS A 31 -2.36 -0.49 8.33
N PHE A 32 -2.07 -0.95 7.10
CA PHE A 32 -2.99 -0.95 5.95
C PHE A 32 -3.18 -2.40 5.49
N LEU A 33 -4.43 -2.87 5.50
CA LEU A 33 -4.77 -4.29 5.25
C LEU A 33 -5.41 -4.46 3.87
N SER A 34 -4.88 -5.40 3.08
CA SER A 34 -5.47 -5.84 1.81
C SER A 34 -6.69 -6.70 2.12
N THR A 35 -7.89 -6.14 1.89
CA THR A 35 -9.15 -6.67 2.44
C THR A 35 -9.99 -7.38 1.37
N ASP A 36 -9.92 -6.89 0.12
CA ASP A 36 -10.67 -7.49 -1.01
C ASP A 36 -9.90 -8.72 -1.58
N GLY A 37 -10.26 -9.16 -2.81
CA GLY A 37 -9.66 -10.34 -3.44
C GLY A 37 -8.17 -10.20 -3.76
N GLU A 38 -7.64 -8.96 -3.78
CA GLU A 38 -6.21 -8.69 -4.01
C GLU A 38 -5.42 -8.79 -2.69
N MET A 39 -4.17 -9.24 -2.79
CA MET A 39 -3.30 -9.55 -1.65
C MET A 39 -1.86 -9.23 -2.07
N LEU A 40 -1.12 -8.47 -1.21
CA LEU A 40 0.22 -7.91 -1.56
C LEU A 40 1.20 -9.00 -2.02
N GLN A 41 1.21 -10.10 -1.25
CA GLN A 41 2.06 -11.27 -1.48
C GLN A 41 1.27 -12.53 -1.06
N THR A 42 1.60 -13.67 -1.68
CA THR A 42 1.09 -14.98 -1.28
C THR A 42 1.77 -15.44 0.04
N ARG A 43 1.05 -16.24 0.87
CA ARG A 43 1.60 -16.86 2.10
C ARG A 43 2.83 -17.72 1.74
N GLY A 44 4.02 -17.14 1.91
CA GLY A 44 5.28 -17.80 1.57
C GLY A 44 6.45 -17.25 2.39
N SER A 45 6.55 -15.92 2.45
CA SER A 45 7.60 -15.22 3.20
C SER A 45 7.02 -14.51 4.44
N LYS A 46 7.92 -13.89 5.23
CA LYS A 46 7.61 -13.25 6.51
C LYS A 46 7.41 -11.72 6.34
N SER A 47 7.24 -11.01 7.47
CA SER A 47 7.14 -9.54 7.50
C SER A 47 8.54 -8.90 7.33
N ILE A 48 8.94 -8.69 6.06
CA ILE A 48 10.27 -8.16 5.70
C ILE A 48 10.32 -6.63 5.94
N VAL A 49 11.34 -6.17 6.68
CA VAL A 49 11.53 -4.74 6.95
C VAL A 49 12.42 -4.13 5.85
N ILE A 50 11.90 -3.09 5.18
CA ILE A 50 12.64 -2.31 4.18
C ILE A 50 12.80 -0.88 4.70
N LYS A 51 14.03 -0.48 5.05
CA LYS A 51 14.31 0.88 5.54
C LYS A 51 14.69 1.77 4.35
N ASN A 52 14.66 3.08 4.60
CA ASN A 52 15.07 4.12 3.62
C ASN A 52 16.53 3.92 3.14
N THR A 53 17.35 3.30 3.99
CA THR A 53 18.77 3.05 3.71
C THR A 53 18.95 1.89 2.72
N ASP A 54 18.06 0.88 2.80
CA ASP A 54 18.18 -0.40 2.07
C ASP A 54 17.77 -0.25 0.61
N GLU A 55 18.65 0.41 -0.17
CA GLU A 55 18.47 0.69 -1.60
C GLU A 55 18.08 -0.57 -2.38
N ASN A 56 18.75 -1.69 -2.06
CA ASN A 56 18.50 -3.00 -2.69
C ASN A 56 17.04 -3.46 -2.53
N LEU A 57 16.53 -3.40 -1.28
CA LEU A 57 15.18 -3.87 -0.93
C LEU A 57 14.08 -2.96 -1.51
N ILE A 58 14.36 -1.63 -1.49
CA ILE A 58 13.50 -0.59 -2.10
C ILE A 58 13.32 -0.90 -3.60
N ASN A 59 14.44 -1.17 -4.27
CA ASN A 59 14.49 -1.47 -5.72
C ASN A 59 13.81 -2.78 -6.09
N HIS A 60 13.75 -3.74 -5.14
CA HIS A 60 13.07 -5.04 -5.36
C HIS A 60 11.54 -4.88 -5.44
N SER A 61 11.00 -3.96 -4.62
CA SER A 61 9.56 -3.68 -4.56
C SER A 61 9.30 -2.23 -5.00
N LYS A 62 8.75 -2.06 -6.23
CA LYS A 62 8.46 -0.72 -6.81
C LYS A 62 7.42 0.04 -5.97
N LEU A 63 6.66 -0.71 -5.16
CA LEU A 63 5.76 -0.14 -4.13
C LEU A 63 6.56 0.69 -3.12
N ALA A 64 7.69 0.12 -2.63
CA ALA A 64 8.60 0.79 -1.69
C ALA A 64 9.21 2.04 -2.33
N GLN A 65 9.62 1.92 -3.62
CA GLN A 65 10.14 3.06 -4.40
C GLN A 65 9.14 4.22 -4.44
N GLN A 66 7.86 3.91 -4.75
CA GLN A 66 6.76 4.89 -4.81
C GLN A 66 6.51 5.58 -3.46
N ILE A 67 6.50 4.80 -2.36
CA ILE A 67 6.22 5.31 -1.00
C ILE A 67 7.35 6.26 -0.53
N PHE A 68 8.62 5.86 -0.73
CA PHE A 68 9.79 6.67 -0.38
C PHE A 68 9.92 7.91 -1.29
N LEU A 69 9.59 7.76 -2.58
CA LEU A 69 9.73 8.84 -3.59
C LEU A 69 8.75 9.98 -3.30
N GLN A 70 7.47 9.61 -3.18
CA GLN A 70 6.35 10.55 -3.04
C GLN A 70 6.21 11.06 -1.59
N CYS A 71 6.71 10.28 -0.62
CA CYS A 71 6.63 10.64 0.79
C CYS A 71 8.05 10.57 1.43
N PRO A 72 8.75 11.75 1.54
CA PRO A 72 10.14 11.83 2.08
C PRO A 72 10.24 11.53 3.60
N GLY A 73 9.08 11.60 4.30
CA GLY A 73 9.02 11.39 5.74
C GLY A 73 8.80 9.95 6.14
N VAL A 74 8.97 9.01 5.19
CA VAL A 74 8.91 7.56 5.50
C VAL A 74 10.31 7.11 5.95
N GLU A 75 10.39 6.54 7.16
CA GLU A 75 11.65 6.08 7.76
C GLU A 75 11.93 4.63 7.39
N SER A 76 10.86 3.82 7.39
CA SER A 76 10.94 2.38 7.09
C SER A 76 9.57 1.82 6.69
N LEU A 77 9.57 0.58 6.21
CA LEU A 77 8.38 -0.18 5.82
C LEU A 77 8.48 -1.57 6.45
N MET A 78 7.32 -2.17 6.74
CA MET A 78 7.22 -3.59 7.11
C MET A 78 6.25 -4.23 6.14
N ILE A 79 6.80 -4.96 5.17
CA ILE A 79 6.03 -5.61 4.12
C ILE A 79 5.50 -6.94 4.65
N GLY A 80 4.18 -7.11 4.66
CA GLY A 80 3.57 -8.39 4.99
C GLY A 80 2.94 -9.03 3.76
N ASP A 81 2.35 -10.21 3.97
CA ASP A 81 1.65 -10.97 2.90
C ASP A 81 0.33 -10.28 2.52
N ASP A 82 -0.55 -10.02 3.50
CA ASP A 82 -1.84 -9.32 3.24
C ASP A 82 -1.90 -7.98 3.97
N PHE A 83 -0.85 -7.61 4.72
CA PHE A 83 -0.81 -6.36 5.48
C PHE A 83 0.45 -5.57 5.12
N LEU A 84 0.42 -4.26 5.33
CA LEU A 84 1.57 -3.38 5.09
C LEU A 84 1.57 -2.26 6.13
N THR A 85 2.64 -2.21 6.93
CA THR A 85 2.79 -1.24 8.01
C THR A 85 3.84 -0.18 7.60
N ILE A 86 3.36 1.03 7.31
CA ILE A 86 4.22 2.15 6.88
C ILE A 86 4.66 2.90 8.15
N ASN A 87 5.91 3.37 8.18
CA ASN A 87 6.47 4.13 9.31
C ASN A 87 6.78 5.57 8.87
N LYS A 88 6.13 6.54 9.52
CA LYS A 88 6.33 7.98 9.29
C LYS A 88 7.12 8.61 10.44
N ASP A 89 7.72 9.77 10.13
CA ASP A 89 8.40 10.63 11.09
C ASP A 89 7.36 11.27 12.04
N ARG A 90 7.74 11.46 13.32
CA ARG A 90 6.85 11.99 14.38
C ARG A 90 6.36 13.44 14.10
N MET A 91 7.15 14.20 13.32
CA MET A 91 6.84 15.60 12.95
C MET A 91 5.97 15.66 11.68
N VAL A 92 5.78 14.50 10.99
CA VAL A 92 4.98 14.41 9.75
C VAL A 92 3.60 13.80 10.09
N HIS A 93 2.53 14.40 9.52
CA HIS A 93 1.13 14.07 9.83
C HIS A 93 0.68 12.79 9.08
N TRP A 94 -0.07 11.91 9.77
CA TRP A 94 -0.50 10.60 9.25
C TRP A 94 -1.71 10.68 8.31
N ASN A 95 -2.80 11.32 8.79
CA ASN A 95 -4.11 11.40 8.08
C ASN A 95 -3.99 12.10 6.70
N SER A 96 -2.91 12.85 6.52
CA SER A 96 -2.62 13.61 5.32
C SER A 96 -2.17 12.67 4.17
N ILE A 97 -1.34 11.68 4.55
CA ILE A 97 -0.61 10.82 3.59
C ILE A 97 -1.37 9.49 3.29
N LYS A 98 -2.38 9.16 4.13
CA LYS A 98 -3.19 7.92 3.95
C LYS A 98 -3.72 7.73 2.50
N PRO A 99 -4.36 8.78 1.83
CA PRO A 99 -4.82 8.65 0.41
C PRO A 99 -3.69 8.24 -0.57
N GLU A 100 -2.48 8.81 -0.35
CA GLU A 100 -1.30 8.56 -1.19
C GLU A 100 -0.90 7.09 -1.12
N ILE A 101 -0.75 6.61 0.13
CA ILE A 101 -0.33 5.23 0.43
C ILE A 101 -1.33 4.22 -0.16
N ILE A 102 -2.62 4.37 0.21
CA ILE A 102 -3.71 3.47 -0.22
C ILE A 102 -3.77 3.37 -1.78
N ASP A 103 -3.54 4.52 -2.45
CA ASP A 103 -3.53 4.62 -3.93
C ASP A 103 -2.36 3.81 -4.53
N LEU A 104 -1.15 3.93 -3.93
CA LEU A 104 0.06 3.19 -4.35
C LEU A 104 -0.12 1.67 -4.17
N LEU A 105 -0.78 1.29 -3.06
CA LEU A 105 -1.16 -0.12 -2.78
C LEU A 105 -2.15 -0.63 -3.83
N THR A 106 -3.03 0.27 -4.32
CA THR A 106 -4.01 -0.04 -5.35
C THR A 106 -3.32 -0.21 -6.72
N LYS A 107 -2.20 0.54 -6.95
CA LYS A 107 -1.40 0.42 -8.19
C LYS A 107 -0.79 -0.99 -8.31
N GLN A 108 -0.05 -1.40 -7.25
CA GLN A 108 0.64 -2.71 -7.20
C GLN A 108 -0.35 -3.88 -7.37
N LEU A 109 -1.48 -3.78 -6.66
CA LEU A 109 -2.52 -4.81 -6.65
C LEU A 109 -3.36 -4.77 -7.94
N ALA A 110 -3.30 -3.65 -8.69
CA ALA A 110 -3.93 -3.53 -10.03
C ALA A 110 -3.10 -4.28 -11.07
N TYR A 111 -1.78 -4.37 -10.84
CA TYR A 111 -0.89 -5.27 -11.61
C TYR A 111 -1.16 -6.74 -11.22
N GLY A 112 -1.63 -6.94 -9.97
CA GLY A 112 -1.80 -8.27 -9.38
C GLY A 112 -0.45 -8.88 -9.02
N GLU A 113 0.51 -7.99 -8.68
CA GLU A 113 1.92 -8.32 -8.48
C GLU A 113 2.21 -8.63 -7.00
N ASP A 114 3.05 -9.66 -6.76
CA ASP A 114 3.60 -9.92 -5.43
C ASP A 114 4.73 -8.92 -5.15
N VAL A 115 4.54 -8.10 -4.08
CA VAL A 115 5.43 -7.02 -3.67
C VAL A 115 6.92 -7.45 -3.59
N ILE A 116 7.15 -8.58 -2.91
CA ILE A 116 8.45 -9.27 -2.82
C ILE A 116 8.17 -10.72 -2.39
N SER A 117 9.13 -11.62 -2.58
CA SER A 117 9.13 -12.93 -1.93
C SER A 117 10.16 -12.88 -0.80
N LYS A 118 11.44 -13.19 -1.10
CA LYS A 118 12.50 -13.29 -0.08
C LYS A 118 13.67 -12.34 -0.40
N GLU A 119 13.96 -12.13 -1.69
CA GLU A 119 15.07 -11.27 -2.12
C GLU A 119 14.56 -9.82 -2.27
N MET A 1 -22.92 -2.16 -47.96
CA MET A 1 -22.48 -2.37 -46.56
C MET A 1 -21.04 -1.84 -46.39
N GLY A 2 -20.91 -0.52 -46.13
CA GLY A 2 -19.62 0.13 -45.90
C GLY A 2 -19.51 0.69 -44.50
N HIS A 3 -20.28 0.12 -43.56
CA HIS A 3 -20.21 0.47 -42.13
C HIS A 3 -18.95 -0.17 -41.54
N HIS A 4 -17.82 0.53 -41.64
CA HIS A 4 -16.54 0.06 -41.12
C HIS A 4 -16.56 0.17 -39.59
N HIS A 5 -16.66 -0.99 -38.93
CA HIS A 5 -16.81 -1.11 -37.48
C HIS A 5 -15.46 -0.86 -36.77
N HIS A 6 -15.45 0.10 -35.84
CA HIS A 6 -14.27 0.44 -35.04
C HIS A 6 -14.70 0.77 -33.59
N HIS A 7 -15.16 -0.27 -32.88
CA HIS A 7 -15.67 -0.16 -31.50
C HIS A 7 -14.72 -0.85 -30.52
N HIS A 8 -13.93 -0.04 -29.80
CA HIS A 8 -12.98 -0.51 -28.78
C HIS A 8 -12.64 0.64 -27.79
N SER A 9 -13.67 1.37 -27.36
CA SER A 9 -13.53 2.43 -26.34
C SER A 9 -14.36 2.06 -25.11
N HIS A 10 -13.69 1.49 -24.10
CA HIS A 10 -14.29 1.11 -22.80
C HIS A 10 -13.17 0.80 -21.80
N MET A 11 -13.35 1.23 -20.54
CA MET A 11 -12.43 0.91 -19.44
C MET A 11 -13.26 0.49 -18.21
N ASN A 12 -13.43 -0.84 -18.07
CA ASN A 12 -14.23 -1.44 -16.97
C ASN A 12 -13.47 -1.37 -15.64
N SER A 13 -12.14 -1.20 -15.73
CA SER A 13 -11.22 -1.17 -14.56
C SER A 13 -11.22 0.22 -13.85
N GLN A 14 -12.38 0.91 -13.81
CA GLN A 14 -12.53 2.21 -13.12
C GLN A 14 -13.04 2.04 -11.68
N ARG A 15 -12.74 0.87 -11.07
CA ARG A 15 -13.01 0.60 -9.65
C ARG A 15 -11.88 1.19 -8.78
N LEU A 16 -12.05 1.13 -7.45
CA LEU A 16 -11.00 1.49 -6.49
C LEU A 16 -10.91 0.37 -5.44
N ILE A 17 -9.69 -0.14 -5.22
CA ILE A 17 -9.44 -1.26 -4.30
C ILE A 17 -9.45 -0.76 -2.86
N HIS A 18 -10.41 -1.28 -2.06
CA HIS A 18 -10.58 -0.92 -0.67
C HIS A 18 -9.45 -1.54 0.17
N ILE A 19 -8.71 -0.69 0.88
CA ILE A 19 -7.62 -1.08 1.78
C ILE A 19 -8.07 -0.67 3.18
N LYS A 20 -8.15 -1.62 4.12
CA LYS A 20 -8.72 -1.36 5.44
C LYS A 20 -7.58 -0.93 6.37
N THR A 21 -7.71 0.27 6.91
CA THR A 21 -6.70 0.89 7.75
C THR A 21 -7.02 0.57 9.23
N LEU A 22 -6.15 -0.23 9.85
CA LEU A 22 -6.29 -0.64 11.25
C LEU A 22 -5.28 0.13 12.12
N THR A 23 -5.74 0.57 13.30
CA THR A 23 -4.92 1.31 14.27
C THR A 23 -3.93 0.35 14.98
N THR A 24 -2.72 0.84 15.25
CA THR A 24 -1.60 0.06 15.81
C THR A 24 -1.27 0.58 17.24
N PRO A 25 -0.44 -0.15 18.06
CA PRO A 25 0.03 0.35 19.39
C PRO A 25 0.98 1.56 19.29
N ASN A 26 1.46 1.88 18.07
CA ASN A 26 2.42 2.99 17.83
C ASN A 26 1.84 3.95 16.77
N GLU A 27 1.93 5.27 17.04
CA GLU A 27 1.54 6.32 16.06
C GLU A 27 2.58 6.43 14.93
N ASN A 28 3.83 6.02 15.23
CA ASN A 28 4.95 5.97 14.28
C ASN A 28 4.69 4.94 13.17
N ALA A 29 3.80 3.97 13.44
CA ALA A 29 3.42 2.89 12.53
C ALA A 29 1.91 2.92 12.28
N LEU A 30 1.44 2.24 11.20
CA LEU A 30 0.00 2.07 10.93
C LEU A 30 -0.20 0.91 9.95
N LYS A 31 -1.13 0.02 10.31
CA LYS A 31 -1.40 -1.23 9.58
C LYS A 31 -2.39 -0.98 8.43
N PHE A 32 -1.94 -1.21 7.19
CA PHE A 32 -2.76 -1.17 5.98
C PHE A 32 -2.96 -2.60 5.49
N LEU A 33 -4.18 -3.08 5.60
CA LEU A 33 -4.51 -4.50 5.38
C LEU A 33 -5.16 -4.64 4.00
N SER A 34 -4.58 -5.51 3.14
CA SER A 34 -5.10 -5.78 1.80
C SER A 34 -6.26 -6.77 1.94
N THR A 35 -7.48 -6.28 1.77
CA THR A 35 -8.72 -7.05 1.96
C THR A 35 -9.40 -7.30 0.61
N ASP A 36 -9.74 -6.20 -0.08
CA ASP A 36 -10.54 -6.20 -1.30
C ASP A 36 -9.76 -6.81 -2.48
N GLY A 37 -10.21 -8.00 -2.92
CA GLY A 37 -9.68 -8.69 -4.09
C GLY A 37 -8.34 -9.36 -3.83
N GLU A 38 -7.25 -8.58 -3.97
CA GLU A 38 -5.87 -9.09 -3.95
C GLU A 38 -5.23 -8.98 -2.56
N MET A 39 -4.13 -9.71 -2.42
CA MET A 39 -3.31 -9.84 -1.19
C MET A 39 -1.86 -9.47 -1.55
N LEU A 40 -1.10 -8.87 -0.61
CA LEU A 40 0.23 -8.26 -0.91
C LEU A 40 1.30 -9.31 -1.28
N GLN A 41 1.45 -10.33 -0.43
CA GLN A 41 2.53 -11.32 -0.55
C GLN A 41 1.98 -12.72 -0.19
N THR A 42 2.74 -13.78 -0.57
CA THR A 42 2.43 -15.16 -0.21
C THR A 42 2.66 -15.39 1.31
N ARG A 43 1.72 -16.07 1.99
CA ARG A 43 1.87 -16.47 3.41
C ARG A 43 2.91 -17.60 3.54
N GLY A 44 3.53 -17.70 4.72
CA GLY A 44 4.66 -18.62 4.95
C GLY A 44 5.96 -17.89 4.67
N SER A 45 6.07 -16.68 5.21
CA SER A 45 7.17 -15.74 4.92
C SER A 45 7.45 -14.87 6.16
N LYS A 46 8.52 -14.07 6.08
CA LYS A 46 8.93 -13.14 7.16
C LYS A 46 8.43 -11.72 6.83
N SER A 47 8.40 -10.85 7.86
CA SER A 47 8.03 -9.44 7.73
C SER A 47 9.25 -8.62 7.26
N ILE A 48 9.30 -8.32 5.95
CA ILE A 48 10.47 -7.67 5.31
C ILE A 48 10.47 -6.16 5.63
N VAL A 49 11.40 -5.72 6.50
CA VAL A 49 11.53 -4.32 6.88
C VAL A 49 12.45 -3.62 5.87
N ILE A 50 11.83 -2.83 4.98
CA ILE A 50 12.53 -2.11 3.91
C ILE A 50 12.84 -0.70 4.41
N LYS A 51 14.11 -0.43 4.66
CA LYS A 51 14.58 0.85 5.23
C LYS A 51 14.83 1.85 4.09
N ASN A 52 14.50 3.14 4.33
CA ASN A 52 14.67 4.22 3.32
C ASN A 52 16.16 4.51 3.04
N THR A 53 17.01 4.14 4.01
CA THR A 53 18.48 4.30 3.92
C THR A 53 19.17 3.08 3.24
N ASP A 54 18.37 2.03 2.92
CA ASP A 54 18.90 0.77 2.35
C ASP A 54 18.52 0.65 0.86
N GLU A 55 19.51 0.90 -0.02
CA GLU A 55 19.39 0.78 -1.50
C GLU A 55 18.67 -0.51 -1.96
N ASN A 56 19.28 -1.69 -1.63
CA ASN A 56 18.90 -2.98 -2.24
C ASN A 56 17.49 -3.47 -1.80
N LEU A 57 17.10 -3.12 -0.55
CA LEU A 57 15.75 -3.44 -0.04
C LEU A 57 14.64 -2.71 -0.84
N ILE A 58 14.93 -1.46 -1.28
CA ILE A 58 13.96 -0.64 -2.04
C ILE A 58 14.01 -1.00 -3.56
N ASN A 59 15.23 -1.26 -4.05
CA ASN A 59 15.52 -1.58 -5.47
C ASN A 59 14.71 -2.80 -5.97
N HIS A 60 14.58 -3.80 -5.09
CA HIS A 60 13.90 -5.08 -5.42
C HIS A 60 12.37 -4.97 -5.19
N SER A 61 11.90 -3.82 -4.71
CA SER A 61 10.49 -3.63 -4.30
C SER A 61 9.88 -2.40 -4.98
N LYS A 62 9.08 -2.64 -6.05
CA LYS A 62 8.43 -1.60 -6.87
C LYS A 62 7.53 -0.66 -6.04
N LEU A 63 6.69 -1.27 -5.18
CA LEU A 63 5.74 -0.54 -4.32
C LEU A 63 6.48 0.36 -3.30
N ALA A 64 7.63 -0.13 -2.79
CA ALA A 64 8.45 0.63 -1.82
C ALA A 64 9.05 1.89 -2.47
N GLN A 65 9.51 1.73 -3.73
CA GLN A 65 10.03 2.85 -4.54
C GLN A 65 8.96 3.95 -4.70
N GLN A 66 7.71 3.52 -4.98
CA GLN A 66 6.54 4.42 -5.05
C GLN A 66 6.30 5.19 -3.74
N ILE A 67 6.25 4.45 -2.61
CA ILE A 67 5.89 5.02 -1.28
C ILE A 67 6.95 6.02 -0.79
N PHE A 68 8.24 5.67 -0.92
CA PHE A 68 9.36 6.54 -0.49
C PHE A 68 9.52 7.77 -1.41
N LEU A 69 9.33 7.60 -2.73
CA LEU A 69 9.50 8.69 -3.73
C LEU A 69 8.40 9.75 -3.58
N GLN A 70 7.14 9.29 -3.46
CA GLN A 70 5.96 10.18 -3.33
C GLN A 70 5.79 10.68 -1.89
N CYS A 71 6.22 9.88 -0.90
CA CYS A 71 6.09 10.22 0.53
C CYS A 71 7.45 9.95 1.24
N PRO A 72 8.38 10.95 1.27
CA PRO A 72 9.72 10.80 1.89
C PRO A 72 9.66 10.88 3.43
N GLY A 73 8.44 11.13 3.98
CA GLY A 73 8.21 11.16 5.43
C GLY A 73 8.07 9.77 6.04
N VAL A 74 8.24 8.72 5.21
CA VAL A 74 8.24 7.31 5.64
C VAL A 74 9.69 6.85 5.94
N GLU A 75 9.87 6.17 7.09
CA GLU A 75 11.17 5.65 7.56
C GLU A 75 11.45 4.27 6.96
N SER A 76 10.47 3.38 7.08
CA SER A 76 10.60 1.98 6.66
C SER A 76 9.21 1.35 6.44
N LEU A 77 9.21 0.21 5.73
CA LEU A 77 7.97 -0.54 5.43
C LEU A 77 8.11 -1.95 5.99
N MET A 78 7.17 -2.40 6.80
CA MET A 78 7.13 -3.77 7.30
C MET A 78 6.16 -4.54 6.42
N ILE A 79 6.71 -5.30 5.46
CA ILE A 79 5.93 -5.98 4.43
C ILE A 79 5.47 -7.33 4.96
N GLY A 80 4.16 -7.43 5.19
CA GLY A 80 3.54 -8.68 5.56
C GLY A 80 2.86 -9.30 4.35
N ASP A 81 2.35 -10.53 4.53
CA ASP A 81 1.59 -11.23 3.50
C ASP A 81 0.18 -10.63 3.38
N ASP A 82 -0.45 -10.38 4.55
CA ASP A 82 -1.80 -9.80 4.64
C ASP A 82 -1.76 -8.26 4.63
N PHE A 83 -0.79 -7.70 5.37
CA PHE A 83 -0.79 -6.26 5.74
C PHE A 83 0.55 -5.58 5.45
N LEU A 84 0.57 -4.26 5.59
CA LEU A 84 1.73 -3.41 5.39
C LEU A 84 1.73 -2.34 6.48
N THR A 85 2.70 -2.45 7.39
CA THR A 85 2.84 -1.55 8.54
C THR A 85 3.84 -0.44 8.17
N ILE A 86 3.31 0.77 7.96
CA ILE A 86 4.09 1.92 7.47
C ILE A 86 4.75 2.63 8.65
N ASN A 87 6.05 2.41 8.83
CA ASN A 87 6.85 3.08 9.84
C ASN A 87 7.30 4.43 9.24
N LYS A 88 7.07 5.54 9.96
CA LYS A 88 7.27 6.91 9.44
C LYS A 88 7.68 7.89 10.56
N ASP A 89 8.12 9.08 10.12
CA ASP A 89 8.54 10.19 10.97
C ASP A 89 7.31 10.82 11.68
N ARG A 90 7.32 10.86 13.01
CA ARG A 90 6.14 11.22 13.83
C ARG A 90 5.80 12.73 13.74
N MET A 91 6.71 13.55 13.19
CA MET A 91 6.46 14.99 12.95
C MET A 91 5.58 15.17 11.71
N VAL A 92 5.72 14.24 10.74
CA VAL A 92 4.89 14.21 9.52
C VAL A 92 3.58 13.47 9.86
N HIS A 93 2.46 13.89 9.26
CA HIS A 93 1.10 13.41 9.62
C HIS A 93 0.58 12.38 8.62
N TRP A 94 -0.40 11.56 9.07
CA TRP A 94 -1.05 10.51 8.26
C TRP A 94 -2.06 11.10 7.26
N ASN A 95 -2.58 12.29 7.57
CA ASN A 95 -3.53 13.01 6.70
C ASN A 95 -2.90 13.32 5.32
N SER A 96 -1.57 13.44 5.29
CA SER A 96 -0.79 13.70 4.07
C SER A 96 -0.30 12.40 3.38
N ILE A 97 0.06 11.37 4.17
CA ILE A 97 0.74 10.15 3.63
C ILE A 97 -0.28 9.04 3.29
N LYS A 98 -1.26 8.80 4.21
CA LYS A 98 -2.26 7.70 4.11
C LYS A 98 -3.08 7.70 2.77
N PRO A 99 -3.63 8.86 2.24
CA PRO A 99 -4.32 8.87 0.91
C PRO A 99 -3.42 8.32 -0.23
N GLU A 100 -2.13 8.69 -0.17
CA GLU A 100 -1.12 8.27 -1.16
C GLU A 100 -0.85 6.76 -1.05
N ILE A 101 -0.79 6.25 0.21
CA ILE A 101 -0.54 4.82 0.49
C ILE A 101 -1.68 3.95 -0.08
N ILE A 102 -2.94 4.31 0.25
CA ILE A 102 -4.14 3.57 -0.19
C ILE A 102 -4.25 3.57 -1.74
N ASP A 103 -3.88 4.71 -2.35
CA ASP A 103 -3.89 4.89 -3.82
C ASP A 103 -2.84 3.98 -4.50
N LEU A 104 -1.60 3.98 -3.96
CA LEU A 104 -0.47 3.18 -4.50
C LEU A 104 -0.68 1.67 -4.29
N LEU A 105 -1.32 1.30 -3.16
CA LEU A 105 -1.70 -0.10 -2.86
C LEU A 105 -2.83 -0.56 -3.80
N THR A 106 -3.61 0.40 -4.34
CA THR A 106 -4.64 0.12 -5.35
C THR A 106 -3.98 -0.05 -6.74
N LYS A 107 -3.03 0.86 -7.08
CA LYS A 107 -2.31 0.87 -8.37
C LYS A 107 -1.58 -0.48 -8.59
N GLN A 108 -0.84 -0.89 -7.55
CA GLN A 108 -0.14 -2.19 -7.49
C GLN A 108 -1.07 -3.36 -7.83
N LEU A 109 -2.14 -3.51 -7.01
CA LEU A 109 -3.03 -4.69 -7.06
C LEU A 109 -3.98 -4.65 -8.28
N ALA A 110 -4.18 -3.44 -8.87
CA ALA A 110 -5.07 -3.24 -10.06
C ALA A 110 -4.35 -3.64 -11.34
N TYR A 111 -3.10 -3.16 -11.49
CA TYR A 111 -2.24 -3.48 -12.65
C TYR A 111 -1.59 -4.88 -12.48
N GLY A 112 -1.62 -5.41 -11.24
CA GLY A 112 -1.08 -6.74 -10.94
C GLY A 112 0.42 -6.71 -10.66
N GLU A 113 0.93 -5.51 -10.34
CA GLU A 113 2.36 -5.27 -10.04
C GLU A 113 2.76 -5.90 -8.69
N ASP A 114 4.06 -5.96 -8.45
CA ASP A 114 4.67 -6.63 -7.27
C ASP A 114 5.00 -5.59 -6.18
N VAL A 115 4.73 -5.96 -4.92
CA VAL A 115 5.26 -5.23 -3.75
C VAL A 115 6.78 -5.38 -3.71
N ILE A 116 7.22 -6.65 -3.82
CA ILE A 116 8.62 -7.09 -3.86
C ILE A 116 8.69 -8.21 -4.91
N SER A 117 7.92 -9.27 -4.62
CA SER A 117 7.67 -10.38 -5.53
C SER A 117 6.35 -11.05 -5.10
N LYS A 118 5.49 -11.36 -6.09
CA LYS A 118 4.20 -12.07 -5.89
C LYS A 118 4.42 -13.61 -5.94
N GLU A 119 5.53 -14.03 -5.32
CA GLU A 119 6.05 -15.41 -5.36
C GLU A 119 6.73 -15.67 -4.01
N MET A 1 -44.72 18.57 -10.45
CA MET A 1 -45.54 17.74 -11.36
C MET A 1 -44.83 17.62 -12.71
N GLY A 2 -44.28 16.43 -13.01
CA GLY A 2 -43.51 16.21 -14.24
C GLY A 2 -42.15 16.91 -14.18
N HIS A 3 -41.68 17.41 -15.35
CA HIS A 3 -40.45 18.23 -15.48
C HIS A 3 -39.16 17.44 -15.11
N HIS A 4 -39.29 16.12 -14.83
CA HIS A 4 -38.19 15.30 -14.33
C HIS A 4 -37.24 14.92 -15.47
N HIS A 5 -36.02 15.46 -15.42
CA HIS A 5 -34.95 15.13 -16.34
C HIS A 5 -33.70 14.71 -15.55
N HIS A 6 -33.03 15.72 -14.93
CA HIS A 6 -31.69 15.54 -14.32
C HIS A 6 -30.74 14.87 -15.32
N HIS A 7 -30.80 15.36 -16.57
CA HIS A 7 -30.15 14.76 -17.73
C HIS A 7 -28.63 14.79 -17.58
N HIS A 8 -28.07 13.67 -17.08
CA HIS A 8 -26.63 13.50 -16.85
C HIS A 8 -26.20 12.10 -17.29
N SER A 9 -25.24 12.07 -18.22
CA SER A 9 -24.67 10.84 -18.75
C SER A 9 -23.15 10.85 -18.47
N HIS A 10 -22.79 10.39 -17.24
CA HIS A 10 -21.40 10.37 -16.75
C HIS A 10 -21.25 9.35 -15.63
N MET A 11 -20.25 8.47 -15.74
CA MET A 11 -19.86 7.54 -14.68
C MET A 11 -18.42 7.06 -14.88
N ASN A 12 -17.61 7.15 -13.83
CA ASN A 12 -16.26 6.58 -13.79
C ASN A 12 -16.16 5.63 -12.60
N SER A 13 -16.56 4.38 -12.84
CA SER A 13 -16.60 3.33 -11.80
C SER A 13 -16.03 2.03 -12.39
N GLN A 14 -14.69 2.00 -12.50
CA GLN A 14 -13.94 0.90 -13.13
C GLN A 14 -13.18 0.10 -12.08
N ARG A 15 -12.38 0.82 -11.27
CA ARG A 15 -11.48 0.21 -10.28
C ARG A 15 -11.60 0.94 -8.94
N LEU A 16 -11.88 0.18 -7.88
CA LEU A 16 -11.83 0.65 -6.50
C LEU A 16 -11.43 -0.52 -5.59
N ILE A 17 -10.29 -0.39 -4.90
CA ILE A 17 -9.78 -1.44 -4.01
C ILE A 17 -9.78 -0.92 -2.57
N HIS A 18 -10.71 -1.47 -1.79
CA HIS A 18 -10.89 -1.17 -0.38
C HIS A 18 -9.66 -1.61 0.43
N ILE A 19 -9.01 -0.63 1.06
CA ILE A 19 -7.82 -0.83 1.88
C ILE A 19 -8.17 -0.29 3.27
N LYS A 20 -8.23 -1.18 4.26
CA LYS A 20 -8.64 -0.84 5.63
C LYS A 20 -7.38 -0.84 6.49
N THR A 21 -7.06 0.29 7.09
CA THR A 21 -5.79 0.47 7.78
C THR A 21 -6.05 0.53 9.31
N LEU A 22 -5.58 -0.52 10.00
CA LEU A 22 -5.81 -0.72 11.44
C LEU A 22 -4.70 -0.09 12.27
N THR A 23 -5.08 0.37 13.46
CA THR A 23 -4.18 0.94 14.45
C THR A 23 -3.51 -0.18 15.26
N THR A 24 -2.25 0.04 15.64
CA THR A 24 -1.43 -0.91 16.42
C THR A 24 -1.12 -0.28 17.80
N PRO A 25 -0.43 -0.99 18.76
CA PRO A 25 0.16 -0.33 19.96
C PRO A 25 1.02 0.94 19.62
N ASN A 26 1.64 0.93 18.43
CA ASN A 26 2.39 2.08 17.91
C ASN A 26 1.41 3.03 17.17
N GLU A 27 1.67 4.33 17.24
CA GLU A 27 0.87 5.38 16.55
C GLU A 27 1.42 5.63 15.12
N ASN A 28 2.75 5.56 15.00
CA ASN A 28 3.50 5.93 13.78
C ASN A 28 3.69 4.74 12.84
N ALA A 29 3.52 3.52 13.37
CA ALA A 29 3.44 2.30 12.55
C ALA A 29 1.98 1.92 12.37
N LEU A 30 1.45 2.08 11.14
CA LEU A 30 0.04 1.86 10.83
C LEU A 30 -0.08 0.66 9.86
N LYS A 31 -0.91 -0.33 10.23
CA LYS A 31 -1.01 -1.62 9.54
C LYS A 31 -2.11 -1.58 8.46
N PHE A 32 -1.71 -1.60 7.18
CA PHE A 32 -2.64 -1.51 6.03
C PHE A 32 -3.06 -2.92 5.58
N LEU A 33 -4.37 -3.17 5.48
CA LEU A 33 -4.92 -4.48 5.09
C LEU A 33 -5.72 -4.33 3.79
N SER A 34 -5.55 -5.29 2.87
CA SER A 34 -6.38 -5.41 1.67
C SER A 34 -7.59 -6.30 1.99
N THR A 35 -8.81 -5.75 1.82
CA THR A 35 -10.05 -6.45 2.18
C THR A 35 -10.75 -7.08 0.95
N ASP A 36 -10.14 -6.94 -0.24
CA ASP A 36 -10.69 -7.49 -1.50
C ASP A 36 -9.95 -8.76 -1.94
N GLY A 37 -9.47 -9.56 -0.97
CA GLY A 37 -8.90 -10.88 -1.25
C GLY A 37 -7.40 -10.84 -1.55
N GLU A 38 -6.98 -9.90 -2.41
CA GLU A 38 -5.57 -9.77 -2.86
C GLU A 38 -4.58 -9.55 -1.69
N MET A 39 -4.05 -10.67 -1.20
CA MET A 39 -2.99 -10.71 -0.17
C MET A 39 -1.63 -10.42 -0.86
N LEU A 40 -0.78 -9.60 -0.20
CA LEU A 40 0.50 -9.11 -0.77
C LEU A 40 1.48 -10.26 -1.05
N GLN A 41 1.76 -11.03 0.01
CA GLN A 41 2.56 -12.27 -0.06
C GLN A 41 1.77 -13.38 0.66
N THR A 42 1.68 -14.56 0.02
CA THR A 42 0.86 -15.67 0.52
C THR A 42 1.27 -16.11 1.95
N ARG A 43 0.25 -16.37 2.80
CA ARG A 43 0.43 -16.55 4.24
C ARG A 43 1.39 -17.72 4.56
N GLY A 44 2.47 -17.38 5.26
CA GLY A 44 3.62 -18.26 5.46
C GLY A 44 4.93 -17.50 5.27
N SER A 45 4.80 -16.24 4.82
CA SER A 45 5.92 -15.30 4.60
C SER A 45 6.44 -14.73 5.94
N LYS A 46 7.53 -13.95 5.84
CA LYS A 46 8.17 -13.25 6.98
C LYS A 46 7.98 -11.73 6.79
N SER A 47 8.07 -10.95 7.90
CA SER A 47 7.92 -9.49 7.86
C SER A 47 9.21 -8.84 7.31
N ILE A 48 9.22 -8.59 5.99
CA ILE A 48 10.38 -8.03 5.28
C ILE A 48 10.52 -6.52 5.58
N VAL A 49 11.50 -6.17 6.43
CA VAL A 49 11.74 -4.78 6.86
C VAL A 49 12.56 -4.06 5.77
N ILE A 50 11.92 -3.12 5.06
CA ILE A 50 12.59 -2.29 4.05
C ILE A 50 12.74 -0.89 4.65
N LYS A 51 13.94 -0.46 5.01
CA LYS A 51 14.16 0.92 5.51
C LYS A 51 14.60 1.80 4.34
N ASN A 52 14.57 3.13 4.52
CA ASN A 52 15.08 4.08 3.50
C ASN A 52 16.63 4.03 3.40
N THR A 53 17.27 3.31 4.35
CA THR A 53 18.71 3.02 4.31
C THR A 53 19.00 1.77 3.46
N ASP A 54 17.99 0.88 3.36
CA ASP A 54 18.08 -0.35 2.54
C ASP A 54 17.67 -0.03 1.10
N GLU A 55 18.54 0.73 0.40
CA GLU A 55 18.35 1.09 -1.01
C GLU A 55 18.17 -0.16 -1.89
N ASN A 56 18.94 -1.22 -1.55
CA ASN A 56 18.89 -2.54 -2.22
C ASN A 56 17.45 -3.10 -2.26
N LEU A 57 16.73 -3.00 -1.12
CA LEU A 57 15.35 -3.49 -1.00
C LEU A 57 14.35 -2.59 -1.75
N ILE A 58 14.66 -1.29 -1.82
CA ILE A 58 13.83 -0.29 -2.51
C ILE A 58 13.87 -0.51 -4.04
N ASN A 59 15.08 -0.76 -4.59
CA ASN A 59 15.29 -1.00 -6.04
C ASN A 59 14.38 -2.12 -6.61
N HIS A 60 14.19 -3.20 -5.82
CA HIS A 60 13.38 -4.37 -6.26
C HIS A 60 11.96 -4.33 -5.69
N SER A 61 11.44 -3.11 -5.45
CA SER A 61 10.05 -2.89 -5.03
C SER A 61 9.61 -1.51 -5.52
N LYS A 62 8.85 -1.49 -6.64
CA LYS A 62 8.28 -0.25 -7.23
C LYS A 62 7.41 0.46 -6.20
N LEU A 63 6.66 -0.33 -5.41
CA LEU A 63 5.78 0.16 -4.36
C LEU A 63 6.60 0.96 -3.31
N ALA A 64 7.76 0.40 -2.89
CA ALA A 64 8.67 1.05 -1.93
C ALA A 64 9.23 2.36 -2.50
N GLN A 65 9.64 2.32 -3.78
CA GLN A 65 10.20 3.49 -4.50
C GLN A 65 9.21 4.66 -4.47
N GLN A 66 7.96 4.37 -4.85
CA GLN A 66 6.88 5.35 -4.94
C GLN A 66 6.48 5.91 -3.55
N ILE A 67 6.46 5.04 -2.51
CA ILE A 67 6.12 5.47 -1.13
C ILE A 67 7.17 6.46 -0.58
N PHE A 68 8.47 6.08 -0.68
CA PHE A 68 9.58 6.94 -0.20
C PHE A 68 9.73 8.22 -1.05
N LEU A 69 9.38 8.13 -2.35
CA LEU A 69 9.47 9.28 -3.29
C LEU A 69 8.40 10.34 -2.95
N GLN A 70 7.14 9.88 -2.89
CA GLN A 70 5.97 10.75 -2.62
C GLN A 70 5.95 11.21 -1.15
N CYS A 71 6.50 10.38 -0.25
CA CYS A 71 6.50 10.65 1.19
C CYS A 71 7.91 10.42 1.76
N PRO A 72 8.75 11.50 1.86
CA PRO A 72 10.13 11.41 2.43
C PRO A 72 10.13 11.28 3.98
N GLY A 73 8.96 11.49 4.62
CA GLY A 73 8.82 11.39 6.07
C GLY A 73 8.65 9.96 6.57
N VAL A 74 8.58 9.00 5.63
CA VAL A 74 8.52 7.57 5.94
C VAL A 74 9.91 7.06 6.33
N GLU A 75 10.01 6.50 7.56
CA GLU A 75 11.26 5.94 8.12
C GLU A 75 11.57 4.60 7.44
N SER A 76 10.53 3.75 7.39
CA SER A 76 10.67 2.35 6.99
C SER A 76 9.29 1.75 6.61
N LEU A 77 9.32 0.73 5.77
CA LEU A 77 8.18 -0.13 5.45
C LEU A 77 8.40 -1.50 6.08
N MET A 78 7.32 -2.25 6.29
CA MET A 78 7.39 -3.65 6.69
C MET A 78 6.36 -4.44 5.88
N ILE A 79 6.85 -5.33 5.02
CA ILE A 79 6.03 -6.12 4.09
C ILE A 79 5.61 -7.40 4.82
N GLY A 80 4.30 -7.57 4.99
CA GLY A 80 3.77 -8.76 5.64
C GLY A 80 3.08 -9.68 4.66
N ASP A 81 2.29 -10.60 5.19
CA ASP A 81 1.45 -11.50 4.39
C ASP A 81 0.28 -10.68 3.83
N ASP A 82 -0.66 -10.39 4.74
CA ASP A 82 -1.92 -9.68 4.45
C ASP A 82 -1.73 -8.17 4.57
N PHE A 83 -0.67 -7.75 5.26
CA PHE A 83 -0.52 -6.38 5.74
C PHE A 83 0.73 -5.69 5.19
N LEU A 84 0.70 -4.36 5.25
CA LEU A 84 1.83 -3.48 4.96
C LEU A 84 1.88 -2.40 6.06
N THR A 85 2.88 -2.49 6.92
CA THR A 85 3.02 -1.57 8.06
C THR A 85 3.98 -0.42 7.68
N ILE A 86 3.41 0.77 7.50
CA ILE A 86 4.18 1.97 7.16
C ILE A 86 4.61 2.68 8.45
N ASN A 87 5.91 2.96 8.55
CA ASN A 87 6.52 3.66 9.69
C ASN A 87 6.92 5.06 9.22
N LYS A 88 6.49 6.10 9.96
CA LYS A 88 6.82 7.52 9.67
C LYS A 88 7.14 8.28 10.97
N ASP A 89 7.64 9.51 10.86
CA ASP A 89 7.85 10.40 12.02
C ASP A 89 6.54 11.15 12.33
N ARG A 90 6.16 11.20 13.63
CA ARG A 90 4.88 11.78 14.12
C ARG A 90 4.64 13.23 13.64
N MET A 91 5.72 14.01 13.48
CA MET A 91 5.62 15.44 13.08
C MET A 91 5.09 15.58 11.64
N VAL A 92 5.32 14.55 10.81
CA VAL A 92 4.76 14.47 9.46
C VAL A 92 3.39 13.76 9.54
N HIS A 93 2.39 14.27 8.83
CA HIS A 93 1.00 13.79 8.93
C HIS A 93 0.72 12.69 7.90
N TRP A 94 -0.21 11.78 8.25
CA TRP A 94 -0.77 10.79 7.30
C TRP A 94 -1.65 11.49 6.25
N ASN A 95 -2.03 12.76 6.53
CA ASN A 95 -2.82 13.60 5.61
C ASN A 95 -2.11 13.77 4.24
N SER A 96 -0.76 13.75 4.25
CA SER A 96 0.07 13.85 3.03
C SER A 96 0.63 12.48 2.61
N ILE A 97 0.63 11.48 3.53
CA ILE A 97 1.31 10.19 3.31
C ILE A 97 0.29 9.08 2.91
N LYS A 98 -0.70 8.86 3.78
CA LYS A 98 -1.65 7.73 3.71
C LYS A 98 -2.52 7.69 2.39
N PRO A 99 -3.15 8.83 1.89
CA PRO A 99 -3.94 8.79 0.63
C PRO A 99 -3.08 8.38 -0.58
N GLU A 100 -1.81 8.81 -0.56
CA GLU A 100 -0.85 8.50 -1.61
C GLU A 100 -0.54 6.99 -1.63
N ILE A 101 -0.30 6.44 -0.42
CA ILE A 101 0.05 5.02 -0.23
C ILE A 101 -1.13 4.09 -0.58
N ILE A 102 -2.34 4.41 -0.09
CA ILE A 102 -3.56 3.63 -0.39
C ILE A 102 -3.82 3.56 -1.91
N ASP A 103 -3.59 4.70 -2.60
CA ASP A 103 -3.73 4.80 -4.06
C ASP A 103 -2.68 3.91 -4.77
N LEU A 104 -1.44 3.91 -4.24
CA LEU A 104 -0.34 3.06 -4.74
C LEU A 104 -0.64 1.56 -4.54
N LEU A 105 -1.30 1.23 -3.40
CA LEU A 105 -1.75 -0.13 -3.09
C LEU A 105 -2.90 -0.54 -4.04
N THR A 106 -3.73 0.44 -4.44
CA THR A 106 -4.88 0.22 -5.33
C THR A 106 -4.36 -0.07 -6.76
N LYS A 107 -3.25 0.60 -7.14
CA LYS A 107 -2.59 0.39 -8.43
C LYS A 107 -1.96 -1.01 -8.49
N GLN A 108 -1.06 -1.29 -7.50
CA GLN A 108 -0.22 -2.51 -7.45
C GLN A 108 -1.09 -3.79 -7.44
N LEU A 109 -2.18 -3.76 -6.64
CA LEU A 109 -3.13 -4.89 -6.54
C LEU A 109 -4.01 -5.00 -7.81
N ALA A 110 -4.37 -3.85 -8.43
CA ALA A 110 -5.18 -3.82 -9.70
C ALA A 110 -4.37 -4.39 -10.87
N TYR A 111 -3.04 -4.23 -10.81
CA TYR A 111 -2.12 -4.83 -11.77
C TYR A 111 -2.00 -6.34 -11.51
N GLY A 112 -2.06 -6.72 -10.22
CA GLY A 112 -1.95 -8.11 -9.79
C GLY A 112 -0.52 -8.62 -9.86
N GLU A 113 0.44 -7.73 -9.57
CA GLU A 113 1.88 -8.02 -9.64
C GLU A 113 2.44 -8.35 -8.25
N ASP A 114 3.75 -8.64 -8.19
CA ASP A 114 4.46 -8.87 -6.92
C ASP A 114 4.96 -7.54 -6.35
N VAL A 115 4.92 -7.42 -5.01
CA VAL A 115 5.54 -6.29 -4.29
C VAL A 115 7.07 -6.50 -4.25
N ILE A 116 7.48 -7.76 -4.02
CA ILE A 116 8.90 -8.18 -3.94
C ILE A 116 9.06 -9.54 -4.65
N SER A 117 10.00 -9.62 -5.61
CA SER A 117 10.35 -10.89 -6.26
C SER A 117 11.29 -11.67 -5.33
N LYS A 118 10.68 -12.45 -4.42
CA LYS A 118 11.40 -13.34 -3.49
C LYS A 118 12.07 -14.49 -4.27
N GLU A 119 11.51 -14.81 -5.45
CA GLU A 119 12.03 -15.87 -6.34
C GLU A 119 13.32 -15.38 -7.06
N MET A 1 -18.15 42.60 -1.27
CA MET A 1 -18.30 42.05 -2.64
C MET A 1 -18.32 40.51 -2.56
N GLY A 2 -19.55 39.96 -2.65
CA GLY A 2 -19.77 38.51 -2.67
C GLY A 2 -19.47 37.92 -4.03
N HIS A 3 -18.23 37.43 -4.21
CA HIS A 3 -17.81 36.74 -5.44
C HIS A 3 -18.40 35.30 -5.45
N HIS A 4 -19.34 35.07 -6.37
CA HIS A 4 -20.05 33.78 -6.48
C HIS A 4 -19.16 32.76 -7.22
N HIS A 5 -18.54 31.83 -6.45
CA HIS A 5 -17.62 30.81 -7.01
C HIS A 5 -18.39 29.73 -7.80
N HIS A 6 -17.73 29.19 -8.84
CA HIS A 6 -18.27 28.07 -9.65
C HIS A 6 -17.29 26.90 -9.65
N HIS A 7 -17.68 25.78 -9.03
CA HIS A 7 -16.88 24.55 -8.94
C HIS A 7 -17.81 23.34 -9.09
N HIS A 8 -17.50 22.50 -10.09
CA HIS A 8 -18.17 21.21 -10.34
C HIS A 8 -17.08 20.19 -10.65
N SER A 9 -16.74 19.36 -9.65
CA SER A 9 -15.61 18.41 -9.75
C SER A 9 -16.12 16.97 -9.94
N HIS A 10 -15.19 16.08 -10.23
CA HIS A 10 -15.43 14.64 -10.41
C HIS A 10 -14.11 13.89 -10.15
N MET A 11 -14.20 12.70 -9.55
CA MET A 11 -13.04 11.82 -9.32
C MET A 11 -13.27 10.48 -10.02
N ASN A 12 -12.17 9.87 -10.51
CA ASN A 12 -12.19 8.59 -11.25
C ASN A 12 -12.60 7.44 -10.30
N SER A 13 -13.92 7.25 -10.17
CA SER A 13 -14.52 6.26 -9.25
C SER A 13 -14.39 4.85 -9.86
N GLN A 14 -13.55 4.01 -9.24
CA GLN A 14 -13.19 2.68 -9.75
C GLN A 14 -13.72 1.58 -8.83
N ARG A 15 -13.89 0.38 -9.40
CA ARG A 15 -14.37 -0.82 -8.69
C ARG A 15 -13.17 -1.72 -8.33
N LEU A 16 -11.98 -1.09 -8.16
CA LEU A 16 -10.71 -1.79 -7.89
C LEU A 16 -10.51 -2.10 -6.39
N ILE A 17 -9.26 -2.43 -6.01
CA ILE A 17 -8.92 -3.09 -4.74
C ILE A 17 -9.15 -2.16 -3.53
N HIS A 18 -9.78 -2.75 -2.51
CA HIS A 18 -10.10 -2.10 -1.24
C HIS A 18 -8.91 -2.25 -0.28
N ILE A 19 -8.59 -1.16 0.44
CA ILE A 19 -7.48 -1.11 1.39
C ILE A 19 -8.07 -0.73 2.74
N LYS A 20 -7.95 -1.62 3.73
CA LYS A 20 -8.48 -1.41 5.09
C LYS A 20 -7.40 -0.74 5.93
N THR A 21 -7.79 0.24 6.75
CA THR A 21 -6.88 0.90 7.70
C THR A 21 -7.21 0.41 9.11
N LEU A 22 -6.21 -0.13 9.80
CA LEU A 22 -6.34 -0.63 11.17
C LEU A 22 -5.44 0.19 12.10
N THR A 23 -5.99 0.56 13.27
CA THR A 23 -5.27 1.29 14.31
C THR A 23 -4.17 0.41 14.93
N THR A 24 -3.04 1.03 15.29
CA THR A 24 -1.83 0.34 15.77
C THR A 24 -1.41 0.93 17.14
N PRO A 25 -0.80 0.12 18.07
CA PRO A 25 -0.21 0.65 19.33
C PRO A 25 0.99 1.59 19.05
N ASN A 26 1.67 1.33 17.92
CA ASN A 26 2.80 2.15 17.44
C ASN A 26 2.25 3.31 16.58
N GLU A 27 2.48 4.55 17.03
CA GLU A 27 1.93 5.78 16.39
C GLU A 27 2.66 6.11 15.06
N ASN A 28 3.95 5.75 14.97
CA ASN A 28 4.74 5.93 13.73
C ASN A 28 4.34 4.89 12.67
N ALA A 29 3.83 3.74 13.14
CA ALA A 29 3.29 2.68 12.26
C ALA A 29 1.79 2.88 12.00
N LEU A 30 1.30 2.27 10.91
CA LEU A 30 -0.15 2.16 10.64
C LEU A 30 -0.36 1.00 9.66
N LYS A 31 -1.18 0.03 10.08
CA LYS A 31 -1.42 -1.21 9.35
C LYS A 31 -2.50 -1.01 8.27
N PHE A 32 -2.20 -1.44 7.04
CA PHE A 32 -3.13 -1.44 5.90
C PHE A 32 -3.34 -2.88 5.43
N LEU A 33 -4.56 -3.38 5.50
CA LEU A 33 -4.89 -4.78 5.23
C LEU A 33 -5.46 -4.91 3.82
N SER A 34 -4.83 -5.78 3.00
CA SER A 34 -5.27 -6.05 1.62
C SER A 34 -6.44 -7.04 1.67
N THR A 35 -7.65 -6.53 1.43
CA THR A 35 -8.91 -7.28 1.67
C THR A 35 -9.40 -8.06 0.43
N ASP A 36 -8.71 -7.86 -0.70
CA ASP A 36 -9.01 -8.55 -1.97
C ASP A 36 -8.07 -9.75 -2.13
N GLY A 37 -8.24 -10.51 -3.23
CA GLY A 37 -7.48 -11.75 -3.48
C GLY A 37 -5.97 -11.54 -3.59
N GLU A 38 -5.56 -10.28 -3.70
CA GLU A 38 -4.17 -9.86 -3.72
C GLU A 38 -3.62 -9.79 -2.28
N MET A 39 -3.09 -10.93 -1.82
CA MET A 39 -2.36 -11.04 -0.53
C MET A 39 -0.87 -10.85 -0.80
N LEU A 40 -0.18 -10.06 0.04
CA LEU A 40 1.20 -9.58 -0.24
C LEU A 40 2.23 -10.72 -0.22
N GLN A 41 2.35 -11.40 0.92
CA GLN A 41 3.17 -12.62 1.08
C GLN A 41 2.26 -13.82 1.44
N THR A 42 2.83 -15.03 1.43
CA THR A 42 2.14 -16.23 1.97
C THR A 42 2.15 -16.17 3.51
N ARG A 43 1.11 -16.74 4.15
CA ARG A 43 0.92 -16.65 5.62
C ARG A 43 1.94 -17.54 6.36
N GLY A 44 2.63 -16.95 7.34
CA GLY A 44 3.64 -17.65 8.14
C GLY A 44 5.04 -17.43 7.60
N SER A 45 5.25 -16.29 6.92
CA SER A 45 6.57 -15.88 6.40
C SER A 45 7.26 -14.89 7.36
N LYS A 46 8.45 -14.41 6.96
CA LYS A 46 9.17 -13.36 7.68
C LYS A 46 8.82 -12.00 7.04
N SER A 47 8.48 -11.01 7.87
CA SER A 47 8.09 -9.66 7.41
C SER A 47 9.31 -8.92 6.82
N ILE A 48 9.26 -8.61 5.51
CA ILE A 48 10.34 -7.90 4.79
C ILE A 48 10.33 -6.42 5.20
N VAL A 49 11.25 -6.03 6.10
CA VAL A 49 11.36 -4.65 6.60
C VAL A 49 12.33 -3.87 5.69
N ILE A 50 11.79 -2.99 4.86
CA ILE A 50 12.55 -2.18 3.91
C ILE A 50 12.64 -0.75 4.46
N LYS A 51 13.83 -0.33 4.89
CA LYS A 51 14.04 1.03 5.39
C LYS A 51 14.47 1.94 4.24
N ASN A 52 14.32 3.26 4.43
CA ASN A 52 14.68 4.30 3.44
C ASN A 52 16.19 4.30 3.11
N THR A 53 16.98 3.70 4.01
CA THR A 53 18.44 3.56 3.85
C THR A 53 18.80 2.34 2.96
N ASP A 54 17.92 1.31 2.94
CA ASP A 54 18.19 0.02 2.25
C ASP A 54 17.86 0.10 0.75
N GLU A 55 18.76 0.73 -0.03
CA GLU A 55 18.63 0.90 -1.50
C GLU A 55 18.29 -0.43 -2.21
N ASN A 56 19.02 -1.50 -1.84
CA ASN A 56 18.87 -2.87 -2.40
C ASN A 56 17.41 -3.35 -2.29
N LEU A 57 16.84 -3.20 -1.08
CA LEU A 57 15.47 -3.66 -0.77
C LEU A 57 14.41 -2.75 -1.42
N ILE A 58 14.76 -1.46 -1.62
CA ILE A 58 13.87 -0.46 -2.27
C ILE A 58 13.74 -0.76 -3.78
N ASN A 59 14.85 -1.17 -4.43
CA ASN A 59 14.83 -1.62 -5.84
C ASN A 59 14.03 -2.93 -6.02
N HIS A 60 13.89 -3.72 -4.94
CA HIS A 60 13.00 -4.92 -4.91
C HIS A 60 11.51 -4.56 -4.89
N SER A 61 11.16 -3.28 -4.67
CA SER A 61 9.77 -2.83 -4.56
C SER A 61 9.59 -1.47 -5.27
N LYS A 62 8.97 -1.48 -6.45
CA LYS A 62 8.61 -0.25 -7.20
C LYS A 62 7.68 0.64 -6.36
N LEU A 63 6.82 -0.01 -5.53
CA LEU A 63 5.92 0.67 -4.57
C LEU A 63 6.72 1.50 -3.56
N ALA A 64 7.82 0.91 -3.02
CA ALA A 64 8.68 1.54 -2.01
C ALA A 64 9.30 2.82 -2.58
N GLN A 65 9.77 2.73 -3.84
CA GLN A 65 10.38 3.84 -4.56
C GLN A 65 9.41 5.05 -4.64
N GLN A 66 8.13 4.76 -4.94
CA GLN A 66 7.08 5.79 -5.06
C GLN A 66 6.73 6.41 -3.69
N ILE A 67 6.69 5.56 -2.63
CA ILE A 67 6.35 5.99 -1.26
C ILE A 67 7.42 6.96 -0.71
N PHE A 68 8.71 6.57 -0.84
CA PHE A 68 9.86 7.38 -0.37
C PHE A 68 10.04 8.65 -1.24
N LEU A 69 9.63 8.59 -2.53
CA LEU A 69 9.67 9.74 -3.45
C LEU A 69 8.65 10.82 -3.03
N GLN A 70 7.40 10.37 -2.79
CA GLN A 70 6.27 11.26 -2.42
C GLN A 70 6.39 11.77 -0.98
N CYS A 71 6.95 10.93 -0.09
CA CYS A 71 7.10 11.26 1.33
C CYS A 71 8.44 10.68 1.84
N PRO A 72 9.54 11.50 1.83
CA PRO A 72 10.86 11.11 2.39
C PRO A 72 10.86 11.03 3.94
N GLY A 73 9.70 11.37 4.57
CA GLY A 73 9.54 11.27 6.00
C GLY A 73 9.31 9.85 6.46
N VAL A 74 8.88 8.98 5.51
CA VAL A 74 8.69 7.55 5.74
C VAL A 74 10.05 6.88 6.03
N GLU A 75 10.19 6.31 7.23
CA GLU A 75 11.43 5.70 7.74
C GLU A 75 11.61 4.28 7.20
N SER A 76 10.49 3.51 7.18
CA SER A 76 10.51 2.10 6.78
C SER A 76 9.12 1.60 6.38
N LEU A 77 9.11 0.44 5.72
CA LEU A 77 7.91 -0.27 5.29
C LEU A 77 8.04 -1.72 5.79
N MET A 78 7.04 -2.23 6.50
CA MET A 78 7.00 -3.64 6.90
C MET A 78 6.02 -4.36 5.99
N ILE A 79 6.56 -5.21 5.10
CA ILE A 79 5.76 -6.01 4.18
C ILE A 79 5.34 -7.27 4.94
N GLY A 80 4.08 -7.32 5.36
CA GLY A 80 3.54 -8.47 6.05
C GLY A 80 2.94 -9.47 5.08
N ASP A 81 2.21 -10.44 5.63
CA ASP A 81 1.59 -11.52 4.85
C ASP A 81 0.34 -10.96 4.15
N ASP A 82 -0.61 -10.49 4.96
CA ASP A 82 -1.90 -9.94 4.50
C ASP A 82 -1.87 -8.41 4.43
N PHE A 83 -0.84 -7.81 5.07
CA PHE A 83 -0.87 -6.40 5.47
C PHE A 83 0.43 -5.67 5.13
N LEU A 84 0.33 -4.35 4.98
CA LEU A 84 1.46 -3.44 4.77
C LEU A 84 1.42 -2.37 5.86
N THR A 85 2.43 -2.37 6.71
CA THR A 85 2.55 -1.45 7.84
C THR A 85 3.55 -0.35 7.46
N ILE A 86 3.06 0.88 7.24
CA ILE A 86 3.90 2.01 6.84
C ILE A 86 4.42 2.68 8.11
N ASN A 87 5.71 3.04 8.11
CA ASN A 87 6.37 3.69 9.26
C ASN A 87 6.97 5.01 8.80
N LYS A 88 6.63 6.11 9.50
CA LYS A 88 7.18 7.45 9.21
C LYS A 88 7.71 8.07 10.51
N ASP A 89 8.46 9.18 10.37
CA ASP A 89 8.96 9.99 11.50
C ASP A 89 7.77 10.52 12.32
N ARG A 90 7.94 10.56 13.67
CA ARG A 90 6.85 10.89 14.62
C ARG A 90 6.17 12.23 14.29
N MET A 91 7.00 13.23 13.88
CA MET A 91 6.55 14.60 13.62
C MET A 91 5.78 14.70 12.28
N VAL A 92 6.10 13.81 11.33
CA VAL A 92 5.33 13.69 10.06
C VAL A 92 3.97 13.03 10.38
N HIS A 93 2.88 13.59 9.82
CA HIS A 93 1.49 13.12 10.11
C HIS A 93 0.94 12.29 8.94
N TRP A 94 -0.10 11.50 9.23
CA TRP A 94 -0.73 10.56 8.28
C TRP A 94 -1.67 11.25 7.27
N ASN A 95 -2.04 12.51 7.54
CA ASN A 95 -3.08 13.23 6.76
C ASN A 95 -2.66 13.44 5.29
N SER A 96 -1.34 13.53 5.05
CA SER A 96 -0.75 13.72 3.71
C SER A 96 -0.35 12.37 3.08
N ILE A 97 -0.10 11.35 3.93
CA ILE A 97 0.53 10.07 3.55
C ILE A 97 -0.53 9.04 3.11
N LYS A 98 -1.58 8.88 3.97
CA LYS A 98 -2.65 7.85 3.80
C LYS A 98 -3.31 7.88 2.39
N PRO A 99 -3.87 9.03 1.86
CA PRO A 99 -4.58 9.03 0.55
C PRO A 99 -3.66 8.58 -0.61
N GLU A 100 -2.39 9.01 -0.55
CA GLU A 100 -1.41 8.77 -1.62
C GLU A 100 -1.02 7.28 -1.66
N ILE A 101 -0.70 6.71 -0.48
CA ILE A 101 -0.27 5.31 -0.33
C ILE A 101 -1.43 4.34 -0.60
N ILE A 102 -2.62 4.61 -0.03
CA ILE A 102 -3.84 3.80 -0.24
C ILE A 102 -4.20 3.74 -1.75
N ASP A 103 -4.00 4.87 -2.46
CA ASP A 103 -4.20 4.95 -3.92
C ASP A 103 -3.15 4.10 -4.66
N LEU A 104 -1.86 4.24 -4.25
CA LEU A 104 -0.72 3.45 -4.81
C LEU A 104 -0.92 1.93 -4.61
N LEU A 105 -1.56 1.57 -3.49
CA LEU A 105 -1.88 0.17 -3.13
C LEU A 105 -3.06 -0.35 -3.99
N THR A 106 -4.03 0.53 -4.31
CA THR A 106 -5.18 0.18 -5.15
C THR A 106 -4.72 0.01 -6.62
N LYS A 107 -3.67 0.77 -6.99
CA LYS A 107 -3.03 0.69 -8.31
C LYS A 107 -2.18 -0.57 -8.42
N GLN A 108 -1.26 -0.79 -7.44
CA GLN A 108 -0.33 -1.96 -7.43
C GLN A 108 -1.11 -3.28 -7.51
N LEU A 109 -2.07 -3.43 -6.60
CA LEU A 109 -2.86 -4.64 -6.46
C LEU A 109 -3.89 -4.78 -7.60
N ALA A 110 -4.09 -3.71 -8.40
CA ALA A 110 -4.88 -3.78 -9.66
C ALA A 110 -4.14 -4.55 -10.74
N TYR A 111 -2.78 -4.55 -10.67
CA TYR A 111 -1.92 -5.43 -11.48
C TYR A 111 -1.92 -6.82 -10.81
N GLY A 112 -1.61 -6.82 -9.48
CA GLY A 112 -1.90 -7.96 -8.59
C GLY A 112 -0.82 -9.04 -8.54
N GLU A 113 0.20 -8.96 -9.43
CA GLU A 113 1.26 -9.98 -9.52
C GLU A 113 2.18 -9.95 -8.28
N ASP A 114 2.98 -8.88 -8.15
CA ASP A 114 4.03 -8.78 -7.12
C ASP A 114 4.00 -7.40 -6.43
N VAL A 115 3.90 -7.40 -5.09
CA VAL A 115 4.31 -6.25 -4.26
C VAL A 115 5.86 -6.23 -4.21
N ILE A 116 6.44 -7.43 -4.01
CA ILE A 116 7.88 -7.69 -4.12
C ILE A 116 8.04 -8.97 -4.96
N SER A 117 9.07 -9.00 -5.81
CA SER A 117 9.42 -10.14 -6.65
C SER A 117 9.67 -11.40 -5.79
N LYS A 118 8.85 -12.46 -6.01
CA LYS A 118 8.98 -13.75 -5.30
C LYS A 118 10.21 -14.54 -5.82
N GLU A 119 11.38 -14.21 -5.25
CA GLU A 119 12.68 -14.82 -5.60
C GLU A 119 13.28 -15.51 -4.34
N MET A 1 -43.90 -5.55 6.81
CA MET A 1 -45.07 -5.76 5.91
C MET A 1 -44.96 -4.85 4.68
N GLY A 2 -45.87 -5.05 3.71
CA GLY A 2 -45.96 -4.19 2.53
C GLY A 2 -45.25 -4.80 1.32
N HIS A 3 -45.89 -5.79 0.68
CA HIS A 3 -45.35 -6.48 -0.50
C HIS A 3 -45.59 -5.59 -1.75
N HIS A 4 -44.71 -4.61 -1.92
CA HIS A 4 -44.77 -3.61 -3.00
C HIS A 4 -44.04 -4.11 -4.26
N HIS A 5 -44.65 -3.91 -5.45
CA HIS A 5 -44.04 -4.30 -6.74
C HIS A 5 -43.10 -3.19 -7.27
N HIS A 6 -42.05 -2.90 -6.48
CA HIS A 6 -40.99 -1.94 -6.82
C HIS A 6 -39.62 -2.62 -6.64
N HIS A 7 -38.92 -2.85 -7.76
CA HIS A 7 -37.61 -3.50 -7.79
C HIS A 7 -36.65 -2.65 -8.64
N HIS A 8 -35.41 -2.46 -8.14
CA HIS A 8 -34.36 -1.69 -8.82
C HIS A 8 -32.97 -2.06 -8.25
N SER A 9 -32.45 -3.23 -8.69
CA SER A 9 -31.13 -3.75 -8.23
C SER A 9 -30.05 -3.45 -9.29
N HIS A 10 -29.56 -2.21 -9.30
CA HIS A 10 -28.49 -1.78 -10.20
C HIS A 10 -27.12 -2.02 -9.54
N MET A 11 -26.24 -2.79 -10.20
CA MET A 11 -24.86 -2.99 -9.74
C MET A 11 -24.04 -1.71 -9.99
N ASN A 12 -23.66 -1.04 -8.90
CA ASN A 12 -22.75 0.12 -8.98
C ASN A 12 -21.34 -0.40 -9.24
N SER A 13 -21.03 -0.56 -10.53
CA SER A 13 -19.75 -1.09 -10.98
C SER A 13 -18.64 -0.04 -10.76
N GLN A 14 -18.23 0.07 -9.49
CA GLN A 14 -17.18 0.99 -9.04
C GLN A 14 -16.10 0.12 -8.40
N ARG A 15 -15.17 -0.36 -9.23
CA ARG A 15 -14.11 -1.28 -8.78
C ARG A 15 -12.95 -0.48 -8.20
N LEU A 16 -12.64 -0.73 -6.92
CA LEU A 16 -11.47 -0.16 -6.25
C LEU A 16 -10.95 -1.15 -5.21
N ILE A 17 -9.63 -1.25 -5.11
CA ILE A 17 -8.94 -2.14 -4.18
C ILE A 17 -9.15 -1.62 -2.75
N HIS A 18 -10.10 -2.27 -2.04
CA HIS A 18 -10.55 -1.87 -0.70
C HIS A 18 -9.44 -2.10 0.34
N ILE A 19 -9.04 -1.00 1.01
CA ILE A 19 -7.89 -0.97 1.94
C ILE A 19 -8.43 -0.60 3.33
N LYS A 20 -8.15 -1.46 4.30
CA LYS A 20 -8.60 -1.34 5.69
C LYS A 20 -7.48 -0.70 6.53
N THR A 21 -7.71 0.53 6.99
CA THR A 21 -6.72 1.28 7.78
C THR A 21 -6.97 1.02 9.28
N LEU A 22 -6.01 0.34 9.92
CA LEU A 22 -6.13 -0.17 11.30
C LEU A 22 -5.01 0.41 12.16
N THR A 23 -5.36 0.80 13.38
CA THR A 23 -4.44 1.42 14.34
C THR A 23 -3.61 0.34 15.05
N THR A 24 -2.38 0.70 15.40
CA THR A 24 -1.39 -0.23 15.98
C THR A 24 -0.86 0.36 17.33
N PRO A 25 -0.30 -0.48 18.27
CA PRO A 25 0.24 0.00 19.59
C PRO A 25 1.22 1.20 19.47
N ASN A 26 1.97 1.23 18.35
CA ASN A 26 2.84 2.38 17.99
C ASN A 26 2.12 3.24 16.95
N GLU A 27 1.91 4.53 17.26
CA GLU A 27 1.27 5.49 16.35
C GLU A 27 2.22 5.90 15.21
N ASN A 28 3.52 5.61 15.37
CA ASN A 28 4.51 5.76 14.30
C ASN A 28 4.33 4.67 13.23
N ALA A 29 3.63 3.59 13.61
CA ALA A 29 3.20 2.51 12.70
C ALA A 29 1.70 2.68 12.36
N LEU A 30 1.25 2.06 11.25
CA LEU A 30 -0.17 2.05 10.83
C LEU A 30 -0.40 0.89 9.84
N LYS A 31 -1.31 -0.03 10.20
CA LYS A 31 -1.59 -1.23 9.40
C LYS A 31 -2.56 -0.92 8.24
N PHE A 32 -2.12 -1.16 7.00
CA PHE A 32 -2.97 -1.14 5.80
C PHE A 32 -3.22 -2.59 5.36
N LEU A 33 -4.47 -3.05 5.49
CA LEU A 33 -4.85 -4.45 5.29
C LEU A 33 -5.66 -4.58 3.99
N SER A 34 -5.28 -5.51 3.09
CA SER A 34 -6.00 -5.72 1.83
C SER A 34 -7.23 -6.60 2.11
N THR A 35 -8.42 -5.96 2.12
CA THR A 35 -9.72 -6.63 2.41
C THR A 35 -10.49 -6.91 1.11
N ASP A 36 -9.97 -6.40 -0.01
CA ASP A 36 -10.58 -6.62 -1.34
C ASP A 36 -10.41 -8.09 -1.77
N GLY A 37 -9.25 -8.68 -1.43
CA GLY A 37 -8.94 -10.08 -1.72
C GLY A 37 -7.55 -10.28 -2.32
N GLU A 38 -6.89 -9.17 -2.76
CA GLU A 38 -5.56 -9.23 -3.38
C GLU A 38 -4.47 -9.42 -2.30
N MET A 39 -3.38 -10.11 -2.66
CA MET A 39 -2.36 -10.56 -1.69
C MET A 39 -1.04 -9.79 -1.93
N LEU A 40 -0.33 -9.45 -0.83
CA LEU A 40 0.92 -8.65 -0.86
C LEU A 40 2.15 -9.56 -1.11
N GLN A 41 2.21 -10.69 -0.40
CA GLN A 41 3.35 -11.62 -0.48
C GLN A 41 2.81 -13.09 -0.59
N THR A 42 3.71 -14.08 -0.62
CA THR A 42 3.43 -15.45 -1.12
C THR A 42 2.57 -16.34 -0.14
N ARG A 43 2.21 -15.79 1.03
CA ARG A 43 1.53 -16.53 2.13
C ARG A 43 2.52 -17.57 2.70
N GLY A 44 3.57 -17.06 3.36
CA GLY A 44 4.59 -17.89 3.99
C GLY A 44 5.93 -17.18 4.09
N SER A 45 5.89 -15.90 4.50
CA SER A 45 7.09 -15.06 4.67
C SER A 45 7.06 -14.38 6.05
N LYS A 46 8.14 -13.64 6.37
CA LYS A 46 8.29 -12.87 7.63
C LYS A 46 7.95 -11.39 7.37
N SER A 47 8.12 -10.55 8.42
CA SER A 47 7.98 -9.10 8.31
C SER A 47 9.21 -8.52 7.57
N ILE A 48 9.07 -8.38 6.23
CA ILE A 48 10.14 -7.82 5.38
C ILE A 48 10.18 -6.29 5.59
N VAL A 49 11.10 -5.82 6.45
CA VAL A 49 11.20 -4.41 6.79
C VAL A 49 12.10 -3.74 5.75
N ILE A 50 11.51 -2.94 4.85
CA ILE A 50 12.22 -2.22 3.80
C ILE A 50 12.34 -0.75 4.23
N LYS A 51 13.57 -0.32 4.59
CA LYS A 51 13.83 1.02 5.11
C LYS A 51 14.30 1.92 3.96
N ASN A 52 14.11 3.25 4.12
CA ASN A 52 14.47 4.26 3.10
C ASN A 52 15.98 4.26 2.78
N THR A 53 16.77 3.67 3.69
CA THR A 53 18.23 3.52 3.53
C THR A 53 18.57 2.37 2.56
N ASP A 54 17.84 1.25 2.68
CA ASP A 54 18.14 -0.01 1.96
C ASP A 54 17.49 -0.01 0.58
N GLU A 55 18.14 0.70 -0.37
CA GLU A 55 17.61 0.93 -1.71
C GLU A 55 17.50 -0.37 -2.54
N ASN A 56 18.28 -1.40 -2.18
CA ASN A 56 18.24 -2.70 -2.86
C ASN A 56 16.81 -3.30 -2.81
N LEU A 57 16.21 -3.26 -1.60
CA LEU A 57 14.85 -3.78 -1.35
C LEU A 57 13.79 -2.85 -1.96
N ILE A 58 14.09 -1.54 -1.91
CA ILE A 58 13.24 -0.47 -2.49
C ILE A 58 13.11 -0.66 -4.02
N ASN A 59 14.22 -0.99 -4.68
CA ASN A 59 14.25 -1.25 -6.13
C ASN A 59 13.52 -2.56 -6.50
N HIS A 60 13.51 -3.53 -5.57
CA HIS A 60 12.77 -4.80 -5.73
C HIS A 60 11.26 -4.60 -5.57
N SER A 61 10.86 -3.65 -4.71
CA SER A 61 9.47 -3.28 -4.49
C SER A 61 9.24 -1.87 -5.04
N LYS A 62 8.81 -1.79 -6.32
CA LYS A 62 8.62 -0.50 -7.05
C LYS A 62 7.62 0.42 -6.30
N LEU A 63 6.76 -0.22 -5.48
CA LEU A 63 5.83 0.45 -4.54
C LEU A 63 6.61 1.33 -3.54
N ALA A 64 7.69 0.76 -2.97
CA ALA A 64 8.55 1.44 -1.97
C ALA A 64 9.22 2.68 -2.57
N GLN A 65 9.65 2.56 -3.86
CA GLN A 65 10.22 3.70 -4.62
C GLN A 65 9.23 4.87 -4.62
N GLN A 66 7.97 4.55 -4.93
CA GLN A 66 6.88 5.53 -4.98
C GLN A 66 6.55 6.14 -3.61
N ILE A 67 6.46 5.31 -2.55
CA ILE A 67 6.07 5.77 -1.19
C ILE A 67 7.13 6.73 -0.61
N PHE A 68 8.41 6.31 -0.69
CA PHE A 68 9.54 7.12 -0.18
C PHE A 68 9.75 8.39 -1.04
N LEU A 69 9.41 8.32 -2.34
CA LEU A 69 9.53 9.48 -3.27
C LEU A 69 8.44 10.54 -3.01
N GLN A 70 7.19 10.08 -2.87
CA GLN A 70 6.01 10.95 -2.75
C GLN A 70 5.81 11.43 -1.30
N CYS A 71 6.45 10.74 -0.34
CA CYS A 71 6.50 11.16 1.07
C CYS A 71 7.89 10.85 1.66
N PRO A 72 8.76 11.90 1.88
CA PRO A 72 10.09 11.73 2.52
C PRO A 72 10.00 11.45 4.03
N GLY A 73 8.78 11.58 4.59
CA GLY A 73 8.56 11.39 6.02
C GLY A 73 8.53 9.92 6.43
N VAL A 74 8.27 9.03 5.46
CA VAL A 74 8.26 7.58 5.70
C VAL A 74 9.70 7.07 5.89
N GLU A 75 9.95 6.43 7.04
CA GLU A 75 11.28 5.92 7.43
C GLU A 75 11.47 4.45 7.01
N SER A 76 10.37 3.68 7.05
CA SER A 76 10.39 2.24 6.76
C SER A 76 9.00 1.69 6.44
N LEU A 77 8.99 0.54 5.77
CA LEU A 77 7.79 -0.25 5.44
C LEU A 77 7.97 -1.63 6.08
N MET A 78 6.90 -2.18 6.66
CA MET A 78 6.87 -3.55 7.20
C MET A 78 5.92 -4.37 6.33
N ILE A 79 6.47 -5.28 5.53
CA ILE A 79 5.69 -6.07 4.58
C ILE A 79 5.27 -7.39 5.25
N GLY A 80 3.97 -7.67 5.20
CA GLY A 80 3.43 -8.99 5.52
C GLY A 80 2.83 -9.61 4.27
N ASP A 81 2.37 -10.85 4.37
CA ASP A 81 1.70 -11.56 3.25
C ASP A 81 0.30 -10.99 3.02
N ASP A 82 -0.41 -10.80 4.13
CA ASP A 82 -1.82 -10.37 4.16
C ASP A 82 -1.93 -8.88 4.56
N PHE A 83 -1.09 -8.46 5.52
CA PHE A 83 -1.13 -7.08 6.08
C PHE A 83 0.11 -6.27 5.67
N LEU A 84 -0.04 -4.95 5.68
CA LEU A 84 1.06 -3.99 5.50
C LEU A 84 1.11 -3.10 6.74
N THR A 85 2.29 -2.59 7.12
CA THR A 85 2.44 -1.66 8.25
C THR A 85 3.48 -0.58 7.89
N ILE A 86 3.03 0.65 7.68
CA ILE A 86 3.90 1.78 7.31
C ILE A 86 4.43 2.45 8.58
N ASN A 87 5.71 2.83 8.57
CA ASN A 87 6.34 3.57 9.67
C ASN A 87 6.82 4.93 9.17
N LYS A 88 6.53 6.00 9.93
CA LYS A 88 6.90 7.39 9.58
C LYS A 88 7.64 8.06 10.75
N ASP A 89 8.23 9.23 10.50
CA ASP A 89 8.87 10.06 11.53
C ASP A 89 7.79 10.74 12.42
N ARG A 90 8.13 10.96 13.70
CA ARG A 90 7.19 11.45 14.74
C ARG A 90 6.36 12.70 14.33
N MET A 91 7.01 13.67 13.64
CA MET A 91 6.39 14.99 13.32
C MET A 91 5.51 14.91 12.06
N VAL A 92 5.72 13.86 11.25
CA VAL A 92 5.11 13.73 9.91
C VAL A 92 3.67 13.20 10.07
N HIS A 93 2.70 13.91 9.46
CA HIS A 93 1.27 13.69 9.67
C HIS A 93 0.75 12.61 8.71
N TRP A 94 0.00 11.63 9.25
CA TRP A 94 -0.59 10.52 8.47
C TRP A 94 -1.56 11.04 7.39
N ASN A 95 -2.21 12.17 7.67
CA ASN A 95 -3.17 12.79 6.73
C ASN A 95 -2.48 13.20 5.40
N SER A 96 -1.16 13.45 5.47
CA SER A 96 -0.34 13.84 4.31
C SER A 96 0.20 12.60 3.56
N ILE A 97 0.21 11.42 4.23
CA ILE A 97 0.87 10.21 3.71
C ILE A 97 -0.15 9.17 3.15
N LYS A 98 -1.25 8.97 3.90
CA LYS A 98 -2.30 7.94 3.65
C LYS A 98 -2.87 7.96 2.21
N PRO A 99 -3.37 9.14 1.65
CA PRO A 99 -3.96 9.17 0.28
C PRO A 99 -2.97 8.66 -0.79
N GLU A 100 -1.70 9.06 -0.61
CA GLU A 100 -0.59 8.68 -1.50
C GLU A 100 -0.41 7.16 -1.51
N ILE A 101 -0.25 6.59 -0.29
CA ILE A 101 0.01 5.15 -0.08
C ILE A 101 -1.13 4.28 -0.60
N ILE A 102 -2.38 4.59 -0.20
CA ILE A 102 -3.58 3.82 -0.58
C ILE A 102 -3.74 3.77 -2.12
N ASP A 103 -3.46 4.91 -2.78
CA ASP A 103 -3.52 5.02 -4.25
C ASP A 103 -2.42 4.16 -4.92
N LEU A 104 -1.21 4.20 -4.35
CA LEU A 104 -0.03 3.42 -4.81
C LEU A 104 -0.24 1.90 -4.64
N LEU A 105 -0.93 1.54 -3.55
CA LEU A 105 -1.33 0.13 -3.27
C LEU A 105 -2.27 -0.37 -4.37
N THR A 106 -3.13 0.52 -4.87
CA THR A 106 -4.11 0.19 -5.92
C THR A 106 -3.40 0.04 -7.29
N LYS A 107 -2.27 0.78 -7.48
CA LYS A 107 -1.41 0.67 -8.68
C LYS A 107 -0.75 -0.72 -8.73
N GLN A 108 -0.09 -1.09 -7.62
CA GLN A 108 0.71 -2.33 -7.51
C GLN A 108 -0.17 -3.58 -7.58
N LEU A 109 -1.20 -3.62 -6.74
CA LEU A 109 -2.08 -4.79 -6.58
C LEU A 109 -2.92 -5.04 -7.85
N ALA A 110 -3.04 -4.00 -8.71
CA ALA A 110 -3.70 -4.10 -10.03
C ALA A 110 -2.91 -5.01 -11.01
N TYR A 111 -1.62 -5.23 -10.73
CA TYR A 111 -0.78 -6.18 -11.49
C TYR A 111 -1.15 -7.64 -11.12
N GLY A 112 -1.61 -7.83 -9.88
CA GLY A 112 -1.95 -9.17 -9.36
C GLY A 112 -0.73 -9.99 -9.02
N GLU A 113 0.36 -9.29 -8.66
CA GLU A 113 1.66 -9.88 -8.32
C GLU A 113 1.99 -9.60 -6.85
N ASP A 114 3.18 -10.07 -6.42
CA ASP A 114 3.74 -9.75 -5.09
C ASP A 114 4.18 -8.28 -5.02
N VAL A 115 4.50 -7.82 -3.81
CA VAL A 115 5.02 -6.46 -3.55
C VAL A 115 6.42 -6.32 -4.16
N ILE A 116 7.19 -7.43 -4.09
CA ILE A 116 8.49 -7.58 -4.71
C ILE A 116 8.29 -8.35 -6.02
N SER A 117 8.99 -7.91 -7.10
CA SER A 117 8.97 -8.61 -8.39
C SER A 117 9.50 -10.05 -8.22
N LYS A 118 8.55 -11.01 -8.25
CA LYS A 118 8.83 -12.44 -8.05
C LYS A 118 9.75 -12.99 -9.16
N GLU A 119 9.36 -12.70 -10.41
CA GLU A 119 10.04 -13.16 -11.63
C GLU A 119 9.98 -14.71 -11.76
N MET A 1 -38.59 31.14 -26.76
CA MET A 1 -37.26 30.99 -26.11
C MET A 1 -37.18 29.68 -25.29
N GLY A 2 -38.06 28.71 -25.62
CA GLY A 2 -38.08 27.40 -24.97
C GLY A 2 -36.95 26.50 -25.44
N HIS A 3 -35.73 26.80 -24.95
CA HIS A 3 -34.52 26.03 -25.27
C HIS A 3 -34.57 24.67 -24.54
N HIS A 4 -34.53 23.58 -25.32
CA HIS A 4 -34.58 22.21 -24.79
C HIS A 4 -33.42 21.36 -25.37
N HIS A 5 -32.31 21.35 -24.61
CA HIS A 5 -31.17 20.43 -24.82
C HIS A 5 -30.64 19.96 -23.46
N HIS A 6 -30.44 18.64 -23.29
CA HIS A 6 -29.93 18.06 -22.02
C HIS A 6 -29.22 16.72 -22.30
N HIS A 7 -28.41 16.27 -21.31
CA HIS A 7 -27.68 14.98 -21.39
C HIS A 7 -27.16 14.57 -19.99
N HIS A 8 -27.95 13.75 -19.27
CA HIS A 8 -27.52 13.10 -18.02
C HIS A 8 -26.79 11.78 -18.33
N SER A 9 -25.58 11.61 -17.76
CA SER A 9 -24.76 10.40 -17.95
C SER A 9 -23.75 10.28 -16.78
N HIS A 10 -23.96 9.31 -15.89
CA HIS A 10 -23.02 9.00 -14.80
C HIS A 10 -22.24 7.71 -15.13
N MET A 11 -21.00 7.88 -15.58
CA MET A 11 -20.07 6.77 -15.86
C MET A 11 -19.48 6.28 -14.52
N ASN A 12 -20.21 5.39 -13.84
CA ASN A 12 -19.75 4.74 -12.61
C ASN A 12 -18.63 3.74 -12.93
N SER A 13 -17.46 3.92 -12.31
CA SER A 13 -16.31 3.00 -12.43
C SER A 13 -16.61 1.67 -11.70
N GLN A 14 -15.95 0.59 -12.15
CA GLN A 14 -16.12 -0.77 -11.57
C GLN A 14 -14.73 -1.37 -11.36
N ARG A 15 -14.62 -2.28 -10.37
CA ARG A 15 -13.36 -2.83 -9.86
C ARG A 15 -12.50 -1.70 -9.26
N LEU A 16 -12.86 -1.32 -8.03
CA LEU A 16 -12.13 -0.35 -7.21
C LEU A 16 -11.50 -1.12 -6.04
N ILE A 17 -10.19 -0.95 -5.86
CA ILE A 17 -9.39 -1.76 -4.93
C ILE A 17 -9.63 -1.33 -3.47
N HIS A 18 -10.25 -2.23 -2.71
CA HIS A 18 -10.65 -1.99 -1.33
C HIS A 18 -9.44 -2.09 -0.38
N ILE A 19 -9.07 -0.95 0.21
CA ILE A 19 -7.96 -0.82 1.14
C ILE A 19 -8.54 -0.28 2.45
N LYS A 20 -8.40 -1.04 3.54
CA LYS A 20 -8.86 -0.65 4.86
C LYS A 20 -7.63 -0.43 5.74
N THR A 21 -7.59 0.70 6.44
CA THR A 21 -6.42 1.08 7.23
C THR A 21 -6.78 1.01 8.73
N LEU A 22 -6.17 0.07 9.45
CA LEU A 22 -6.37 -0.10 10.90
C LEU A 22 -5.23 0.60 11.66
N THR A 23 -5.59 1.26 12.77
CA THR A 23 -4.66 2.04 13.60
C THR A 23 -3.95 1.12 14.61
N THR A 24 -2.71 1.48 14.99
CA THR A 24 -1.85 0.64 15.85
C THR A 24 -1.38 1.48 17.06
N PRO A 25 -1.20 0.86 18.29
CA PRO A 25 -0.72 1.57 19.50
C PRO A 25 0.61 2.33 19.27
N ASN A 26 1.54 1.70 18.52
CA ASN A 26 2.78 2.34 18.07
C ASN A 26 2.47 3.35 16.93
N GLU A 27 2.64 4.65 17.24
CA GLU A 27 2.25 5.77 16.37
C GLU A 27 3.16 5.91 15.13
N ASN A 28 4.34 5.27 15.19
CA ASN A 28 5.36 5.32 14.12
C ASN A 28 5.15 4.20 13.10
N ALA A 29 4.04 3.46 13.24
CA ALA A 29 3.61 2.43 12.29
C ALA A 29 2.10 2.58 12.03
N LEU A 30 1.62 2.02 10.90
CA LEU A 30 0.19 2.03 10.55
C LEU A 30 -0.11 0.88 9.58
N LYS A 31 -1.12 0.07 9.93
CA LYS A 31 -1.45 -1.16 9.20
C LYS A 31 -2.48 -0.88 8.08
N PHE A 32 -2.04 -1.08 6.83
CA PHE A 32 -2.90 -1.07 5.63
C PHE A 32 -3.11 -2.52 5.19
N LEU A 33 -4.37 -2.94 5.06
CA LEU A 33 -4.74 -4.30 4.65
C LEU A 33 -5.78 -4.24 3.51
N SER A 34 -5.60 -5.09 2.48
CA SER A 34 -6.49 -5.13 1.33
C SER A 34 -7.60 -6.15 1.60
N THR A 35 -8.84 -5.67 1.75
CA THR A 35 -10.00 -6.51 2.12
C THR A 35 -10.51 -7.38 0.96
N ASP A 36 -9.93 -7.18 -0.25
CA ASP A 36 -10.15 -8.06 -1.40
C ASP A 36 -9.45 -9.42 -1.18
N GLY A 37 -8.33 -9.36 -0.45
CA GLY A 37 -7.46 -10.53 -0.22
C GLY A 37 -6.20 -10.47 -1.06
N GLU A 38 -5.66 -9.25 -1.25
CA GLU A 38 -4.42 -9.03 -2.01
C GLU A 38 -3.20 -9.27 -1.10
N MET A 39 -2.85 -10.55 -0.96
CA MET A 39 -1.73 -11.01 -0.13
C MET A 39 -0.40 -10.70 -0.84
N LEU A 40 0.57 -10.13 -0.10
CA LEU A 40 1.84 -9.66 -0.67
C LEU A 40 2.79 -10.85 -0.89
N GLN A 41 3.07 -11.58 0.21
CA GLN A 41 3.99 -12.73 0.23
C GLN A 41 3.16 -14.04 0.27
N THR A 42 3.77 -15.15 0.75
CA THR A 42 3.07 -16.43 1.02
C THR A 42 2.48 -16.38 2.45
N ARG A 43 1.32 -17.04 2.69
CA ARG A 43 0.67 -17.05 4.03
C ARG A 43 1.61 -17.68 5.09
N GLY A 44 2.00 -16.88 6.10
CA GLY A 44 2.89 -17.33 7.17
C GLY A 44 4.34 -16.89 6.98
N SER A 45 4.56 -15.88 6.12
CA SER A 45 5.91 -15.33 5.89
C SER A 45 6.35 -14.37 7.01
N LYS A 46 7.62 -13.94 6.95
CA LYS A 46 8.24 -13.03 7.93
C LYS A 46 7.99 -11.56 7.52
N SER A 47 7.99 -10.66 8.51
CA SER A 47 7.84 -9.22 8.30
C SER A 47 9.17 -8.62 7.78
N ILE A 48 9.31 -8.57 6.45
CA ILE A 48 10.53 -8.11 5.75
C ILE A 48 10.65 -6.59 5.88
N VAL A 49 11.63 -6.12 6.67
CA VAL A 49 11.82 -4.70 6.95
C VAL A 49 12.71 -4.09 5.85
N ILE A 50 12.13 -3.25 5.00
CA ILE A 50 12.85 -2.49 3.98
C ILE A 50 12.90 -1.03 4.44
N LYS A 51 14.08 -0.56 4.86
CA LYS A 51 14.25 0.82 5.37
C LYS A 51 14.65 1.75 4.22
N ASN A 52 14.54 3.06 4.46
CA ASN A 52 14.93 4.11 3.48
C ASN A 52 16.44 4.09 3.19
N THR A 53 17.23 3.56 4.14
CA THR A 53 18.69 3.40 3.99
C THR A 53 19.01 2.15 3.16
N ASP A 54 18.06 1.19 3.11
CA ASP A 54 18.17 -0.05 2.32
C ASP A 54 17.60 0.18 0.91
N GLU A 55 18.22 1.09 0.16
CA GLU A 55 17.80 1.43 -1.21
C GLU A 55 18.00 0.22 -2.15
N ASN A 56 18.91 -0.70 -1.77
CA ASN A 56 19.16 -1.96 -2.49
C ASN A 56 17.89 -2.87 -2.50
N LEU A 57 17.18 -2.90 -1.34
CA LEU A 57 15.92 -3.65 -1.21
C LEU A 57 14.79 -2.94 -1.98
N ILE A 58 14.78 -1.60 -1.88
CA ILE A 58 13.80 -0.72 -2.55
C ILE A 58 13.85 -0.88 -4.09
N ASN A 59 15.07 -1.07 -4.65
CA ASN A 59 15.27 -1.35 -6.09
C ASN A 59 14.53 -2.62 -6.55
N HIS A 60 14.45 -3.60 -5.64
CA HIS A 60 13.78 -4.91 -5.88
C HIS A 60 12.33 -4.90 -5.36
N SER A 61 11.80 -3.70 -5.06
CA SER A 61 10.45 -3.51 -4.51
C SER A 61 9.77 -2.30 -5.19
N LYS A 62 8.95 -2.57 -6.23
CA LYS A 62 8.26 -1.54 -7.04
C LYS A 62 7.37 -0.60 -6.18
N LEU A 63 6.63 -1.21 -5.24
CA LEU A 63 5.76 -0.49 -4.28
C LEU A 63 6.59 0.45 -3.38
N ALA A 64 7.79 -0.01 -2.95
CA ALA A 64 8.68 0.78 -2.06
C ALA A 64 9.16 2.05 -2.75
N GLN A 65 9.54 1.92 -4.04
CA GLN A 65 9.98 3.04 -4.89
C GLN A 65 8.90 4.14 -4.94
N GLN A 66 7.65 3.72 -5.19
CA GLN A 66 6.47 4.61 -5.22
C GLN A 66 6.20 5.30 -3.88
N ILE A 67 6.27 4.55 -2.77
CA ILE A 67 5.97 5.08 -1.42
C ILE A 67 7.00 6.14 -1.00
N PHE A 68 8.30 5.82 -1.14
CA PHE A 68 9.39 6.75 -0.78
C PHE A 68 9.47 7.95 -1.76
N LEU A 69 9.00 7.77 -3.01
CA LEU A 69 8.97 8.87 -4.03
C LEU A 69 7.90 9.91 -3.71
N GLN A 70 6.64 9.45 -3.65
CA GLN A 70 5.47 10.35 -3.54
C GLN A 70 5.25 10.79 -2.08
N CYS A 71 5.77 10.01 -1.13
CA CYS A 71 5.67 10.29 0.30
C CYS A 71 7.09 10.34 0.92
N PRO A 72 7.73 11.56 0.99
CA PRO A 72 9.12 11.71 1.52
C PRO A 72 9.21 11.54 3.05
N GLY A 73 8.05 11.48 3.74
CA GLY A 73 7.98 11.29 5.18
C GLY A 73 7.63 9.86 5.58
N VAL A 74 8.32 8.89 4.94
CA VAL A 74 8.28 7.47 5.32
C VAL A 74 9.71 6.99 5.64
N GLU A 75 9.91 6.41 6.84
CA GLU A 75 11.24 5.94 7.29
C GLU A 75 11.50 4.50 6.84
N SER A 76 10.49 3.64 6.95
CA SER A 76 10.64 2.21 6.71
C SER A 76 9.33 1.57 6.25
N LEU A 77 9.43 0.35 5.72
CA LEU A 77 8.30 -0.47 5.31
C LEU A 77 8.45 -1.85 5.95
N MET A 78 7.40 -2.33 6.58
CA MET A 78 7.33 -3.66 7.15
C MET A 78 6.40 -4.49 6.27
N ILE A 79 6.99 -5.33 5.42
CA ILE A 79 6.28 -6.14 4.44
C ILE A 79 5.79 -7.41 5.14
N GLY A 80 4.50 -7.43 5.51
CA GLY A 80 3.90 -8.62 6.07
C GLY A 80 3.47 -9.55 4.95
N ASP A 81 3.04 -10.76 5.32
CA ASP A 81 2.63 -11.77 4.35
C ASP A 81 1.31 -11.36 3.67
N ASP A 82 0.29 -11.03 4.49
CA ASP A 82 -1.01 -10.52 4.00
C ASP A 82 -1.05 -9.00 4.12
N PHE A 83 -0.51 -8.48 5.23
CA PHE A 83 -0.65 -7.06 5.62
C PHE A 83 0.55 -6.23 5.15
N LEU A 84 0.37 -4.91 5.14
CA LEU A 84 1.43 -3.94 4.83
C LEU A 84 1.45 -2.88 5.91
N THR A 85 2.53 -2.83 6.70
CA THR A 85 2.68 -1.86 7.78
C THR A 85 3.69 -0.78 7.36
N ILE A 86 3.21 0.43 7.12
CA ILE A 86 4.07 1.56 6.72
C ILE A 86 4.58 2.23 7.99
N ASN A 87 5.88 2.52 8.04
CA ASN A 87 6.53 3.12 9.21
C ASN A 87 7.03 4.52 8.86
N LYS A 88 6.77 5.51 9.74
CA LYS A 88 7.28 6.89 9.59
C LYS A 88 7.73 7.48 10.93
N ASP A 89 8.32 8.69 10.85
CA ASP A 89 8.73 9.47 12.02
C ASP A 89 7.54 10.31 12.51
N ARG A 90 7.46 10.54 13.83
CA ARG A 90 6.30 11.20 14.49
C ARG A 90 6.29 12.74 14.27
N MET A 91 7.32 13.28 13.58
CA MET A 91 7.32 14.71 13.19
C MET A 91 6.45 14.91 11.94
N VAL A 92 6.28 13.84 11.17
CA VAL A 92 5.44 13.82 9.96
C VAL A 92 4.06 13.22 10.32
N HIS A 93 2.98 13.77 9.73
CA HIS A 93 1.59 13.37 10.03
C HIS A 93 1.12 12.22 9.14
N TRP A 94 0.33 11.29 9.72
CA TRP A 94 -0.33 10.19 8.97
C TRP A 94 -1.47 10.75 8.09
N ASN A 95 -2.31 11.62 8.66
CA ASN A 95 -3.51 12.22 7.98
C ASN A 95 -3.17 12.81 6.60
N SER A 96 -1.93 13.33 6.47
CA SER A 96 -1.42 13.92 5.24
C SER A 96 -1.09 12.80 4.20
N ILE A 97 -0.26 11.83 4.63
CA ILE A 97 0.35 10.79 3.74
C ILE A 97 -0.64 9.62 3.46
N LYS A 98 -1.62 9.44 4.35
CA LYS A 98 -2.50 8.24 4.40
C LYS A 98 -3.33 8.02 3.11
N PRO A 99 -4.08 9.06 2.56
CA PRO A 99 -4.86 8.87 1.29
C PRO A 99 -3.94 8.53 0.08
N GLU A 100 -2.70 9.03 0.16
CA GLU A 100 -1.67 8.81 -0.86
C GLU A 100 -1.19 7.35 -0.87
N ILE A 101 -1.02 6.75 0.33
CA ILE A 101 -0.59 5.34 0.46
C ILE A 101 -1.72 4.41 -0.01
N ILE A 102 -2.97 4.70 0.43
CA ILE A 102 -4.18 3.97 0.00
C ILE A 102 -4.28 3.95 -1.54
N ASP A 103 -3.95 5.11 -2.16
CA ASP A 103 -4.00 5.29 -3.62
C ASP A 103 -2.83 4.56 -4.33
N LEU A 104 -1.62 4.57 -3.70
CA LEU A 104 -0.43 3.83 -4.19
C LEU A 104 -0.66 2.31 -4.16
N LEU A 105 -1.42 1.86 -3.15
CA LEU A 105 -1.85 0.46 -3.04
C LEU A 105 -2.89 0.13 -4.11
N THR A 106 -3.62 1.15 -4.61
CA THR A 106 -4.59 0.95 -5.70
C THR A 106 -3.83 0.92 -7.05
N LYS A 107 -2.72 1.69 -7.16
CA LYS A 107 -1.84 1.67 -8.35
C LYS A 107 -1.16 0.31 -8.52
N GLN A 108 -0.54 -0.19 -7.42
CA GLN A 108 0.29 -1.40 -7.41
C GLN A 108 -0.58 -2.66 -7.66
N LEU A 109 -1.61 -2.83 -6.80
CA LEU A 109 -2.48 -4.04 -6.79
C LEU A 109 -3.36 -4.15 -8.05
N ALA A 110 -3.43 -3.05 -8.85
CA ALA A 110 -4.11 -3.05 -10.17
C ALA A 110 -3.39 -3.99 -11.14
N TYR A 111 -2.06 -3.97 -11.08
CA TYR A 111 -1.19 -4.81 -11.94
C TYR A 111 -0.83 -6.12 -11.23
N GLY A 112 -0.59 -6.05 -9.91
CA GLY A 112 -0.28 -7.24 -9.13
C GLY A 112 -0.10 -6.98 -7.63
N GLU A 113 -0.22 -8.06 -6.86
CA GLU A 113 -0.09 -8.05 -5.39
C GLU A 113 1.38 -8.20 -4.95
N ASP A 114 2.23 -8.66 -5.89
CA ASP A 114 3.66 -8.84 -5.65
C ASP A 114 4.37 -7.49 -5.45
N VAL A 115 4.76 -7.23 -4.20
CA VAL A 115 5.64 -6.08 -3.85
C VAL A 115 7.09 -6.38 -4.31
N ILE A 116 7.51 -7.68 -4.24
CA ILE A 116 8.88 -8.12 -4.60
C ILE A 116 8.87 -8.85 -5.98
N SER A 117 8.62 -8.06 -7.05
CA SER A 117 8.69 -8.48 -8.48
C SER A 117 7.70 -9.60 -8.88
N LYS A 118 7.38 -9.67 -10.21
CA LYS A 118 6.42 -10.67 -10.74
C LYS A 118 6.58 -10.94 -12.25
N GLU A 119 7.67 -10.46 -12.86
CA GLU A 119 7.96 -10.72 -14.30
C GLU A 119 8.91 -11.97 -14.41
N MET A 1 -45.32 2.02 -40.22
CA MET A 1 -44.94 2.25 -38.80
C MET A 1 -44.08 1.08 -38.30
N GLY A 2 -42.98 1.40 -37.62
CA GLY A 2 -42.08 0.39 -37.05
C GLY A 2 -42.03 0.47 -35.53
N HIS A 3 -41.21 1.41 -35.01
CA HIS A 3 -41.00 1.62 -33.55
C HIS A 3 -40.50 0.36 -32.81
N HIS A 4 -39.87 -0.57 -33.56
CA HIS A 4 -39.25 -1.78 -32.97
C HIS A 4 -37.73 -1.71 -33.16
N HIS A 5 -37.09 -0.91 -32.30
CA HIS A 5 -35.63 -0.75 -32.25
C HIS A 5 -35.17 -1.07 -30.83
N HIS A 6 -34.89 -2.35 -30.57
CA HIS A 6 -34.64 -2.86 -29.22
C HIS A 6 -33.15 -3.17 -29.02
N HIS A 7 -32.51 -2.38 -28.14
CA HIS A 7 -31.13 -2.62 -27.67
C HIS A 7 -31.13 -2.50 -26.14
N HIS A 8 -30.76 -3.59 -25.46
CA HIS A 8 -30.64 -3.65 -23.99
C HIS A 8 -29.27 -4.28 -23.65
N SER A 9 -28.21 -3.61 -24.14
CA SER A 9 -26.81 -4.04 -23.95
C SER A 9 -26.03 -2.91 -23.25
N HIS A 10 -25.97 -2.99 -21.90
CA HIS A 10 -25.24 -2.02 -21.06
C HIS A 10 -24.41 -2.81 -20.04
N MET A 11 -23.21 -3.25 -20.46
CA MET A 11 -22.27 -3.95 -19.56
C MET A 11 -21.65 -2.94 -18.57
N ASN A 12 -22.40 -2.65 -17.49
CA ASN A 12 -21.96 -1.70 -16.45
C ASN A 12 -21.37 -2.48 -15.26
N SER A 13 -20.04 -2.42 -15.15
CA SER A 13 -19.28 -3.12 -14.11
C SER A 13 -17.83 -2.61 -14.10
N GLN A 14 -17.36 -2.15 -12.93
CA GLN A 14 -15.98 -1.71 -12.72
C GLN A 14 -15.67 -1.73 -11.23
N ARG A 15 -14.74 -2.60 -10.84
CA ARG A 15 -14.36 -2.82 -9.44
C ARG A 15 -13.20 -1.89 -9.07
N LEU A 16 -12.92 -1.79 -7.76
CA LEU A 16 -11.70 -1.17 -7.23
C LEU A 16 -11.17 -2.05 -6.10
N ILE A 17 -9.84 -2.20 -6.05
CA ILE A 17 -9.17 -2.95 -4.99
C ILE A 17 -9.22 -2.10 -3.71
N HIS A 18 -10.27 -2.34 -2.90
CA HIS A 18 -10.45 -1.65 -1.63
C HIS A 18 -9.35 -2.08 -0.66
N ILE A 19 -8.73 -1.10 -0.01
CA ILE A 19 -7.64 -1.31 0.93
C ILE A 19 -8.18 -0.90 2.31
N LYS A 20 -8.10 -1.81 3.25
CA LYS A 20 -8.59 -1.59 4.61
C LYS A 20 -7.43 -1.02 5.43
N THR A 21 -7.73 -0.36 6.55
CA THR A 21 -6.71 0.19 7.46
C THR A 21 -7.13 -0.10 8.89
N LEU A 22 -6.18 -0.60 9.69
CA LEU A 22 -6.37 -0.90 11.11
C LEU A 22 -5.41 0.01 11.90
N THR A 23 -5.88 0.56 13.02
CA THR A 23 -5.04 1.36 13.93
C THR A 23 -4.01 0.46 14.65
N THR A 24 -2.91 1.06 15.09
CA THR A 24 -1.80 0.36 15.74
C THR A 24 -1.42 1.12 17.04
N PRO A 25 -0.91 0.42 18.10
CA PRO A 25 -0.52 1.07 19.39
C PRO A 25 0.75 1.96 19.27
N ASN A 26 1.44 1.86 18.11
CA ASN A 26 2.61 2.72 17.79
C ASN A 26 2.17 3.86 16.84
N GLU A 27 2.50 5.10 17.21
CA GLU A 27 2.10 6.33 16.49
C GLU A 27 2.77 6.47 15.10
N ASN A 28 4.03 6.03 14.99
CA ASN A 28 4.80 6.09 13.73
C ASN A 28 4.39 4.96 12.78
N ALA A 29 3.70 3.94 13.32
CA ALA A 29 3.26 2.74 12.57
C ALA A 29 1.77 2.86 12.23
N LEU A 30 1.37 2.23 11.11
CA LEU A 30 -0.04 2.08 10.72
C LEU A 30 -0.14 0.95 9.71
N LYS A 31 -0.90 -0.11 10.05
CA LYS A 31 -1.03 -1.28 9.18
C LYS A 31 -2.24 -1.11 8.22
N PHE A 32 -1.99 -1.36 6.94
CA PHE A 32 -3.02 -1.36 5.89
C PHE A 32 -3.29 -2.82 5.54
N LEU A 33 -4.54 -3.26 5.72
CA LEU A 33 -4.90 -4.67 5.59
C LEU A 33 -5.50 -4.89 4.18
N SER A 34 -4.90 -5.81 3.43
CA SER A 34 -5.36 -6.18 2.09
C SER A 34 -6.36 -7.33 2.22
N THR A 35 -7.65 -7.00 2.01
CA THR A 35 -8.77 -7.94 2.21
C THR A 35 -9.81 -7.84 1.06
N ASP A 36 -9.46 -7.07 0.02
CA ASP A 36 -10.28 -6.93 -1.19
C ASP A 36 -9.33 -6.76 -2.39
N GLY A 37 -9.69 -7.38 -3.52
CA GLY A 37 -8.83 -7.44 -4.68
C GLY A 37 -7.79 -8.54 -4.55
N GLU A 38 -6.63 -8.20 -3.97
CA GLU A 38 -5.52 -9.14 -3.72
C GLU A 38 -4.98 -8.95 -2.29
N MET A 39 -3.95 -9.75 -1.95
CA MET A 39 -3.04 -9.49 -0.82
C MET A 39 -1.65 -9.17 -1.39
N LEU A 40 -0.81 -8.56 -0.55
CA LEU A 40 0.52 -8.07 -0.93
C LEU A 40 1.50 -9.22 -1.19
N GLN A 41 1.38 -10.25 -0.35
CA GLN A 41 2.24 -11.44 -0.38
C GLN A 41 1.38 -12.64 0.08
N THR A 42 1.56 -13.82 -0.55
CA THR A 42 0.76 -15.03 -0.27
C THR A 42 0.93 -15.47 1.20
N ARG A 43 -0.13 -15.26 2.02
CA ARG A 43 -0.08 -15.36 3.50
C ARG A 43 0.45 -16.72 3.97
N GLY A 44 1.70 -16.69 4.48
CA GLY A 44 2.39 -17.89 4.94
C GLY A 44 3.89 -17.67 5.13
N SER A 45 4.39 -16.49 4.71
CA SER A 45 5.81 -16.09 4.88
C SER A 45 5.93 -15.06 6.05
N LYS A 46 7.11 -14.44 6.16
CA LYS A 46 7.44 -13.42 7.19
C LYS A 46 7.20 -11.99 6.66
N SER A 47 7.43 -11.00 7.54
CA SER A 47 7.41 -9.58 7.20
C SER A 47 8.83 -9.11 6.81
N ILE A 48 8.94 -8.44 5.65
CA ILE A 48 10.22 -7.95 5.08
C ILE A 48 10.39 -6.46 5.46
N VAL A 49 11.45 -6.09 6.20
CA VAL A 49 11.69 -4.70 6.61
C VAL A 49 12.57 -3.98 5.56
N ILE A 50 11.96 -3.03 4.83
CA ILE A 50 12.64 -2.18 3.82
C ILE A 50 12.89 -0.79 4.45
N LYS A 51 14.15 -0.47 4.74
CA LYS A 51 14.54 0.82 5.34
C LYS A 51 14.91 1.82 4.23
N ASN A 52 14.71 3.12 4.50
CA ASN A 52 15.03 4.21 3.55
C ASN A 52 16.55 4.36 3.30
N THR A 53 17.34 3.89 4.28
CA THR A 53 18.82 3.93 4.24
C THR A 53 19.41 2.71 3.49
N ASP A 54 18.55 1.74 3.11
CA ASP A 54 18.97 0.56 2.35
C ASP A 54 18.37 0.61 0.93
N GLU A 55 19.12 1.25 0.01
CA GLU A 55 18.73 1.40 -1.41
C GLU A 55 18.37 0.05 -2.05
N ASN A 56 19.08 -1.02 -1.63
CA ASN A 56 18.92 -2.39 -2.15
C ASN A 56 17.47 -2.88 -1.97
N LEU A 57 16.98 -2.78 -0.72
CA LEU A 57 15.63 -3.26 -0.33
C LEU A 57 14.52 -2.45 -1.05
N ILE A 58 14.80 -1.15 -1.26
CA ILE A 58 13.87 -0.21 -1.93
C ILE A 58 13.78 -0.55 -3.44
N ASN A 59 14.95 -0.74 -4.07
CA ASN A 59 15.09 -1.02 -5.51
C ASN A 59 14.40 -2.32 -5.95
N HIS A 60 14.13 -3.23 -4.98
CA HIS A 60 13.32 -4.43 -5.24
C HIS A 60 11.86 -4.05 -5.50
N SER A 61 11.29 -3.31 -4.55
CA SER A 61 9.86 -2.97 -4.53
C SER A 61 9.63 -1.61 -5.19
N LYS A 62 9.04 -1.60 -6.40
CA LYS A 62 8.64 -0.37 -7.10
C LYS A 62 7.63 0.42 -6.23
N LEU A 63 6.80 -0.34 -5.48
CA LEU A 63 5.80 0.20 -4.52
C LEU A 63 6.48 1.05 -3.44
N ALA A 64 7.59 0.51 -2.88
CA ALA A 64 8.40 1.19 -1.86
C ALA A 64 8.94 2.52 -2.38
N GLN A 65 9.48 2.47 -3.62
CA GLN A 65 10.06 3.63 -4.31
C GLN A 65 9.03 4.76 -4.49
N GLN A 66 7.78 4.36 -4.81
CA GLN A 66 6.65 5.30 -4.93
C GLN A 66 6.30 5.92 -3.56
N ILE A 67 6.21 5.10 -2.48
CA ILE A 67 5.84 5.58 -1.12
C ILE A 67 6.84 6.68 -0.64
N PHE A 68 8.15 6.43 -0.87
CA PHE A 68 9.22 7.40 -0.56
C PHE A 68 9.16 8.63 -1.49
N LEU A 69 8.72 8.43 -2.75
CA LEU A 69 8.51 9.53 -3.72
C LEU A 69 7.32 10.43 -3.30
N GLN A 70 6.29 9.82 -2.68
CA GLN A 70 5.08 10.55 -2.26
C GLN A 70 5.39 11.36 -0.98
N CYS A 71 6.15 10.73 -0.07
CA CYS A 71 6.51 11.31 1.24
C CYS A 71 7.87 10.71 1.67
N PRO A 72 9.01 11.48 1.51
CA PRO A 72 10.37 11.05 1.97
C PRO A 72 10.52 10.96 3.52
N GLY A 73 9.42 11.25 4.26
CA GLY A 73 9.43 11.22 5.73
C GLY A 73 9.28 9.81 6.30
N VAL A 74 9.06 8.82 5.43
CA VAL A 74 8.95 7.41 5.83
C VAL A 74 10.34 6.84 6.18
N GLU A 75 10.45 6.24 7.39
CA GLU A 75 11.73 5.70 7.92
C GLU A 75 11.96 4.26 7.42
N SER A 76 10.90 3.44 7.48
CA SER A 76 10.94 2.04 7.03
C SER A 76 9.53 1.54 6.68
N LEU A 77 9.50 0.40 6.01
CA LEU A 77 8.28 -0.29 5.59
C LEU A 77 8.37 -1.72 6.11
N MET A 78 7.34 -2.18 6.81
CA MET A 78 7.24 -3.57 7.25
C MET A 78 6.22 -4.26 6.34
N ILE A 79 6.76 -4.93 5.32
CA ILE A 79 5.98 -5.58 4.26
C ILE A 79 5.40 -6.89 4.82
N GLY A 80 4.13 -6.87 5.19
CA GLY A 80 3.46 -8.07 5.65
C GLY A 80 2.86 -8.83 4.48
N ASP A 81 2.33 -10.01 4.76
CA ASP A 81 1.66 -10.82 3.75
C ASP A 81 0.26 -10.25 3.47
N ASP A 82 -0.52 -10.16 4.54
CA ASP A 82 -1.93 -9.75 4.49
C ASP A 82 -2.10 -8.27 4.92
N PHE A 83 -1.01 -7.65 5.42
CA PHE A 83 -1.04 -6.26 5.95
C PHE A 83 0.23 -5.49 5.53
N LEU A 84 0.27 -4.17 5.80
CA LEU A 84 1.45 -3.33 5.50
C LEU A 84 1.63 -2.28 6.60
N THR A 85 2.65 -2.46 7.44
CA THR A 85 2.90 -1.57 8.59
C THR A 85 3.93 -0.52 8.19
N ILE A 86 3.46 0.70 7.92
CA ILE A 86 4.30 1.81 7.47
C ILE A 86 4.86 2.54 8.69
N ASN A 87 6.19 2.63 8.78
CA ASN A 87 6.89 3.30 9.88
C ASN A 87 7.49 4.60 9.35
N LYS A 88 6.98 5.74 9.83
CA LYS A 88 7.39 7.08 9.35
C LYS A 88 7.91 7.93 10.51
N ASP A 89 8.35 9.15 10.20
CA ASP A 89 8.87 10.11 11.20
C ASP A 89 7.71 10.74 11.96
N ARG A 90 7.86 10.87 13.29
CA ARG A 90 6.77 11.29 14.19
C ARG A 90 6.35 12.76 13.99
N MET A 91 7.24 13.58 13.41
CA MET A 91 6.94 15.00 13.09
C MET A 91 6.13 15.11 11.77
N VAL A 92 6.24 14.07 10.92
CA VAL A 92 5.48 13.96 9.66
C VAL A 92 4.15 13.25 9.95
N HIS A 93 3.05 13.66 9.31
CA HIS A 93 1.68 13.19 9.65
C HIS A 93 1.07 12.30 8.53
N TRP A 94 0.10 11.45 8.93
CA TRP A 94 -0.57 10.46 8.04
C TRP A 94 -1.49 11.12 7.00
N ASN A 95 -2.00 12.32 7.29
CA ASN A 95 -2.94 13.03 6.39
C ASN A 95 -2.29 13.29 5.00
N SER A 96 -0.95 13.33 4.99
CA SER A 96 -0.14 13.51 3.78
C SER A 96 0.21 12.16 3.13
N ILE A 97 0.57 11.15 3.95
CA ILE A 97 1.22 9.90 3.47
C ILE A 97 0.17 8.81 3.14
N LYS A 98 -0.76 8.59 4.11
CA LYS A 98 -1.79 7.52 4.06
C LYS A 98 -2.62 7.48 2.74
N PRO A 99 -3.26 8.63 2.25
CA PRO A 99 -4.07 8.60 0.99
C PRO A 99 -3.25 8.08 -0.22
N GLU A 100 -1.97 8.44 -0.23
CA GLU A 100 -1.01 8.04 -1.28
C GLU A 100 -0.78 6.52 -1.23
N ILE A 101 -0.55 6.00 -0.01
CA ILE A 101 -0.26 4.57 0.23
C ILE A 101 -1.45 3.70 -0.22
N ILE A 102 -2.68 4.10 0.19
CA ILE A 102 -3.92 3.40 -0.17
C ILE A 102 -4.07 3.32 -1.71
N ASP A 103 -3.82 4.47 -2.38
CA ASP A 103 -3.87 4.59 -3.85
C ASP A 103 -2.87 3.63 -4.53
N LEU A 104 -1.63 3.63 -4.03
CA LEU A 104 -0.52 2.80 -4.56
C LEU A 104 -0.82 1.29 -4.42
N LEU A 105 -1.41 0.92 -3.26
CA LEU A 105 -1.81 -0.47 -2.95
C LEU A 105 -3.03 -0.90 -3.80
N THR A 106 -3.88 0.07 -4.20
CA THR A 106 -5.08 -0.20 -5.01
C THR A 106 -4.67 -0.51 -6.46
N LYS A 107 -3.79 0.33 -7.00
CA LYS A 107 -3.37 0.27 -8.42
C LYS A 107 -2.38 -0.89 -8.66
N GLN A 108 -1.50 -1.18 -7.65
CA GLN A 108 -0.56 -2.33 -7.71
C GLN A 108 -1.33 -3.64 -7.87
N LEU A 109 -2.26 -3.87 -6.93
CA LEU A 109 -3.04 -5.11 -6.85
C LEU A 109 -4.10 -5.19 -7.97
N ALA A 110 -4.40 -4.02 -8.60
CA ALA A 110 -5.26 -3.95 -9.81
C ALA A 110 -4.54 -4.57 -11.01
N TYR A 111 -3.25 -4.20 -11.18
CA TYR A 111 -2.37 -4.81 -12.20
C TYR A 111 -1.95 -6.24 -11.76
N GLY A 112 -2.09 -6.53 -10.45
CA GLY A 112 -1.73 -7.81 -9.87
C GLY A 112 -0.23 -7.97 -9.75
N GLU A 113 0.44 -6.91 -9.28
CA GLU A 113 1.92 -6.85 -9.14
C GLU A 113 2.36 -7.38 -7.77
N ASP A 114 3.68 -7.46 -7.62
CA ASP A 114 4.36 -7.97 -6.42
C ASP A 114 5.03 -6.81 -5.69
N VAL A 115 4.77 -6.65 -4.39
CA VAL A 115 5.61 -5.78 -3.54
C VAL A 115 6.92 -6.53 -3.25
N ILE A 116 6.81 -7.76 -2.73
CA ILE A 116 7.91 -8.72 -2.63
C ILE A 116 7.44 -10.00 -3.33
N SER A 117 8.18 -10.41 -4.37
CA SER A 117 7.83 -11.55 -5.23
C SER A 117 8.22 -12.89 -4.56
N LYS A 118 7.98 -13.99 -5.31
CA LYS A 118 8.42 -15.36 -4.95
C LYS A 118 9.89 -15.61 -5.42
N GLU A 119 10.61 -14.51 -5.74
CA GLU A 119 12.02 -14.54 -6.16
C GLU A 119 12.92 -14.85 -4.93
N MET A 1 -36.57 38.13 -24.71
CA MET A 1 -37.51 37.15 -24.12
C MET A 1 -37.12 35.75 -24.59
N GLY A 2 -36.88 34.84 -23.62
CA GLY A 2 -36.50 33.45 -23.90
C GLY A 2 -35.36 32.98 -23.00
N HIS A 3 -35.61 31.89 -22.23
CA HIS A 3 -34.60 31.25 -21.38
C HIS A 3 -35.02 29.78 -21.08
N HIS A 4 -34.37 28.84 -21.76
CA HIS A 4 -34.63 27.40 -21.62
C HIS A 4 -33.30 26.63 -21.76
N HIS A 5 -32.64 26.35 -20.63
CA HIS A 5 -31.36 25.62 -20.58
C HIS A 5 -31.52 24.39 -19.67
N HIS A 6 -31.53 23.18 -20.27
CA HIS A 6 -31.68 21.89 -19.55
C HIS A 6 -30.67 20.88 -20.12
N HIS A 7 -29.38 21.21 -19.95
CA HIS A 7 -28.26 20.38 -20.45
C HIS A 7 -27.76 19.46 -19.32
N HIS A 8 -27.52 18.17 -19.64
CA HIS A 8 -27.08 17.16 -18.66
C HIS A 8 -25.83 16.43 -19.19
N SER A 9 -24.83 16.20 -18.31
CA SER A 9 -23.57 15.53 -18.68
C SER A 9 -22.78 15.14 -17.40
N HIS A 10 -22.46 13.84 -17.25
CA HIS A 10 -21.62 13.32 -16.16
C HIS A 10 -20.99 11.97 -16.58
N MET A 11 -19.69 11.79 -16.27
CA MET A 11 -18.94 10.56 -16.56
C MET A 11 -17.79 10.43 -15.55
N ASN A 12 -18.01 9.63 -14.49
CA ASN A 12 -17.06 9.49 -13.38
C ASN A 12 -17.20 8.09 -12.76
N SER A 13 -16.12 7.28 -12.84
CA SER A 13 -16.10 5.92 -12.28
C SER A 13 -14.73 5.67 -11.61
N GLN A 14 -14.67 5.93 -10.30
CA GLN A 14 -13.50 5.66 -9.47
C GLN A 14 -13.57 4.23 -8.90
N ARG A 15 -12.56 3.42 -9.25
CA ARG A 15 -12.39 2.06 -8.70
C ARG A 15 -11.27 2.08 -7.66
N LEU A 16 -11.63 1.72 -6.43
CA LEU A 16 -10.71 1.63 -5.30
C LEU A 16 -10.76 0.20 -4.76
N ILE A 17 -9.59 -0.43 -4.67
CA ILE A 17 -9.42 -1.74 -4.05
C ILE A 17 -9.55 -1.54 -2.53
N HIS A 18 -10.30 -2.43 -1.86
CA HIS A 18 -10.66 -2.26 -0.46
C HIS A 18 -9.41 -2.40 0.43
N ILE A 19 -8.95 -1.23 0.93
CA ILE A 19 -7.74 -1.11 1.74
C ILE A 19 -8.18 -0.55 3.09
N LYS A 20 -8.11 -1.39 4.12
CA LYS A 20 -8.60 -1.07 5.46
C LYS A 20 -7.45 -0.50 6.29
N THR A 21 -7.60 0.75 6.75
CA THR A 21 -6.57 1.44 7.54
C THR A 21 -6.82 1.19 9.03
N LEU A 22 -5.85 0.54 9.69
CA LEU A 22 -5.94 0.09 11.08
C LEU A 22 -4.77 0.68 11.89
N THR A 23 -5.05 1.09 13.13
CA THR A 23 -4.03 1.63 14.02
C THR A 23 -3.25 0.49 14.71
N THR A 24 -2.00 0.78 15.08
CA THR A 24 -1.07 -0.17 15.73
C THR A 24 -0.78 0.32 17.17
N PRO A 25 -0.11 -0.51 18.05
CA PRO A 25 0.41 -0.02 19.36
C PRO A 25 1.46 1.13 19.23
N ASN A 26 1.93 1.36 17.98
CA ASN A 26 2.86 2.45 17.65
C ASN A 26 2.09 3.69 17.14
N GLU A 27 2.67 4.88 17.35
CA GLU A 27 2.14 6.15 16.83
C GLU A 27 2.59 6.35 15.36
N ASN A 28 3.89 6.09 15.12
CA ASN A 28 4.54 6.33 13.81
C ASN A 28 4.48 5.07 12.93
N ALA A 29 3.44 4.25 13.12
CA ALA A 29 3.12 3.11 12.26
C ALA A 29 1.61 3.05 12.06
N LEU A 30 1.16 2.99 10.79
CA LEU A 30 -0.25 2.81 10.43
C LEU A 30 -0.35 1.66 9.45
N LYS A 31 -1.20 0.68 9.79
CA LYS A 31 -1.39 -0.53 9.01
C LYS A 31 -2.39 -0.28 7.86
N PHE A 32 -2.02 -0.74 6.66
CA PHE A 32 -2.90 -0.77 5.49
C PHE A 32 -3.09 -2.24 5.09
N LEU A 33 -4.35 -2.69 5.03
CA LEU A 33 -4.72 -4.11 4.89
C LEU A 33 -5.51 -4.35 3.58
N SER A 34 -5.09 -5.35 2.79
CA SER A 34 -5.80 -5.76 1.56
C SER A 34 -6.82 -6.85 1.94
N THR A 35 -8.11 -6.60 1.66
CA THR A 35 -9.22 -7.39 2.24
C THR A 35 -9.93 -8.31 1.23
N ASP A 36 -9.92 -7.95 -0.07
CA ASP A 36 -10.66 -8.71 -1.10
C ASP A 36 -9.98 -10.07 -1.39
N GLY A 37 -8.63 -10.06 -1.37
CA GLY A 37 -7.85 -11.29 -1.52
C GLY A 37 -6.42 -11.05 -2.02
N GLU A 38 -6.04 -9.78 -2.25
CA GLU A 38 -4.77 -9.41 -2.89
C GLU A 38 -3.60 -9.50 -1.89
N MET A 39 -3.04 -10.70 -1.70
CA MET A 39 -1.93 -10.92 -0.77
C MET A 39 -0.60 -10.42 -1.38
N LEU A 40 0.06 -9.53 -0.63
CA LEU A 40 1.31 -8.87 -1.01
C LEU A 40 2.49 -9.86 -1.12
N GLN A 41 2.43 -10.88 -0.27
CA GLN A 41 3.47 -11.89 -0.11
C GLN A 41 2.79 -13.22 0.26
N THR A 42 3.43 -14.35 -0.06
CA THR A 42 2.82 -15.69 0.15
C THR A 42 2.86 -16.07 1.64
N ARG A 43 1.68 -16.48 2.17
CA ARG A 43 1.47 -16.92 3.58
C ARG A 43 2.51 -18.00 3.98
N GLY A 44 3.58 -17.57 4.65
CA GLY A 44 4.66 -18.46 5.08
C GLY A 44 6.02 -17.81 5.00
N SER A 45 6.12 -16.75 4.18
CA SER A 45 7.33 -15.91 4.07
C SER A 45 7.29 -14.83 5.16
N LYS A 46 8.37 -14.76 5.97
CA LYS A 46 8.47 -13.79 7.09
C LYS A 46 8.43 -12.32 6.58
N SER A 47 7.82 -11.44 7.40
CA SER A 47 7.57 -10.03 7.05
C SER A 47 8.89 -9.26 6.83
N ILE A 48 9.13 -8.83 5.58
CA ILE A 48 10.38 -8.19 5.16
C ILE A 48 10.36 -6.70 5.53
N VAL A 49 11.27 -6.29 6.43
CA VAL A 49 11.37 -4.89 6.89
C VAL A 49 12.35 -4.13 5.99
N ILE A 50 11.81 -3.22 5.15
CA ILE A 50 12.60 -2.40 4.24
C ILE A 50 12.85 -1.04 4.89
N LYS A 51 14.10 -0.77 5.28
CA LYS A 51 14.48 0.49 5.95
C LYS A 51 14.96 1.53 4.91
N ASN A 52 14.96 2.82 5.31
CA ASN A 52 15.28 3.94 4.40
C ASN A 52 16.74 3.93 3.88
N THR A 53 17.66 3.32 4.65
CA THR A 53 19.07 3.18 4.23
C THR A 53 19.26 1.93 3.33
N ASP A 54 18.24 1.05 3.29
CA ASP A 54 18.29 -0.20 2.51
C ASP A 54 17.95 0.07 1.05
N GLU A 55 18.88 0.77 0.39
CA GLU A 55 18.84 1.12 -1.04
C GLU A 55 18.54 -0.12 -1.92
N ASN A 56 19.14 -1.25 -1.52
CA ASN A 56 18.97 -2.56 -2.19
C ASN A 56 17.49 -2.98 -2.17
N LEU A 57 16.87 -2.94 -0.98
CA LEU A 57 15.49 -3.42 -0.77
C LEU A 57 14.45 -2.45 -1.36
N ILE A 58 14.80 -1.15 -1.40
CA ILE A 58 13.97 -0.11 -2.03
C ILE A 58 13.94 -0.36 -3.55
N ASN A 59 15.12 -0.56 -4.19
CA ASN A 59 15.19 -0.85 -5.65
C ASN A 59 14.57 -2.23 -5.99
N HIS A 60 14.52 -3.16 -5.01
CA HIS A 60 13.88 -4.49 -5.20
C HIS A 60 12.35 -4.40 -5.06
N SER A 61 11.82 -3.39 -4.34
CA SER A 61 10.37 -3.19 -4.17
C SER A 61 9.95 -1.86 -4.83
N LYS A 62 9.24 -1.93 -5.97
CA LYS A 62 8.78 -0.75 -6.72
C LYS A 62 7.77 0.07 -5.87
N LEU A 63 7.00 -0.63 -5.03
CA LEU A 63 6.07 -0.01 -4.05
C LEU A 63 6.86 0.87 -3.06
N ALA A 64 8.03 0.37 -2.60
CA ALA A 64 8.90 1.11 -1.68
C ALA A 64 9.32 2.46 -2.30
N GLN A 65 9.74 2.39 -3.58
CA GLN A 65 10.18 3.56 -4.36
C GLN A 65 9.04 4.60 -4.46
N GLN A 66 7.81 4.10 -4.76
CA GLN A 66 6.60 4.94 -4.84
C GLN A 66 6.29 5.66 -3.51
N ILE A 67 6.21 4.91 -2.39
CA ILE A 67 5.81 5.47 -1.07
C ILE A 67 6.85 6.50 -0.55
N PHE A 68 8.15 6.20 -0.76
CA PHE A 68 9.26 7.12 -0.44
C PHE A 68 9.24 8.37 -1.35
N LEU A 69 8.76 8.23 -2.60
CA LEU A 69 8.65 9.34 -3.56
C LEU A 69 7.53 10.32 -3.13
N GLN A 70 6.33 9.75 -2.91
CA GLN A 70 5.11 10.52 -2.61
C GLN A 70 5.21 11.15 -1.20
N CYS A 71 5.95 10.49 -0.30
CA CYS A 71 6.19 10.98 1.07
C CYS A 71 7.63 10.59 1.49
N PRO A 72 8.64 11.50 1.34
CA PRO A 72 10.04 11.26 1.81
C PRO A 72 10.18 11.10 3.35
N GLY A 73 9.08 11.29 4.08
CA GLY A 73 9.07 11.17 5.54
C GLY A 73 8.83 9.75 6.04
N VAL A 74 8.85 8.76 5.13
CA VAL A 74 8.76 7.33 5.47
C VAL A 74 10.06 6.89 6.16
N GLU A 75 9.94 6.32 7.37
CA GLU A 75 11.11 5.86 8.15
C GLU A 75 11.46 4.42 7.71
N SER A 76 10.48 3.51 7.81
CA SER A 76 10.64 2.09 7.46
C SER A 76 9.33 1.49 6.91
N LEU A 77 9.44 0.30 6.33
CA LEU A 77 8.31 -0.47 5.79
C LEU A 77 8.33 -1.88 6.39
N MET A 78 7.15 -2.50 6.57
CA MET A 78 7.03 -3.91 6.93
C MET A 78 6.10 -4.57 5.89
N ILE A 79 6.68 -5.43 5.06
CA ILE A 79 5.97 -6.15 4.00
C ILE A 79 5.43 -7.46 4.60
N GLY A 80 4.13 -7.50 4.88
CA GLY A 80 3.49 -8.70 5.39
C GLY A 80 2.95 -9.56 4.26
N ASP A 81 2.41 -10.73 4.63
CA ASP A 81 1.82 -11.67 3.66
C ASP A 81 0.53 -11.09 3.09
N ASP A 82 -0.42 -10.84 3.98
CA ASP A 82 -1.75 -10.32 3.66
C ASP A 82 -1.86 -8.83 4.04
N PHE A 83 -0.94 -8.36 4.90
CA PHE A 83 -1.00 -7.02 5.51
C PHE A 83 0.20 -6.15 5.11
N LEU A 84 0.11 -4.86 5.40
CA LEU A 84 1.21 -3.89 5.18
C LEU A 84 1.25 -2.89 6.35
N THR A 85 2.46 -2.49 6.77
CA THR A 85 2.65 -1.46 7.81
C THR A 85 3.68 -0.42 7.32
N ILE A 86 3.25 0.85 7.19
CA ILE A 86 4.11 1.93 6.68
C ILE A 86 4.48 2.89 7.82
N ASN A 87 5.75 2.84 8.25
CA ASN A 87 6.27 3.70 9.34
C ASN A 87 6.67 5.08 8.81
N LYS A 88 6.49 6.13 9.64
CA LYS A 88 6.94 7.51 9.34
C LYS A 88 7.87 8.01 10.45
N ASP A 89 8.48 9.18 10.19
CA ASP A 89 9.10 9.99 11.24
C ASP A 89 7.99 10.75 11.99
N ARG A 90 8.20 11.02 13.29
CA ARG A 90 7.20 11.65 14.16
C ARG A 90 6.84 13.08 13.71
N MET A 91 7.75 13.74 12.97
CA MET A 91 7.57 15.14 12.52
C MET A 91 6.53 15.23 11.36
N VAL A 92 6.26 14.08 10.70
CA VAL A 92 5.38 14.01 9.52
C VAL A 92 3.99 13.49 9.94
N HIS A 93 2.91 14.11 9.41
CA HIS A 93 1.51 13.80 9.78
C HIS A 93 0.85 12.84 8.78
N TRP A 94 -0.08 12.00 9.30
CA TRP A 94 -0.74 10.91 8.56
C TRP A 94 -1.80 11.40 7.56
N ASN A 95 -2.53 12.47 7.94
CA ASN A 95 -3.68 13.01 7.18
C ASN A 95 -3.37 13.29 5.69
N SER A 96 -2.10 13.61 5.40
CA SER A 96 -1.63 13.94 4.06
C SER A 96 -1.32 12.65 3.27
N ILE A 97 -0.79 11.66 3.98
CA ILE A 97 -0.12 10.50 3.39
C ILE A 97 -1.10 9.33 3.10
N LYS A 98 -2.18 9.24 3.91
CA LYS A 98 -3.16 8.14 3.81
C LYS A 98 -3.74 7.98 2.36
N PRO A 99 -4.30 9.07 1.69
CA PRO A 99 -4.82 8.94 0.29
C PRO A 99 -3.72 8.51 -0.70
N GLU A 100 -2.46 8.92 -0.44
CA GLU A 100 -1.31 8.56 -1.28
C GLU A 100 -1.06 7.03 -1.24
N ILE A 101 -0.95 6.47 -0.03
CA ILE A 101 -0.63 5.03 0.17
C ILE A 101 -1.79 4.14 -0.35
N ILE A 102 -3.05 4.53 -0.02
CA ILE A 102 -4.25 3.80 -0.47
C ILE A 102 -4.30 3.73 -2.03
N ASP A 103 -3.93 4.85 -2.69
CA ASP A 103 -3.89 4.93 -4.17
C ASP A 103 -2.79 4.00 -4.74
N LEU A 104 -1.58 4.05 -4.15
CA LEU A 104 -0.41 3.24 -4.60
C LEU A 104 -0.69 1.73 -4.44
N LEU A 105 -1.45 1.38 -3.39
CA LEU A 105 -1.88 0.00 -3.13
C LEU A 105 -2.96 -0.41 -4.15
N THR A 106 -3.83 0.52 -4.54
CA THR A 106 -4.90 0.24 -5.52
C THR A 106 -4.30 0.08 -6.93
N LYS A 107 -3.21 0.83 -7.21
CA LYS A 107 -2.43 0.73 -8.45
C LYS A 107 -1.73 -0.64 -8.52
N GLN A 108 -0.90 -0.93 -7.49
CA GLN A 108 -0.08 -2.16 -7.40
C GLN A 108 -0.92 -3.42 -7.59
N LEU A 109 -1.97 -3.55 -6.75
CA LEU A 109 -2.82 -4.73 -6.70
C LEU A 109 -3.69 -4.86 -7.98
N ALA A 110 -3.80 -3.76 -8.77
CA ALA A 110 -4.50 -3.76 -10.07
C ALA A 110 -3.63 -4.34 -11.19
N TYR A 111 -2.31 -4.36 -10.98
CA TYR A 111 -1.34 -4.97 -11.92
C TYR A 111 -0.91 -6.38 -11.44
N GLY A 112 -0.94 -6.57 -10.12
CA GLY A 112 -0.55 -7.84 -9.48
C GLY A 112 -0.59 -7.75 -7.97
N GLU A 113 -1.05 -8.84 -7.31
CA GLU A 113 -1.21 -8.91 -5.84
C GLU A 113 0.12 -8.69 -5.11
N ASP A 114 1.21 -9.17 -5.73
CA ASP A 114 2.54 -9.17 -5.12
C ASP A 114 3.17 -7.76 -5.12
N VAL A 115 3.72 -7.39 -3.97
CA VAL A 115 4.74 -6.34 -3.87
C VAL A 115 6.11 -7.01 -4.09
N ILE A 116 6.30 -8.16 -3.43
CA ILE A 116 7.52 -8.97 -3.49
C ILE A 116 7.09 -10.43 -3.68
N SER A 117 7.53 -11.05 -4.78
CA SER A 117 7.34 -12.48 -5.04
C SER A 117 8.45 -13.26 -4.29
N LYS A 118 8.36 -13.26 -2.95
CA LYS A 118 9.34 -13.90 -2.07
C LYS A 118 9.02 -15.40 -1.91
N GLU A 119 9.64 -16.21 -2.77
CA GLU A 119 9.60 -17.68 -2.72
C GLU A 119 10.78 -18.19 -3.58
N MET A 1 -25.18 -28.07 -46.18
CA MET A 1 -25.12 -27.17 -44.98
C MET A 1 -24.00 -26.12 -45.16
N GLY A 2 -24.08 -25.01 -44.40
CA GLY A 2 -23.06 -23.96 -44.44
C GLY A 2 -23.64 -22.60 -44.11
N HIS A 3 -24.56 -22.57 -43.12
CA HIS A 3 -25.19 -21.33 -42.64
C HIS A 3 -24.41 -20.81 -41.42
N HIS A 4 -23.14 -20.46 -41.66
CA HIS A 4 -22.18 -20.06 -40.62
C HIS A 4 -22.31 -18.56 -40.29
N HIS A 5 -22.92 -18.27 -39.12
CA HIS A 5 -23.12 -16.90 -38.63
C HIS A 5 -23.23 -16.89 -37.09
N HIS A 6 -22.22 -16.29 -36.42
CA HIS A 6 -22.19 -16.08 -34.96
C HIS A 6 -21.15 -15.00 -34.62
N HIS A 7 -21.62 -13.80 -34.21
CA HIS A 7 -20.74 -12.64 -33.91
C HIS A 7 -21.50 -11.56 -33.10
N HIS A 8 -21.73 -11.86 -31.79
CA HIS A 8 -22.38 -10.91 -30.84
C HIS A 8 -22.17 -11.32 -29.35
N SER A 9 -21.15 -12.16 -29.09
CA SER A 9 -20.80 -12.57 -27.70
C SER A 9 -19.76 -11.58 -27.10
N HIS A 10 -20.18 -10.81 -26.07
CA HIS A 10 -19.32 -9.80 -25.40
C HIS A 10 -19.15 -10.16 -23.92
N MET A 11 -17.94 -9.93 -23.37
CA MET A 11 -17.61 -10.30 -21.99
C MET A 11 -16.73 -9.21 -21.34
N ASN A 12 -17.35 -8.39 -20.46
CA ASN A 12 -16.68 -7.29 -19.73
C ASN A 12 -16.94 -7.47 -18.23
N SER A 13 -15.88 -7.69 -17.44
CA SER A 13 -15.97 -7.84 -15.99
C SER A 13 -14.81 -7.07 -15.34
N GLN A 14 -15.07 -5.80 -15.00
CA GLN A 14 -14.10 -4.93 -14.31
C GLN A 14 -14.25 -5.05 -12.78
N ARG A 15 -13.18 -4.72 -12.05
CA ARG A 15 -13.16 -4.74 -10.57
C ARG A 15 -12.39 -3.52 -10.02
N LEU A 16 -12.52 -3.28 -8.70
CA LEU A 16 -11.72 -2.28 -7.96
C LEU A 16 -10.96 -2.97 -6.81
N ILE A 17 -10.12 -2.17 -6.12
CA ILE A 17 -9.24 -2.64 -5.03
C ILE A 17 -9.53 -1.82 -3.75
N HIS A 18 -10.23 -2.47 -2.79
CA HIS A 18 -10.49 -1.89 -1.47
C HIS A 18 -9.30 -2.17 -0.53
N ILE A 19 -8.89 -1.13 0.21
CA ILE A 19 -7.78 -1.19 1.17
C ILE A 19 -8.30 -0.62 2.51
N LYS A 20 -8.21 -1.42 3.57
CA LYS A 20 -8.72 -1.09 4.91
C LYS A 20 -7.53 -0.66 5.78
N THR A 21 -7.60 0.52 6.39
CA THR A 21 -6.51 1.03 7.23
C THR A 21 -6.93 0.92 8.70
N LEU A 22 -6.27 0.01 9.43
CA LEU A 22 -6.62 -0.32 10.83
C LEU A 22 -5.68 0.38 11.81
N THR A 23 -6.27 0.88 12.91
CA THR A 23 -5.54 1.53 14.01
C THR A 23 -4.73 0.47 14.79
N THR A 24 -3.44 0.77 15.02
CA THR A 24 -2.50 -0.18 15.65
C THR A 24 -1.97 0.40 16.98
N PRO A 25 -1.58 -0.47 17.97
CA PRO A 25 -0.90 -0.03 19.21
C PRO A 25 0.60 0.29 18.99
N ASN A 26 1.02 0.30 17.72
CA ASN A 26 2.42 0.54 17.31
C ASN A 26 2.62 2.05 17.08
N GLU A 27 3.59 2.64 17.79
CA GLU A 27 3.88 4.09 17.73
C GLU A 27 4.68 4.43 16.44
N ASN A 28 4.20 5.47 15.71
CA ASN A 28 4.73 5.88 14.39
C ASN A 28 4.63 4.75 13.34
N ALA A 29 3.68 3.82 13.55
CA ALA A 29 3.44 2.67 12.65
C ALA A 29 1.94 2.39 12.55
N LEU A 30 1.45 2.07 11.32
CA LEU A 30 0.00 1.92 11.06
C LEU A 30 -0.24 0.86 9.96
N LYS A 31 -1.27 0.01 10.15
CA LYS A 31 -1.56 -1.12 9.25
C LYS A 31 -2.45 -0.70 8.07
N PHE A 32 -1.95 -0.96 6.85
CA PHE A 32 -2.69 -0.83 5.60
C PHE A 32 -2.92 -2.24 5.05
N LEU A 33 -4.17 -2.68 5.08
CA LEU A 33 -4.57 -4.07 4.86
C LEU A 33 -5.22 -4.23 3.47
N SER A 34 -4.74 -5.21 2.70
CA SER A 34 -5.32 -5.57 1.40
C SER A 34 -6.61 -6.38 1.63
N THR A 35 -7.77 -5.74 1.42
CA THR A 35 -9.10 -6.36 1.66
C THR A 35 -9.86 -6.53 0.34
N ASP A 36 -9.16 -6.34 -0.78
CA ASP A 36 -9.73 -6.46 -2.12
C ASP A 36 -9.92 -7.94 -2.50
N GLY A 37 -9.09 -8.81 -1.90
CA GLY A 37 -9.08 -10.24 -2.19
C GLY A 37 -7.67 -10.74 -2.30
N GLU A 38 -6.79 -9.90 -2.87
CA GLU A 38 -5.36 -10.20 -2.95
C GLU A 38 -4.66 -9.93 -1.62
N MET A 39 -3.48 -10.53 -1.51
CA MET A 39 -2.51 -10.29 -0.43
C MET A 39 -1.25 -9.72 -1.09
N LEU A 40 -0.59 -8.77 -0.43
CA LEU A 40 0.60 -8.08 -1.00
C LEU A 40 1.70 -9.07 -1.43
N GLN A 41 1.97 -10.04 -0.56
CA GLN A 41 3.02 -11.05 -0.73
C GLN A 41 2.44 -12.43 -0.40
N THR A 42 2.91 -13.46 -1.12
CA THR A 42 2.45 -14.85 -0.93
C THR A 42 2.84 -15.35 0.49
N ARG A 43 1.99 -16.21 1.08
CA ARG A 43 1.94 -16.51 2.55
C ARG A 43 3.26 -17.06 3.18
N GLY A 44 4.27 -17.33 2.36
CA GLY A 44 5.62 -17.55 2.87
C GLY A 44 6.39 -16.23 3.01
N SER A 45 5.79 -15.27 3.75
CA SER A 45 6.34 -13.92 3.94
C SER A 45 7.11 -13.81 5.26
N LYS A 46 7.85 -12.69 5.40
CA LYS A 46 8.46 -12.26 6.67
C LYS A 46 7.88 -10.89 7.04
N SER A 47 8.30 -10.35 8.19
CA SER A 47 8.06 -8.95 8.55
C SER A 47 9.21 -8.12 7.98
N ILE A 48 9.22 -7.97 6.65
CA ILE A 48 10.37 -7.45 5.90
C ILE A 48 10.51 -5.94 6.13
N VAL A 49 11.50 -5.58 6.97
CA VAL A 49 11.74 -4.19 7.33
C VAL A 49 12.67 -3.56 6.29
N ILE A 50 12.12 -2.65 5.48
CA ILE A 50 12.87 -1.91 4.45
C ILE A 50 13.01 -0.46 4.89
N LYS A 51 14.23 -0.01 5.20
CA LYS A 51 14.47 1.42 5.48
C LYS A 51 14.73 2.16 4.17
N ASN A 52 14.59 3.48 4.22
CA ASN A 52 14.84 4.39 3.09
C ASN A 52 16.28 4.29 2.55
N THR A 53 17.20 3.86 3.43
CA THR A 53 18.63 3.71 3.09
C THR A 53 18.89 2.37 2.34
N ASP A 54 17.94 1.43 2.46
CA ASP A 54 18.02 0.08 1.85
C ASP A 54 17.41 0.08 0.44
N GLU A 55 18.09 0.77 -0.50
CA GLU A 55 17.69 0.82 -1.93
C GLU A 55 17.68 -0.58 -2.56
N ASN A 56 18.53 -1.49 -2.01
CA ASN A 56 18.60 -2.89 -2.46
C ASN A 56 17.24 -3.62 -2.30
N LEU A 57 16.55 -3.34 -1.16
CA LEU A 57 15.23 -3.91 -0.85
C LEU A 57 14.09 -3.13 -1.57
N ILE A 58 14.27 -1.80 -1.68
CA ILE A 58 13.31 -0.90 -2.40
C ILE A 58 13.25 -1.30 -3.89
N ASN A 59 14.40 -1.72 -4.43
CA ASN A 59 14.56 -2.18 -5.83
C ASN A 59 13.72 -3.45 -6.11
N HIS A 60 13.48 -4.25 -5.06
CA HIS A 60 12.64 -5.47 -5.14
C HIS A 60 11.13 -5.15 -5.04
N SER A 61 10.81 -3.89 -4.76
CA SER A 61 9.44 -3.46 -4.46
C SER A 61 9.09 -2.17 -5.19
N LYS A 62 8.32 -2.30 -6.29
CA LYS A 62 7.72 -1.15 -7.00
C LYS A 62 6.88 -0.29 -6.03
N LEU A 63 6.20 -0.96 -5.08
CA LEU A 63 5.39 -0.30 -4.05
C LEU A 63 6.25 0.58 -3.13
N ALA A 64 7.42 0.06 -2.70
CA ALA A 64 8.36 0.80 -1.82
C ALA A 64 8.91 2.05 -2.53
N GLN A 65 9.24 1.88 -3.83
CA GLN A 65 9.71 2.97 -4.71
C GLN A 65 8.70 4.12 -4.72
N GLN A 66 7.41 3.76 -4.91
CA GLN A 66 6.28 4.70 -4.92
C GLN A 66 6.07 5.41 -3.56
N ILE A 67 6.20 4.65 -2.45
CA ILE A 67 5.98 5.17 -1.07
C ILE A 67 7.04 6.25 -0.72
N PHE A 68 8.32 5.90 -0.88
CA PHE A 68 9.43 6.82 -0.57
C PHE A 68 9.48 8.00 -1.57
N LEU A 69 8.98 7.78 -2.80
CA LEU A 69 8.88 8.84 -3.84
C LEU A 69 7.88 9.93 -3.41
N GLN A 70 6.63 9.50 -3.20
CA GLN A 70 5.50 10.42 -2.92
C GLN A 70 5.48 10.90 -1.46
N CYS A 71 6.06 10.10 -0.55
CA CYS A 71 6.12 10.39 0.88
C CYS A 71 7.55 10.14 1.39
N PRO A 72 8.46 11.16 1.30
CA PRO A 72 9.87 11.04 1.76
C PRO A 72 9.99 11.07 3.30
N GLY A 73 8.87 11.34 3.98
CA GLY A 73 8.81 11.36 5.43
C GLY A 73 8.79 9.97 6.05
N VAL A 74 8.48 8.96 5.21
CA VAL A 74 8.53 7.55 5.61
C VAL A 74 10.00 7.12 5.73
N GLU A 75 10.38 6.65 6.92
CA GLU A 75 11.77 6.24 7.23
C GLU A 75 11.98 4.74 6.94
N SER A 76 10.88 3.96 7.05
CA SER A 76 10.95 2.50 6.97
C SER A 76 9.57 1.90 6.68
N LEU A 77 9.58 0.65 6.21
CA LEU A 77 8.38 -0.14 5.90
C LEU A 77 8.47 -1.47 6.66
N MET A 78 7.33 -2.04 7.01
CA MET A 78 7.25 -3.41 7.52
C MET A 78 6.25 -4.15 6.63
N ILE A 79 6.77 -4.99 5.74
CA ILE A 79 5.99 -5.71 4.74
C ILE A 79 5.50 -7.02 5.37
N GLY A 80 4.21 -7.32 5.19
CA GLY A 80 3.62 -8.57 5.64
C GLY A 80 3.02 -9.33 4.48
N ASP A 81 2.28 -10.39 4.80
CA ASP A 81 1.61 -11.25 3.82
C ASP A 81 0.48 -10.47 3.14
N ASP A 82 -0.41 -9.93 3.98
CA ASP A 82 -1.66 -9.28 3.57
C ASP A 82 -1.68 -7.79 3.98
N PHE A 83 -0.60 -7.30 4.61
CA PHE A 83 -0.60 -5.95 5.21
C PHE A 83 0.73 -5.24 4.99
N LEU A 84 0.71 -3.93 5.25
CA LEU A 84 1.87 -3.05 5.18
C LEU A 84 1.78 -2.05 6.33
N THR A 85 2.77 -2.12 7.23
CA THR A 85 2.86 -1.23 8.38
C THR A 85 3.88 -0.14 8.06
N ILE A 86 3.41 1.10 7.92
CA ILE A 86 4.25 2.24 7.50
C ILE A 86 4.91 2.86 8.73
N ASN A 87 6.25 2.98 8.70
CA ASN A 87 7.04 3.55 9.79
C ASN A 87 7.60 4.89 9.31
N LYS A 88 7.24 6.00 9.98
CA LYS A 88 7.61 7.35 9.52
C LYS A 88 8.22 8.18 10.68
N ASP A 89 8.76 9.34 10.32
CA ASP A 89 9.29 10.33 11.26
C ASP A 89 8.15 11.02 12.03
N ARG A 90 8.45 11.40 13.29
CA ARG A 90 7.47 11.99 14.23
C ARG A 90 6.90 13.34 13.74
N MET A 91 7.65 14.06 12.86
CA MET A 91 7.21 15.36 12.31
C MET A 91 6.20 15.20 11.15
N VAL A 92 6.10 13.97 10.63
CA VAL A 92 5.26 13.65 9.45
C VAL A 92 3.91 13.10 9.93
N HIS A 93 2.82 13.73 9.49
CA HIS A 93 1.45 13.44 9.97
C HIS A 93 0.80 12.33 9.11
N TRP A 94 0.01 11.45 9.77
CA TRP A 94 -0.72 10.34 9.11
C TRP A 94 -1.70 10.84 8.04
N ASN A 95 -2.29 12.01 8.27
CA ASN A 95 -3.27 12.62 7.35
C ASN A 95 -2.67 12.92 5.96
N SER A 96 -1.33 13.08 5.90
CA SER A 96 -0.60 13.32 4.64
C SER A 96 -0.11 12.00 4.00
N ILE A 97 -0.09 10.91 4.79
CA ILE A 97 0.52 9.62 4.40
C ILE A 97 -0.57 8.65 3.86
N LYS A 98 -1.64 8.49 4.66
CA LYS A 98 -2.67 7.44 4.49
C LYS A 98 -3.32 7.44 3.08
N PRO A 99 -3.97 8.57 2.58
CA PRO A 99 -4.71 8.54 1.28
C PRO A 99 -3.79 8.16 0.09
N GLU A 100 -2.54 8.65 0.18
CA GLU A 100 -1.52 8.47 -0.86
C GLU A 100 -1.12 6.98 -0.97
N ILE A 101 -0.80 6.36 0.18
CA ILE A 101 -0.30 4.98 0.25
C ILE A 101 -1.45 3.95 0.02
N ILE A 102 -2.70 4.30 0.40
CA ILE A 102 -3.90 3.50 0.06
C ILE A 102 -4.05 3.42 -1.49
N ASP A 103 -3.82 4.58 -2.15
CA ASP A 103 -3.83 4.71 -3.62
C ASP A 103 -2.70 3.86 -4.26
N LEU A 104 -1.52 3.86 -3.61
CA LEU A 104 -0.34 3.09 -4.07
C LEU A 104 -0.56 1.56 -3.97
N LEU A 105 -1.25 1.10 -2.90
CA LEU A 105 -1.63 -0.33 -2.75
C LEU A 105 -2.63 -0.75 -3.85
N THR A 106 -3.37 0.24 -4.39
CA THR A 106 -4.33 0.03 -5.49
C THR A 106 -3.58 -0.02 -6.84
N LYS A 107 -2.54 0.84 -6.98
CA LYS A 107 -1.65 0.86 -8.17
C LYS A 107 -0.89 -0.48 -8.31
N GLN A 108 -0.32 -0.95 -7.19
CA GLN A 108 0.54 -2.15 -7.14
C GLN A 108 -0.27 -3.40 -7.53
N LEU A 109 -1.36 -3.65 -6.80
CA LEU A 109 -2.21 -4.84 -6.97
C LEU A 109 -2.98 -4.82 -8.32
N ALA A 110 -2.99 -3.66 -9.00
CA ALA A 110 -3.60 -3.53 -10.35
C ALA A 110 -2.57 -3.84 -11.45
N TYR A 111 -1.37 -3.22 -11.37
CA TYR A 111 -0.37 -3.27 -12.46
C TYR A 111 0.62 -4.42 -12.27
N GLY A 112 0.66 -4.98 -11.05
CA GLY A 112 1.57 -6.07 -10.71
C GLY A 112 0.84 -7.15 -9.93
N GLU A 113 1.46 -7.65 -8.85
CA GLU A 113 0.94 -8.77 -8.06
C GLU A 113 1.60 -8.79 -6.66
N ASP A 114 2.92 -8.93 -6.66
CA ASP A 114 3.73 -8.99 -5.44
C ASP A 114 4.23 -7.59 -5.05
N VAL A 115 4.26 -7.31 -3.75
CA VAL A 115 4.93 -6.13 -3.22
C VAL A 115 6.46 -6.34 -3.34
N ILE A 116 6.90 -7.55 -2.99
CA ILE A 116 8.30 -7.99 -3.06
C ILE A 116 8.33 -9.42 -3.58
N SER A 117 9.21 -9.71 -4.54
CA SER A 117 9.47 -11.08 -5.01
C SER A 117 10.30 -11.82 -3.94
N LYS A 118 9.59 -12.35 -2.92
CA LYS A 118 10.17 -13.13 -1.82
C LYS A 118 10.36 -14.58 -2.31
N GLU A 119 11.42 -14.77 -3.12
CA GLU A 119 11.67 -16.01 -3.85
C GLU A 119 13.15 -16.03 -4.29
N MET A 1 -38.22 -29.21 -37.51
CA MET A 1 -38.77 -28.31 -36.48
C MET A 1 -37.64 -27.87 -35.51
N GLY A 2 -37.96 -26.92 -34.61
CA GLY A 2 -37.00 -26.46 -33.59
C GLY A 2 -37.31 -25.06 -33.08
N HIS A 3 -37.76 -24.96 -31.82
CA HIS A 3 -37.97 -23.66 -31.11
C HIS A 3 -37.11 -23.65 -29.83
N HIS A 4 -36.08 -22.76 -29.81
CA HIS A 4 -35.27 -22.46 -28.60
C HIS A 4 -34.35 -21.25 -28.89
N HIS A 5 -34.13 -20.41 -27.89
CA HIS A 5 -33.23 -19.24 -27.97
C HIS A 5 -32.19 -19.30 -26.85
N HIS A 6 -31.38 -18.23 -26.70
CA HIS A 6 -30.36 -18.11 -25.63
C HIS A 6 -30.45 -16.71 -24.99
N HIS A 7 -30.29 -16.66 -23.65
CA HIS A 7 -30.37 -15.40 -22.87
C HIS A 7 -28.99 -14.73 -22.80
N HIS A 8 -28.88 -13.48 -23.29
CA HIS A 8 -27.65 -12.66 -23.14
C HIS A 8 -27.77 -11.82 -21.84
N SER A 9 -26.73 -11.86 -21.01
CA SER A 9 -26.70 -11.18 -19.70
C SER A 9 -25.26 -10.79 -19.34
N HIS A 10 -24.99 -9.46 -19.30
CA HIS A 10 -23.67 -8.92 -18.97
C HIS A 10 -23.82 -7.52 -18.36
N MET A 11 -22.91 -7.18 -17.44
CA MET A 11 -22.83 -5.86 -16.81
C MET A 11 -21.35 -5.57 -16.51
N ASN A 12 -20.85 -4.42 -16.98
CA ASN A 12 -19.42 -4.04 -16.84
C ASN A 12 -19.06 -3.93 -15.34
N SER A 13 -18.36 -4.96 -14.83
CA SER A 13 -18.12 -5.19 -13.40
C SER A 13 -16.63 -5.41 -13.11
N GLN A 14 -15.78 -4.58 -13.71
CA GLN A 14 -14.33 -4.56 -13.42
C GLN A 14 -14.08 -3.97 -12.01
N ARG A 15 -14.03 -4.88 -11.00
CA ARG A 15 -13.87 -4.51 -9.58
C ARG A 15 -12.42 -4.06 -9.30
N LEU A 16 -12.24 -3.20 -8.28
CA LEU A 16 -10.91 -2.68 -7.90
C LEU A 16 -10.64 -2.93 -6.40
N ILE A 17 -9.39 -2.69 -5.99
CA ILE A 17 -8.85 -3.12 -4.69
C ILE A 17 -9.31 -2.16 -3.58
N HIS A 18 -9.97 -2.69 -2.53
CA HIS A 18 -10.36 -1.90 -1.34
C HIS A 18 -9.19 -1.97 -0.34
N ILE A 19 -8.87 -0.82 0.29
CA ILE A 19 -7.71 -0.72 1.20
C ILE A 19 -8.23 -0.22 2.55
N LYS A 20 -8.09 -1.07 3.57
CA LYS A 20 -8.64 -0.89 4.91
C LYS A 20 -7.54 -0.36 5.84
N THR A 21 -7.80 0.77 6.52
CA THR A 21 -6.84 1.40 7.43
C THR A 21 -7.12 0.89 8.86
N LEU A 22 -6.18 0.10 9.38
CA LEU A 22 -6.25 -0.44 10.75
C LEU A 22 -5.24 0.30 11.64
N THR A 23 -5.68 0.65 12.85
CA THR A 23 -4.85 1.35 13.85
C THR A 23 -4.09 0.35 14.72
N THR A 24 -2.85 0.70 15.08
CA THR A 24 -1.92 -0.14 15.86
C THR A 24 -1.55 0.59 17.18
N PRO A 25 -1.17 -0.14 18.29
CA PRO A 25 -0.70 0.47 19.58
C PRO A 25 0.39 1.55 19.38
N ASN A 26 1.39 1.21 18.55
CA ASN A 26 2.47 2.13 18.16
C ASN A 26 1.94 3.11 17.10
N GLU A 27 1.88 4.43 17.43
CA GLU A 27 1.37 5.48 16.52
C GLU A 27 2.38 5.80 15.40
N ASN A 28 3.66 5.45 15.65
CA ASN A 28 4.76 5.54 14.66
C ASN A 28 4.46 4.60 13.47
N ALA A 29 3.69 3.53 13.78
CA ALA A 29 3.22 2.54 12.81
C ALA A 29 1.72 2.78 12.46
N LEU A 30 1.31 2.33 11.25
CA LEU A 30 -0.10 2.31 10.82
C LEU A 30 -0.30 1.16 9.81
N LYS A 31 -1.28 0.30 10.08
CA LYS A 31 -1.54 -0.91 9.28
C LYS A 31 -2.51 -0.65 8.11
N PHE A 32 -2.20 -1.22 6.95
CA PHE A 32 -3.06 -1.24 5.76
C PHE A 32 -3.28 -2.70 5.35
N LEU A 33 -4.55 -3.09 5.22
CA LEU A 33 -4.96 -4.45 4.82
C LEU A 33 -5.71 -4.37 3.49
N SER A 34 -5.27 -5.13 2.49
CA SER A 34 -5.95 -5.18 1.19
C SER A 34 -7.16 -6.15 1.31
N THR A 35 -8.36 -5.57 1.33
CA THR A 35 -9.64 -6.27 1.48
C THR A 35 -10.36 -6.28 0.12
N ASP A 36 -10.77 -7.47 -0.34
CA ASP A 36 -11.41 -7.67 -1.66
C ASP A 36 -10.48 -7.17 -2.80
N GLY A 37 -9.44 -7.96 -3.03
CA GLY A 37 -8.41 -7.64 -4.00
C GLY A 37 -7.42 -8.79 -4.11
N GLU A 38 -6.11 -8.49 -4.01
CA GLU A 38 -5.02 -9.50 -4.02
C GLU A 38 -4.08 -9.26 -2.82
N MET A 39 -3.37 -10.33 -2.42
CA MET A 39 -2.57 -10.34 -1.18
C MET A 39 -1.22 -9.61 -1.40
N LEU A 40 -0.74 -8.91 -0.34
CA LEU A 40 0.48 -8.07 -0.40
C LEU A 40 1.76 -8.91 -0.52
N GLN A 41 1.79 -10.04 0.20
CA GLN A 41 2.96 -10.93 0.29
C GLN A 41 2.47 -12.37 0.46
N THR A 42 3.25 -13.34 -0.05
CA THR A 42 2.96 -14.77 0.11
C THR A 42 3.26 -15.21 1.56
N ARG A 43 2.39 -16.09 2.09
CA ARG A 43 2.44 -16.57 3.49
C ARG A 43 3.74 -17.37 3.78
N GLY A 44 4.37 -17.90 2.72
CA GLY A 44 5.64 -18.61 2.83
C GLY A 44 6.80 -17.72 3.29
N SER A 45 6.67 -16.41 3.06
CA SER A 45 7.69 -15.40 3.44
C SER A 45 7.45 -14.86 4.86
N LYS A 46 8.47 -14.16 5.40
CA LYS A 46 8.42 -13.47 6.70
C LYS A 46 8.05 -11.98 6.49
N SER A 47 8.09 -11.17 7.58
CA SER A 47 7.89 -9.72 7.54
C SER A 47 9.12 -9.03 6.89
N ILE A 48 8.98 -8.66 5.60
CA ILE A 48 10.05 -8.01 4.82
C ILE A 48 10.14 -6.51 5.19
N VAL A 49 11.14 -6.15 6.01
CA VAL A 49 11.30 -4.79 6.51
C VAL A 49 12.20 -4.00 5.53
N ILE A 50 11.59 -3.06 4.79
CA ILE A 50 12.28 -2.25 3.78
C ILE A 50 12.63 -0.89 4.40
N LYS A 51 13.92 -0.64 4.67
CA LYS A 51 14.38 0.61 5.32
C LYS A 51 15.00 1.54 4.29
N ASN A 52 14.74 2.86 4.43
CA ASN A 52 15.17 3.90 3.47
C ASN A 52 16.70 4.00 3.35
N THR A 53 17.43 3.55 4.40
CA THR A 53 18.89 3.51 4.42
C THR A 53 19.43 2.43 3.45
N ASP A 54 18.69 1.31 3.35
CA ASP A 54 19.04 0.20 2.45
C ASP A 54 18.22 0.36 1.17
N GLU A 55 18.66 1.30 0.31
CA GLU A 55 17.91 1.71 -0.89
C GLU A 55 17.83 0.57 -1.94
N ASN A 56 18.66 -0.47 -1.79
CA ASN A 56 18.58 -1.68 -2.63
C ASN A 56 17.23 -2.39 -2.41
N LEU A 57 16.75 -2.39 -1.14
CA LEU A 57 15.44 -2.99 -0.76
C LEU A 57 14.28 -2.22 -1.41
N ILE A 58 14.47 -0.89 -1.49
CA ILE A 58 13.56 0.02 -2.21
C ILE A 58 13.52 -0.37 -3.70
N ASN A 59 14.71 -0.51 -4.31
CA ASN A 59 14.86 -0.82 -5.74
C ASN A 59 14.33 -2.22 -6.10
N HIS A 60 14.28 -3.14 -5.10
CA HIS A 60 13.69 -4.49 -5.28
C HIS A 60 12.16 -4.38 -5.35
N SER A 61 11.60 -3.50 -4.50
CA SER A 61 10.15 -3.37 -4.33
C SER A 61 9.60 -2.09 -4.99
N LYS A 62 8.77 -2.27 -6.06
CA LYS A 62 8.12 -1.15 -6.77
C LYS A 62 7.28 -0.28 -5.79
N LEU A 63 6.60 -0.95 -4.85
CA LEU A 63 5.77 -0.28 -3.83
C LEU A 63 6.62 0.66 -2.95
N ALA A 64 7.83 0.21 -2.59
CA ALA A 64 8.76 0.98 -1.76
C ALA A 64 9.23 2.23 -2.50
N GLN A 65 9.56 2.07 -3.80
CA GLN A 65 9.95 3.19 -4.68
C GLN A 65 8.87 4.27 -4.68
N GLN A 66 7.62 3.83 -4.91
CA GLN A 66 6.41 4.68 -4.95
C GLN A 66 6.18 5.43 -3.61
N ILE A 67 6.20 4.68 -2.48
CA ILE A 67 5.87 5.22 -1.13
C ILE A 67 6.92 6.25 -0.66
N PHE A 68 8.21 5.87 -0.72
CA PHE A 68 9.32 6.74 -0.28
C PHE A 68 9.49 7.97 -1.21
N LEU A 69 9.13 7.84 -2.51
CA LEU A 69 9.18 8.97 -3.47
C LEU A 69 8.08 10.01 -3.15
N GLN A 70 6.82 9.54 -3.20
CA GLN A 70 5.63 10.41 -3.12
C GLN A 70 5.27 10.77 -1.67
N CYS A 71 5.90 10.10 -0.70
CA CYS A 71 5.85 10.47 0.72
C CYS A 71 7.23 10.16 1.36
N PRO A 72 8.23 11.11 1.24
CA PRO A 72 9.59 10.93 1.84
C PRO A 72 9.61 11.00 3.38
N GLY A 73 8.41 11.15 4.00
CA GLY A 73 8.27 11.18 5.45
C GLY A 73 8.17 9.79 6.07
N VAL A 74 8.19 8.75 5.24
CA VAL A 74 8.22 7.35 5.69
C VAL A 74 9.68 6.93 5.97
N GLU A 75 9.90 6.31 7.13
CA GLU A 75 11.21 5.77 7.55
C GLU A 75 11.43 4.36 6.98
N SER A 76 10.43 3.50 7.17
CA SER A 76 10.52 2.09 6.79
C SER A 76 9.13 1.50 6.53
N LEU A 77 9.10 0.45 5.72
CA LEU A 77 7.94 -0.39 5.49
C LEU A 77 8.18 -1.72 6.21
N MET A 78 7.11 -2.34 6.69
CA MET A 78 7.15 -3.73 7.15
C MET A 78 6.07 -4.48 6.38
N ILE A 79 6.49 -5.23 5.35
CA ILE A 79 5.59 -5.98 4.49
C ILE A 79 5.23 -7.27 5.20
N GLY A 80 4.00 -7.34 5.69
CA GLY A 80 3.46 -8.59 6.22
C GLY A 80 2.80 -9.37 5.12
N ASP A 81 2.43 -10.62 5.42
CA ASP A 81 1.78 -11.50 4.44
C ASP A 81 0.44 -10.88 3.95
N ASP A 82 -0.42 -10.47 4.90
CA ASP A 82 -1.70 -9.82 4.60
C ASP A 82 -1.66 -8.31 4.94
N PHE A 83 -0.85 -7.94 5.95
CA PHE A 83 -0.82 -6.56 6.48
C PHE A 83 0.37 -5.76 5.92
N LEU A 84 0.29 -4.41 6.02
CA LEU A 84 1.38 -3.49 5.69
C LEU A 84 1.52 -2.45 6.80
N THR A 85 2.63 -2.52 7.54
CA THR A 85 2.88 -1.63 8.67
C THR A 85 3.85 -0.52 8.22
N ILE A 86 3.31 0.69 8.03
CA ILE A 86 4.08 1.87 7.61
C ILE A 86 4.64 2.57 8.85
N ASN A 87 5.96 2.77 8.88
CA ASN A 87 6.65 3.47 9.97
C ASN A 87 7.16 4.80 9.43
N LYS A 88 6.77 5.91 10.06
CA LYS A 88 7.06 7.28 9.57
C LYS A 88 7.94 8.05 10.57
N ASP A 89 8.31 9.29 10.22
CA ASP A 89 9.05 10.21 11.12
C ASP A 89 8.06 11.09 11.92
N ARG A 90 8.50 11.58 13.11
CA ARG A 90 7.68 12.34 14.07
C ARG A 90 7.06 13.63 13.48
N MET A 91 7.79 14.32 12.58
CA MET A 91 7.36 15.61 12.02
C MET A 91 6.27 15.42 10.93
N VAL A 92 6.20 14.22 10.36
CA VAL A 92 5.31 13.92 9.23
C VAL A 92 4.08 13.15 9.75
N HIS A 93 2.89 13.71 9.53
CA HIS A 93 1.63 13.22 10.10
C HIS A 93 0.85 12.44 9.04
N TRP A 94 0.03 11.45 9.47
CA TRP A 94 -0.66 10.47 8.58
C TRP A 94 -1.61 11.14 7.56
N ASN A 95 -1.96 12.41 7.77
CA ASN A 95 -2.80 13.21 6.86
C ASN A 95 -2.16 13.30 5.45
N SER A 96 -0.84 13.46 5.41
CA SER A 96 -0.07 13.64 4.16
C SER A 96 0.42 12.27 3.60
N ILE A 97 0.33 11.21 4.42
CA ILE A 97 0.96 9.89 4.13
C ILE A 97 -0.08 8.86 3.64
N LYS A 98 -1.13 8.68 4.46
CA LYS A 98 -2.16 7.63 4.29
C LYS A 98 -2.83 7.64 2.88
N PRO A 99 -3.42 8.79 2.35
CA PRO A 99 -4.15 8.78 1.03
C PRO A 99 -3.21 8.39 -0.14
N GLU A 100 -1.94 8.83 -0.06
CA GLU A 100 -0.92 8.53 -1.06
C GLU A 100 -0.66 7.03 -1.13
N ILE A 101 -0.48 6.41 0.05
CA ILE A 101 -0.18 4.98 0.19
C ILE A 101 -1.38 4.10 -0.25
N ILE A 102 -2.61 4.50 0.14
CA ILE A 102 -3.86 3.79 -0.27
C ILE A 102 -3.97 3.74 -1.81
N ASP A 103 -3.62 4.85 -2.48
CA ASP A 103 -3.56 4.95 -3.96
C ASP A 103 -2.61 3.88 -4.53
N LEU A 104 -1.37 3.85 -3.98
CA LEU A 104 -0.27 2.98 -4.46
C LEU A 104 -0.58 1.48 -4.29
N LEU A 105 -1.27 1.16 -3.18
CA LEU A 105 -1.71 -0.21 -2.87
C LEU A 105 -2.81 -0.69 -3.83
N THR A 106 -3.62 0.26 -4.34
CA THR A 106 -4.70 -0.04 -5.29
C THR A 106 -4.08 -0.24 -6.69
N LYS A 107 -3.09 0.64 -7.05
CA LYS A 107 -2.39 0.61 -8.35
C LYS A 107 -1.70 -0.75 -8.58
N GLN A 108 -0.82 -1.12 -7.64
CA GLN A 108 0.03 -2.31 -7.74
C GLN A 108 -0.80 -3.60 -7.91
N LEU A 109 -1.79 -3.75 -7.04
CA LEU A 109 -2.64 -4.95 -6.99
C LEU A 109 -3.70 -4.93 -8.11
N ALA A 110 -3.98 -3.75 -8.71
CA ALA A 110 -4.89 -3.63 -9.88
C ALA A 110 -4.23 -4.23 -11.13
N TYR A 111 -2.93 -3.95 -11.30
CA TYR A 111 -2.10 -4.58 -12.35
C TYR A 111 -1.79 -6.04 -11.99
N GLY A 112 -1.94 -6.37 -10.70
CA GLY A 112 -1.84 -7.74 -10.21
C GLY A 112 -0.40 -8.18 -10.07
N GLU A 113 0.35 -7.47 -9.23
CA GLU A 113 1.76 -7.79 -8.94
C GLU A 113 2.03 -7.64 -7.44
N ASP A 114 3.07 -8.34 -6.98
CA ASP A 114 3.56 -8.32 -5.60
C ASP A 114 4.43 -7.06 -5.36
N VAL A 115 4.59 -6.72 -4.07
CA VAL A 115 5.41 -5.57 -3.61
C VAL A 115 6.84 -5.59 -4.21
N ILE A 116 7.54 -6.75 -4.12
CA ILE A 116 8.87 -6.92 -4.75
C ILE A 116 8.68 -7.08 -6.27
N SER A 117 8.05 -8.20 -6.68
CA SER A 117 7.87 -8.54 -8.12
C SER A 117 6.55 -9.34 -8.31
N LYS A 118 6.60 -10.68 -8.15
CA LYS A 118 5.42 -11.57 -8.35
C LYS A 118 5.41 -12.64 -7.25
N GLU A 119 6.57 -13.29 -7.07
CA GLU A 119 6.75 -14.41 -6.14
C GLU A 119 8.26 -14.55 -5.84
N MET A 1 -48.32 -4.81 14.87
CA MET A 1 -48.27 -4.58 13.41
C MET A 1 -47.04 -5.28 12.80
N GLY A 2 -46.95 -5.23 11.47
CA GLY A 2 -45.83 -5.80 10.73
C GLY A 2 -45.83 -5.34 9.29
N HIS A 3 -45.42 -6.24 8.36
CA HIS A 3 -45.50 -6.02 6.89
C HIS A 3 -44.73 -4.76 6.44
N HIS A 4 -43.67 -4.38 7.21
CA HIS A 4 -42.88 -3.18 6.91
C HIS A 4 -42.07 -3.39 5.60
N HIS A 5 -42.41 -2.62 4.58
CA HIS A 5 -41.79 -2.71 3.25
C HIS A 5 -40.65 -1.68 3.17
N HIS A 6 -39.54 -2.10 2.58
CA HIS A 6 -38.34 -1.26 2.43
C HIS A 6 -37.67 -1.57 1.09
N HIS A 7 -37.51 -0.52 0.25
CA HIS A 7 -36.79 -0.60 -1.02
C HIS A 7 -35.31 -0.92 -0.75
N HIS A 8 -34.77 -1.93 -1.46
CA HIS A 8 -33.36 -2.33 -1.35
C HIS A 8 -32.50 -1.27 -2.06
N SER A 9 -32.08 -0.25 -1.27
CA SER A 9 -31.31 0.90 -1.75
C SER A 9 -29.97 0.44 -2.39
N HIS A 10 -29.97 0.36 -3.73
CA HIS A 10 -28.81 -0.06 -4.51
C HIS A 10 -28.06 1.15 -5.07
N MET A 11 -26.77 0.95 -5.36
CA MET A 11 -25.91 1.92 -6.05
C MET A 11 -25.13 1.20 -7.15
N ASN A 12 -24.37 1.97 -7.93
CA ASN A 12 -23.52 1.44 -9.00
C ASN A 12 -22.32 0.69 -8.38
N SER A 13 -22.26 -0.65 -8.61
CA SER A 13 -21.15 -1.50 -8.16
C SER A 13 -19.90 -1.23 -9.03
N GLN A 14 -19.06 -0.28 -8.57
CA GLN A 14 -17.91 0.20 -9.34
C GLN A 14 -16.64 -0.60 -9.02
N ARG A 15 -15.72 -0.69 -10.00
CA ARG A 15 -14.48 -1.45 -9.88
C ARG A 15 -13.37 -0.55 -9.30
N LEU A 16 -13.18 -0.66 -7.99
CA LEU A 16 -12.03 -0.09 -7.27
C LEU A 16 -11.72 -1.04 -6.10
N ILE A 17 -10.44 -1.43 -5.98
CA ILE A 17 -10.00 -2.38 -4.94
C ILE A 17 -10.10 -1.75 -3.55
N HIS A 18 -10.83 -2.45 -2.65
CA HIS A 18 -10.91 -2.08 -1.23
C HIS A 18 -9.53 -2.24 -0.57
N ILE A 19 -9.03 -1.13 0.01
CA ILE A 19 -7.82 -1.10 0.82
C ILE A 19 -8.22 -0.42 2.13
N LYS A 20 -8.13 -1.16 3.23
CA LYS A 20 -8.52 -0.70 4.56
C LYS A 20 -7.27 -0.32 5.34
N THR A 21 -7.37 0.62 6.27
CA THR A 21 -6.26 1.00 7.14
C THR A 21 -6.66 0.79 8.61
N LEU A 22 -6.02 -0.18 9.27
CA LEU A 22 -6.23 -0.45 10.70
C LEU A 22 -5.30 0.42 11.55
N THR A 23 -5.84 0.94 12.65
CA THR A 23 -5.06 1.67 13.67
C THR A 23 -4.30 0.67 14.55
N THR A 24 -3.10 1.05 14.97
CA THR A 24 -2.17 0.18 15.73
C THR A 24 -1.81 0.86 17.06
N PRO A 25 -1.27 0.11 18.08
CA PRO A 25 -0.71 0.71 19.33
C PRO A 25 0.68 1.36 19.11
N ASN A 26 0.83 2.12 18.00
CA ASN A 26 2.10 2.74 17.62
C ASN A 26 1.79 3.97 16.72
N GLU A 27 2.53 5.06 16.96
CA GLU A 27 2.41 6.31 16.18
C GLU A 27 3.18 6.22 14.85
N ASN A 28 4.41 5.67 14.93
CA ASN A 28 5.31 5.51 13.78
C ASN A 28 4.74 4.50 12.78
N ALA A 29 4.27 3.37 13.31
CA ALA A 29 3.71 2.27 12.50
C ALA A 29 2.19 2.46 12.29
N LEU A 30 1.72 2.33 11.03
CA LEU A 30 0.28 2.31 10.69
C LEU A 30 0.03 1.18 9.69
N LYS A 31 -0.96 0.33 9.99
CA LYS A 31 -1.21 -0.92 9.26
C LYS A 31 -2.25 -0.71 8.13
N PHE A 32 -1.83 -0.93 6.89
CA PHE A 32 -2.70 -0.95 5.70
C PHE A 32 -2.94 -2.41 5.29
N LEU A 33 -4.21 -2.85 5.35
CA LEU A 33 -4.60 -4.23 5.03
C LEU A 33 -5.28 -4.27 3.65
N SER A 34 -4.77 -5.17 2.78
CA SER A 34 -5.36 -5.43 1.46
C SER A 34 -6.51 -6.44 1.61
N THR A 35 -7.74 -6.00 1.31
CA THR A 35 -8.96 -6.80 1.58
C THR A 35 -9.58 -7.38 0.29
N ASP A 36 -9.65 -6.57 -0.78
CA ASP A 36 -10.32 -6.96 -2.06
C ASP A 36 -9.32 -7.37 -3.15
N GLY A 37 -8.09 -6.87 -3.07
CA GLY A 37 -7.09 -7.12 -4.12
C GLY A 37 -6.41 -8.47 -3.96
N GLU A 38 -5.11 -8.50 -4.21
CA GLU A 38 -4.28 -9.72 -4.11
C GLU A 38 -3.53 -9.69 -2.77
N MET A 39 -2.61 -10.66 -2.61
CA MET A 39 -1.76 -10.79 -1.43
C MET A 39 -0.34 -10.35 -1.81
N LEU A 40 0.36 -9.69 -0.88
CA LEU A 40 1.70 -9.11 -1.12
C LEU A 40 2.78 -10.20 -1.15
N GLN A 41 2.87 -10.97 -0.07
CA GLN A 41 3.94 -11.98 0.16
C GLN A 41 3.27 -13.33 0.56
N THR A 42 4.09 -14.41 0.63
CA THR A 42 3.66 -15.75 1.06
C THR A 42 3.07 -15.72 2.49
N ARG A 43 1.91 -16.41 2.66
CA ARG A 43 1.10 -16.37 3.90
C ARG A 43 1.88 -16.85 5.13
N GLY A 44 1.93 -15.99 6.18
CA GLY A 44 2.55 -16.33 7.46
C GLY A 44 4.05 -16.56 7.38
N SER A 45 4.72 -15.81 6.50
CA SER A 45 6.20 -15.83 6.37
C SER A 45 6.80 -14.75 7.32
N LYS A 46 8.12 -14.60 7.31
CA LYS A 46 8.81 -13.55 8.08
C LYS A 46 8.64 -12.19 7.36
N SER A 47 8.17 -11.18 8.11
CA SER A 47 7.92 -9.81 7.60
C SER A 47 9.25 -9.12 7.18
N ILE A 48 9.33 -8.76 5.88
CA ILE A 48 10.51 -8.13 5.27
C ILE A 48 10.52 -6.63 5.62
N VAL A 49 11.46 -6.19 6.48
CA VAL A 49 11.58 -4.77 6.86
C VAL A 49 12.58 -4.09 5.90
N ILE A 50 12.07 -3.14 5.10
CA ILE A 50 12.88 -2.38 4.14
C ILE A 50 12.99 -0.93 4.64
N LYS A 51 14.19 -0.51 5.05
CA LYS A 51 14.44 0.86 5.54
C LYS A 51 14.83 1.78 4.37
N ASN A 52 14.92 3.08 4.65
CA ASN A 52 15.48 4.09 3.73
C ASN A 52 16.98 3.83 3.47
N THR A 53 17.64 3.14 4.42
CA THR A 53 19.05 2.72 4.29
C THR A 53 19.18 1.46 3.41
N ASP A 54 18.09 0.67 3.33
CA ASP A 54 18.01 -0.53 2.46
C ASP A 54 17.61 -0.13 1.04
N GLU A 55 18.39 0.78 0.42
CA GLU A 55 18.15 1.28 -0.94
C GLU A 55 18.12 0.13 -1.97
N ASN A 56 18.95 -0.90 -1.72
CA ASN A 56 19.00 -2.14 -2.54
C ASN A 56 17.62 -2.83 -2.56
N LEU A 57 16.97 -2.89 -1.39
CA LEU A 57 15.67 -3.54 -1.22
C LEU A 57 14.52 -2.63 -1.72
N ILE A 58 14.72 -1.29 -1.65
CA ILE A 58 13.74 -0.29 -2.18
C ILE A 58 13.63 -0.45 -3.70
N ASN A 59 14.78 -0.46 -4.40
CA ASN A 59 14.86 -0.69 -5.86
C ASN A 59 14.26 -2.07 -6.22
N HIS A 60 14.41 -3.04 -5.30
CA HIS A 60 13.95 -4.42 -5.52
C HIS A 60 12.42 -4.55 -5.32
N SER A 61 11.78 -3.56 -4.67
CA SER A 61 10.33 -3.58 -4.40
C SER A 61 9.63 -2.33 -4.98
N LYS A 62 8.76 -2.57 -5.99
CA LYS A 62 8.03 -1.52 -6.74
C LYS A 62 7.25 -0.56 -5.81
N LEU A 63 6.52 -1.17 -4.85
CA LEU A 63 5.64 -0.46 -3.91
C LEU A 63 6.43 0.52 -3.01
N ALA A 64 7.63 0.08 -2.55
CA ALA A 64 8.49 0.87 -1.65
C ALA A 64 8.89 2.20 -2.28
N GLN A 65 9.30 2.12 -3.55
CA GLN A 65 9.73 3.29 -4.37
C GLN A 65 8.64 4.36 -4.38
N GLN A 66 7.40 3.92 -4.61
CA GLN A 66 6.22 4.79 -4.67
C GLN A 66 5.94 5.47 -3.32
N ILE A 67 6.00 4.70 -2.20
CA ILE A 67 5.71 5.19 -0.85
C ILE A 67 6.74 6.27 -0.40
N PHE A 68 8.04 5.97 -0.60
CA PHE A 68 9.14 6.90 -0.30
C PHE A 68 9.09 8.15 -1.22
N LEU A 69 8.63 7.97 -2.48
CA LEU A 69 8.49 9.07 -3.47
C LEU A 69 7.44 10.10 -3.02
N GLN A 70 6.20 9.61 -2.80
CA GLN A 70 5.04 10.47 -2.49
C GLN A 70 5.14 11.04 -1.07
N CYS A 71 5.80 10.29 -0.17
CA CYS A 71 5.95 10.68 1.23
C CYS A 71 7.40 10.36 1.67
N PRO A 72 8.36 11.34 1.48
CA PRO A 72 9.79 11.17 1.90
C PRO A 72 9.98 11.18 3.44
N GLY A 73 8.88 11.42 4.20
CA GLY A 73 8.91 11.38 5.65
C GLY A 73 8.90 9.96 6.21
N VAL A 74 8.56 8.98 5.35
CA VAL A 74 8.59 7.56 5.70
C VAL A 74 10.06 7.11 5.92
N GLU A 75 10.35 6.59 7.11
CA GLU A 75 11.68 6.10 7.50
C GLU A 75 11.91 4.67 6.99
N SER A 76 10.90 3.81 7.19
CA SER A 76 11.00 2.38 6.83
C SER A 76 9.61 1.79 6.56
N LEU A 77 9.62 0.56 6.05
CA LEU A 77 8.43 -0.24 5.74
C LEU A 77 8.60 -1.62 6.36
N MET A 78 7.47 -2.28 6.60
CA MET A 78 7.42 -3.68 7.01
C MET A 78 6.43 -4.40 6.09
N ILE A 79 6.97 -5.10 5.09
CA ILE A 79 6.20 -5.91 4.15
C ILE A 79 5.75 -7.17 4.88
N GLY A 80 4.45 -7.25 5.21
CA GLY A 80 3.91 -8.45 5.85
C GLY A 80 3.66 -9.53 4.81
N ASP A 81 2.40 -9.92 4.62
CA ASP A 81 1.98 -10.82 3.54
C ASP A 81 0.56 -10.49 3.12
N ASP A 82 -0.38 -10.56 4.07
CA ASP A 82 -1.76 -10.09 3.86
C ASP A 82 -1.84 -8.59 4.12
N PHE A 83 -0.95 -8.11 5.01
CA PHE A 83 -0.93 -6.71 5.47
C PHE A 83 0.37 -6.01 5.05
N LEU A 84 0.38 -4.70 5.26
CA LEU A 84 1.56 -3.83 5.12
C LEU A 84 1.58 -2.89 6.33
N THR A 85 2.78 -2.53 6.81
CA THR A 85 2.95 -1.56 7.89
C THR A 85 3.94 -0.47 7.44
N ILE A 86 3.55 0.80 7.62
CA ILE A 86 4.36 1.97 7.21
C ILE A 86 4.92 2.64 8.46
N ASN A 87 6.23 2.88 8.49
CA ASN A 87 6.92 3.55 9.61
C ASN A 87 7.36 4.96 9.15
N LYS A 88 6.67 6.00 9.64
CA LYS A 88 6.96 7.41 9.26
C LYS A 88 7.65 8.13 10.44
N ASP A 89 8.28 9.28 10.16
CA ASP A 89 8.89 10.12 11.20
C ASP A 89 7.81 10.90 11.96
N ARG A 90 8.04 11.10 13.28
CA ARG A 90 7.05 11.72 14.21
C ARG A 90 6.65 13.14 13.78
N MET A 91 7.60 13.90 13.19
CA MET A 91 7.39 15.31 12.82
C MET A 91 6.43 15.42 11.62
N VAL A 92 6.39 14.34 10.80
CA VAL A 92 5.52 14.24 9.63
C VAL A 92 4.20 13.58 10.07
N HIS A 93 3.07 14.02 9.52
CA HIS A 93 1.72 13.56 9.93
C HIS A 93 1.09 12.68 8.84
N TRP A 94 0.29 11.66 9.29
CA TRP A 94 -0.43 10.72 8.39
C TRP A 94 -1.49 11.43 7.51
N ASN A 95 -1.81 12.70 7.84
CA ASN A 95 -2.79 13.52 7.08
C ASN A 95 -2.46 13.59 5.58
N SER A 96 -1.16 13.68 5.25
CA SER A 96 -0.68 13.82 3.86
C SER A 96 -0.10 12.50 3.30
N ILE A 97 -0.09 11.43 4.13
CA ILE A 97 0.59 10.15 3.80
C ILE A 97 -0.44 9.04 3.51
N LYS A 98 -1.41 8.86 4.44
CA LYS A 98 -2.35 7.72 4.44
C LYS A 98 -3.15 7.57 3.11
N PRO A 99 -3.85 8.66 2.55
CA PRO A 99 -4.65 8.53 1.31
C PRO A 99 -3.78 8.10 0.11
N GLU A 100 -2.53 8.57 0.10
CA GLU A 100 -1.57 8.30 -0.98
C GLU A 100 -1.24 6.81 -1.01
N ILE A 101 -0.93 6.23 0.17
CA ILE A 101 -0.54 4.82 0.30
C ILE A 101 -1.73 3.87 0.04
N ILE A 102 -2.95 4.25 0.51
CA ILE A 102 -4.20 3.52 0.20
C ILE A 102 -4.36 3.36 -1.33
N ASP A 103 -4.10 4.48 -2.04
CA ASP A 103 -4.18 4.54 -3.50
C ASP A 103 -3.09 3.67 -4.16
N LEU A 104 -1.86 3.71 -3.61
CA LEU A 104 -0.70 2.92 -4.13
C LEU A 104 -0.95 1.41 -4.06
N LEU A 105 -1.59 0.97 -2.95
CA LEU A 105 -1.99 -0.43 -2.75
C LEU A 105 -3.15 -0.81 -3.68
N THR A 106 -3.90 0.20 -4.17
CA THR A 106 -4.98 -0.04 -5.16
C THR A 106 -4.34 -0.13 -6.57
N LYS A 107 -3.30 0.71 -6.82
CA LYS A 107 -2.59 0.77 -8.13
C LYS A 107 -1.98 -0.58 -8.49
N GLN A 108 -1.03 -1.03 -7.62
CA GLN A 108 -0.19 -2.21 -7.86
C GLN A 108 -1.04 -3.47 -8.12
N LEU A 109 -2.05 -3.67 -7.27
CA LEU A 109 -2.94 -4.85 -7.35
C LEU A 109 -3.87 -4.75 -8.59
N ALA A 110 -4.23 -3.51 -9.01
CA ALA A 110 -5.05 -3.27 -10.22
C ALA A 110 -4.24 -3.51 -11.51
N TYR A 111 -2.91 -3.34 -11.42
CA TYR A 111 -1.99 -3.73 -12.49
C TYR A 111 -1.85 -5.26 -12.55
N GLY A 112 -2.07 -5.91 -11.39
CA GLY A 112 -1.94 -7.36 -11.25
C GLY A 112 -0.53 -7.75 -10.79
N GLU A 113 0.06 -6.90 -9.94
CA GLU A 113 1.47 -7.02 -9.49
C GLU A 113 1.56 -7.19 -7.96
N ASP A 114 2.71 -7.72 -7.51
CA ASP A 114 3.07 -7.82 -6.08
C ASP A 114 4.22 -6.86 -5.79
N VAL A 115 4.58 -6.75 -4.50
CA VAL A 115 5.55 -5.75 -4.00
C VAL A 115 7.02 -6.09 -4.36
N ILE A 116 7.52 -7.29 -3.98
CA ILE A 116 8.92 -7.69 -4.28
C ILE A 116 9.04 -7.97 -5.82
N SER A 117 9.55 -6.97 -6.54
CA SER A 117 9.70 -6.98 -8.00
C SER A 117 11.18 -7.32 -8.38
N LYS A 118 11.61 -6.91 -9.62
CA LYS A 118 12.99 -7.12 -10.15
C LYS A 118 13.32 -8.63 -10.37
N GLU A 119 12.26 -9.42 -10.59
CA GLU A 119 12.37 -10.88 -10.82
C GLU A 119 11.66 -11.25 -12.15
N MET A 1 -17.78 40.61 -3.83
CA MET A 1 -18.33 40.66 -5.21
C MET A 1 -17.55 39.71 -6.13
N GLY A 2 -18.15 39.36 -7.28
CA GLY A 2 -17.49 38.53 -8.29
C GLY A 2 -17.55 37.05 -7.97
N HIS A 3 -18.75 36.56 -7.61
CA HIS A 3 -19.00 35.11 -7.40
C HIS A 3 -19.08 34.40 -8.78
N HIS A 4 -17.97 33.75 -9.16
CA HIS A 4 -17.80 33.09 -10.48
C HIS A 4 -17.76 31.56 -10.32
N HIS A 5 -18.03 30.84 -11.42
CA HIS A 5 -17.97 29.36 -11.47
C HIS A 5 -17.35 28.91 -12.80
N HIS A 6 -16.46 27.89 -12.74
CA HIS A 6 -15.81 27.28 -13.92
C HIS A 6 -15.77 25.76 -13.73
N HIS A 7 -16.13 25.02 -14.79
CA HIS A 7 -16.24 23.55 -14.77
C HIS A 7 -14.86 22.87 -14.63
N HIS A 8 -14.54 22.47 -13.40
CA HIS A 8 -13.35 21.67 -13.07
C HIS A 8 -13.73 20.18 -13.18
N SER A 9 -12.90 19.38 -13.89
CA SER A 9 -13.16 17.94 -14.10
C SER A 9 -12.75 17.13 -12.85
N HIS A 10 -13.67 16.31 -12.33
CA HIS A 10 -13.40 15.39 -11.19
C HIS A 10 -13.09 13.98 -11.72
N MET A 11 -12.27 13.24 -10.97
CA MET A 11 -11.90 11.85 -11.31
C MET A 11 -12.92 10.87 -10.71
N ASN A 12 -13.69 10.19 -11.58
CA ASN A 12 -14.56 9.07 -11.20
C ASN A 12 -13.68 7.82 -10.95
N SER A 13 -13.32 7.58 -9.67
CA SER A 13 -12.48 6.45 -9.26
C SER A 13 -13.21 5.11 -9.54
N GLN A 14 -12.97 4.54 -10.74
CA GLN A 14 -13.68 3.36 -11.24
C GLN A 14 -13.21 2.11 -10.49
N ARG A 15 -11.88 1.94 -10.42
CA ARG A 15 -11.25 0.92 -9.56
C ARG A 15 -10.71 1.58 -8.30
N LEU A 16 -11.50 1.52 -7.23
CA LEU A 16 -11.07 1.87 -5.87
C LEU A 16 -11.11 0.58 -5.05
N ILE A 17 -9.94 0.11 -4.66
CA ILE A 17 -9.76 -1.20 -4.02
C ILE A 17 -9.87 -1.06 -2.50
N HIS A 18 -10.57 -2.04 -1.88
CA HIS A 18 -10.80 -2.07 -0.43
C HIS A 18 -9.47 -2.20 0.34
N ILE A 19 -9.00 -1.05 0.84
CA ILE A 19 -7.78 -0.92 1.64
C ILE A 19 -8.23 -0.34 3.00
N LYS A 20 -8.23 -1.18 4.06
CA LYS A 20 -8.78 -0.82 5.36
C LYS A 20 -7.64 -0.40 6.30
N THR A 21 -7.76 0.77 6.92
CA THR A 21 -6.71 1.32 7.78
C THR A 21 -6.95 0.88 9.24
N LEU A 22 -5.90 0.28 9.83
CA LEU A 22 -5.93 -0.28 11.18
C LEU A 22 -4.82 0.37 12.01
N THR A 23 -5.15 0.70 13.26
CA THR A 23 -4.22 1.31 14.21
C THR A 23 -3.21 0.26 14.74
N THR A 24 -1.99 0.70 15.04
CA THR A 24 -0.88 -0.16 15.48
C THR A 24 -0.44 0.25 16.92
N PRO A 25 0.32 -0.63 17.68
CA PRO A 25 0.91 -0.26 19.00
C PRO A 25 1.97 0.87 18.89
N ASN A 26 2.43 1.16 17.65
CA ASN A 26 3.36 2.27 17.37
C ASN A 26 2.58 3.49 16.86
N GLU A 27 2.84 4.68 17.43
CA GLU A 27 2.16 5.93 17.04
C GLU A 27 2.55 6.36 15.61
N ASN A 28 3.79 6.02 15.22
CA ASN A 28 4.38 6.45 13.93
C ASN A 28 4.22 5.40 12.83
N ALA A 29 3.53 4.28 13.14
CA ALA A 29 3.19 3.25 12.15
C ALA A 29 1.68 3.23 11.90
N LEU A 30 1.27 2.72 10.73
CA LEU A 30 -0.15 2.53 10.39
C LEU A 30 -0.28 1.33 9.46
N LYS A 31 -1.05 0.34 9.91
CA LYS A 31 -1.28 -0.92 9.20
C LYS A 31 -2.37 -0.74 8.14
N PHE A 32 -2.02 -0.92 6.87
CA PHE A 32 -2.98 -0.93 5.76
C PHE A 32 -3.27 -2.39 5.39
N LEU A 33 -4.52 -2.80 5.53
CA LEU A 33 -4.91 -4.19 5.37
C LEU A 33 -5.55 -4.38 3.99
N SER A 34 -5.01 -5.32 3.22
CA SER A 34 -5.56 -5.70 1.92
C SER A 34 -6.66 -6.74 2.17
N THR A 35 -7.92 -6.29 2.02
CA THR A 35 -9.10 -7.13 2.24
C THR A 35 -9.56 -7.73 0.90
N ASP A 36 -9.19 -9.02 0.68
CA ASP A 36 -9.51 -9.79 -0.55
C ASP A 36 -8.85 -9.14 -1.78
N GLY A 37 -7.52 -9.34 -1.88
CA GLY A 37 -6.70 -8.75 -2.94
C GLY A 37 -5.49 -9.60 -3.25
N GLU A 38 -4.28 -9.00 -3.25
CA GLU A 38 -3.02 -9.73 -3.52
C GLU A 38 -2.32 -10.13 -2.21
N MET A 39 -1.56 -11.22 -2.28
CA MET A 39 -0.77 -11.74 -1.18
C MET A 39 0.62 -11.07 -1.21
N LEU A 40 0.80 -10.05 -0.37
CA LEU A 40 1.96 -9.15 -0.38
C LEU A 40 3.27 -9.90 -0.04
N GLN A 41 3.24 -10.63 1.08
CA GLN A 41 4.35 -11.52 1.49
C GLN A 41 3.98 -12.97 1.14
N THR A 42 5.00 -13.83 1.02
CA THR A 42 4.85 -15.24 0.58
C THR A 42 4.45 -16.19 1.76
N ARG A 43 3.69 -15.63 2.75
CA ARG A 43 3.15 -16.34 3.93
C ARG A 43 4.28 -16.88 4.83
N GLY A 44 4.91 -18.01 4.43
CA GLY A 44 6.05 -18.59 5.16
C GLY A 44 7.35 -17.86 4.85
N SER A 45 7.39 -16.59 5.23
CA SER A 45 8.46 -15.65 4.87
C SER A 45 8.41 -14.47 5.87
N LYS A 46 9.58 -13.96 6.28
CA LYS A 46 9.69 -12.85 7.27
C LYS A 46 9.01 -11.56 6.76
N SER A 47 8.41 -10.78 7.68
CA SER A 47 7.85 -9.46 7.36
C SER A 47 9.00 -8.48 7.06
N ILE A 48 9.28 -8.29 5.75
CA ILE A 48 10.46 -7.55 5.27
C ILE A 48 10.28 -6.05 5.52
N VAL A 49 11.07 -5.53 6.48
CA VAL A 49 11.11 -4.10 6.80
C VAL A 49 12.10 -3.42 5.85
N ILE A 50 11.56 -2.67 4.88
CA ILE A 50 12.32 -1.99 3.84
C ILE A 50 12.55 -0.56 4.30
N LYS A 51 13.79 -0.21 4.64
CA LYS A 51 14.11 1.16 5.13
C LYS A 51 14.54 2.05 3.98
N ASN A 52 14.47 3.38 4.18
CA ASN A 52 14.90 4.37 3.18
C ASN A 52 16.43 4.31 2.96
N THR A 53 17.16 3.77 3.96
CA THR A 53 18.62 3.57 3.90
C THR A 53 18.95 2.16 3.37
N ASP A 54 18.01 1.21 3.52
CA ASP A 54 18.13 -0.15 2.97
C ASP A 54 17.61 -0.14 1.52
N GLU A 55 18.39 0.51 0.64
CA GLU A 55 18.06 0.65 -0.79
C GLU A 55 18.06 -0.72 -1.49
N ASN A 56 18.81 -1.67 -0.90
CA ASN A 56 18.92 -3.05 -1.40
C ASN A 56 17.53 -3.74 -1.42
N LEU A 57 16.70 -3.42 -0.41
CA LEU A 57 15.31 -3.91 -0.31
C LEU A 57 14.34 -3.03 -1.15
N ILE A 58 14.68 -1.74 -1.32
CA ILE A 58 13.87 -0.78 -2.12
C ILE A 58 13.85 -1.20 -3.60
N ASN A 59 15.01 -1.66 -4.12
CA ASN A 59 15.13 -2.20 -5.49
C ASN A 59 14.33 -3.50 -5.68
N HIS A 60 13.93 -4.17 -4.57
CA HIS A 60 13.12 -5.41 -4.60
C HIS A 60 11.59 -5.10 -4.67
N SER A 61 11.23 -3.82 -4.82
CA SER A 61 9.82 -3.39 -4.91
C SER A 61 9.73 -1.99 -5.56
N LYS A 62 9.11 -1.92 -6.75
CA LYS A 62 8.82 -0.63 -7.42
C LYS A 62 7.85 0.23 -6.58
N LEU A 63 6.92 -0.43 -5.86
CA LEU A 63 5.95 0.26 -4.98
C LEU A 63 6.68 0.99 -3.85
N ALA A 64 7.72 0.34 -3.28
CA ALA A 64 8.55 0.92 -2.21
C ALA A 64 9.24 2.18 -2.71
N GLN A 65 9.79 2.08 -3.95
CA GLN A 65 10.46 3.19 -4.63
C GLN A 65 9.54 4.42 -4.74
N GLN A 66 8.25 4.18 -5.08
CA GLN A 66 7.25 5.24 -5.24
C GLN A 66 6.87 5.90 -3.89
N ILE A 67 6.76 5.11 -2.81
CA ILE A 67 6.36 5.63 -1.47
C ILE A 67 7.46 6.54 -0.89
N PHE A 68 8.73 6.04 -0.94
CA PHE A 68 9.92 6.80 -0.49
C PHE A 68 10.15 8.04 -1.37
N LEU A 69 9.82 7.95 -2.68
CA LEU A 69 9.94 9.08 -3.63
C LEU A 69 8.95 10.20 -3.28
N GLN A 70 7.66 9.84 -3.22
CA GLN A 70 6.56 10.78 -2.94
C GLN A 70 6.71 11.46 -1.58
N CYS A 71 7.27 10.75 -0.60
CA CYS A 71 7.40 11.26 0.77
C CYS A 71 8.79 10.92 1.34
N PRO A 72 9.65 11.94 1.61
CA PRO A 72 10.94 11.73 2.32
C PRO A 72 10.72 11.41 3.82
N GLY A 73 9.47 11.60 4.30
CA GLY A 73 9.11 11.39 5.70
C GLY A 73 8.70 9.96 6.00
N VAL A 74 9.07 9.02 5.12
CA VAL A 74 8.89 7.57 5.36
C VAL A 74 10.22 6.99 5.87
N GLU A 75 10.18 6.32 7.04
CA GLU A 75 11.36 5.64 7.60
C GLU A 75 11.52 4.24 6.99
N SER A 76 10.43 3.44 7.03
CA SER A 76 10.45 2.05 6.54
C SER A 76 9.05 1.55 6.15
N LEU A 77 9.01 0.34 5.53
CA LEU A 77 7.76 -0.33 5.11
C LEU A 77 7.82 -1.78 5.60
N MET A 78 6.82 -2.25 6.34
CA MET A 78 6.78 -3.64 6.82
C MET A 78 5.84 -4.46 5.92
N ILE A 79 6.41 -5.39 5.14
CA ILE A 79 5.65 -6.21 4.19
C ILE A 79 5.10 -7.44 4.93
N GLY A 80 3.84 -7.36 5.35
CA GLY A 80 3.16 -8.49 5.98
C GLY A 80 2.46 -9.36 4.96
N ASP A 81 1.87 -10.47 5.44
CA ASP A 81 1.20 -11.50 4.59
C ASP A 81 0.19 -10.87 3.63
N ASP A 82 -0.78 -10.20 4.23
CA ASP A 82 -1.92 -9.61 3.54
C ASP A 82 -2.08 -8.13 3.96
N PHE A 83 -0.97 -7.53 4.43
CA PHE A 83 -0.97 -6.15 4.97
C PHE A 83 0.38 -5.47 4.73
N LEU A 84 0.35 -4.13 4.67
CA LEU A 84 1.53 -3.29 4.51
C LEU A 84 1.48 -2.19 5.58
N THR A 85 2.38 -2.27 6.55
CA THR A 85 2.43 -1.35 7.68
C THR A 85 3.51 -0.29 7.41
N ILE A 86 3.08 0.95 7.16
CA ILE A 86 3.99 2.03 6.79
C ILE A 86 4.53 2.67 8.07
N ASN A 87 5.85 2.86 8.14
CA ASN A 87 6.53 3.47 9.29
C ASN A 87 7.10 4.83 8.84
N LYS A 88 6.72 5.89 9.54
CA LYS A 88 7.12 7.27 9.25
C LYS A 88 7.66 7.92 10.51
N ASP A 89 8.12 9.18 10.38
CA ASP A 89 8.45 10.02 11.54
C ASP A 89 7.18 10.27 12.39
N ARG A 90 7.34 10.20 13.72
CA ARG A 90 6.23 10.30 14.69
C ARG A 90 5.50 11.66 14.61
N MET A 91 6.20 12.72 14.17
CA MET A 91 5.63 14.08 14.09
C MET A 91 4.92 14.32 12.75
N VAL A 92 5.22 13.46 11.75
CA VAL A 92 4.52 13.46 10.45
C VAL A 92 3.14 12.82 10.64
N HIS A 93 2.09 13.46 10.10
CA HIS A 93 0.70 12.99 10.27
C HIS A 93 0.21 12.31 8.98
N TRP A 94 -0.69 11.34 9.16
CA TRP A 94 -1.18 10.47 8.08
C TRP A 94 -2.23 11.17 7.20
N ASN A 95 -2.83 12.26 7.71
CA ASN A 95 -3.89 12.99 6.98
C ASN A 95 -3.39 13.51 5.60
N SER A 96 -2.07 13.73 5.49
CA SER A 96 -1.43 14.15 4.22
C SER A 96 -1.15 12.95 3.29
N ILE A 97 -0.46 11.92 3.82
CA ILE A 97 0.18 10.87 2.99
C ILE A 97 -0.71 9.63 2.77
N LYS A 98 -1.53 9.28 3.79
CA LYS A 98 -2.43 8.10 3.76
C LYS A 98 -3.30 7.98 2.46
N PRO A 99 -3.99 9.09 1.95
CA PRO A 99 -4.73 9.01 0.64
C PRO A 99 -3.81 8.58 -0.53
N GLU A 100 -2.54 9.02 -0.50
CA GLU A 100 -1.55 8.71 -1.55
C GLU A 100 -1.10 7.23 -1.45
N ILE A 101 -1.02 6.72 -0.20
CA ILE A 101 -0.63 5.32 0.08
C ILE A 101 -1.74 4.37 -0.40
N ILE A 102 -3.00 4.67 -0.02
CA ILE A 102 -4.19 3.91 -0.44
C ILE A 102 -4.30 3.88 -1.99
N ASP A 103 -3.95 5.03 -2.62
CA ASP A 103 -3.92 5.18 -4.09
C ASP A 103 -2.89 4.21 -4.72
N LEU A 104 -1.65 4.25 -4.20
CA LEU A 104 -0.53 3.41 -4.67
C LEU A 104 -0.80 1.91 -4.47
N LEU A 105 -1.43 1.57 -3.33
CA LEU A 105 -1.79 0.19 -2.98
C LEU A 105 -2.95 -0.29 -3.88
N THR A 106 -3.81 0.64 -4.35
CA THR A 106 -4.88 0.32 -5.30
C THR A 106 -4.26 -0.02 -6.67
N LYS A 107 -3.17 0.69 -7.04
CA LYS A 107 -2.44 0.45 -8.31
C LYS A 107 -1.74 -0.92 -8.27
N GLN A 108 -1.07 -1.20 -7.13
CA GLN A 108 -0.31 -2.45 -6.90
C GLN A 108 -1.22 -3.69 -7.05
N LEU A 109 -2.41 -3.63 -6.42
CA LEU A 109 -3.37 -4.73 -6.46
C LEU A 109 -4.12 -4.74 -7.83
N ALA A 110 -4.22 -3.56 -8.50
CA ALA A 110 -4.87 -3.45 -9.84
C ALA A 110 -3.99 -4.04 -10.95
N TYR A 111 -2.67 -4.14 -10.70
CA TYR A 111 -1.74 -4.88 -11.59
C TYR A 111 -2.03 -6.40 -11.50
N GLY A 112 -2.61 -6.83 -10.36
CA GLY A 112 -2.84 -8.24 -10.08
C GLY A 112 -1.54 -8.95 -9.78
N GLU A 113 -0.64 -8.24 -9.05
CA GLU A 113 0.73 -8.68 -8.76
C GLU A 113 1.11 -8.45 -7.29
N ASP A 114 2.15 -9.18 -6.86
CA ASP A 114 2.73 -9.10 -5.52
C ASP A 114 3.65 -7.86 -5.43
N VAL A 115 3.80 -7.31 -4.22
CA VAL A 115 4.67 -6.14 -3.97
C VAL A 115 6.16 -6.55 -3.96
N ILE A 116 6.43 -7.76 -3.41
CA ILE A 116 7.79 -8.36 -3.33
C ILE A 116 7.81 -9.64 -4.20
N SER A 117 8.98 -9.98 -4.75
CA SER A 117 9.18 -11.22 -5.51
C SER A 117 9.58 -12.38 -4.56
N LYS A 118 9.65 -13.60 -5.11
CA LYS A 118 10.16 -14.78 -4.38
C LYS A 118 11.70 -14.73 -4.26
N GLU A 119 12.32 -13.87 -5.08
CA GLU A 119 13.77 -13.69 -5.16
C GLU A 119 14.28 -12.95 -3.90
N MET A 1 -12.95 43.45 -14.15
CA MET A 1 -13.04 41.99 -13.94
C MET A 1 -11.66 41.34 -14.20
N GLY A 2 -11.12 40.63 -13.20
CA GLY A 2 -9.81 39.99 -13.28
C GLY A 2 -9.82 38.58 -12.72
N HIS A 3 -10.83 37.81 -13.12
CA HIS A 3 -11.02 36.40 -12.72
C HIS A 3 -11.89 35.71 -13.79
N HIS A 4 -11.76 34.38 -13.92
CA HIS A 4 -12.55 33.59 -14.88
C HIS A 4 -12.75 32.17 -14.32
N HIS A 5 -13.63 31.37 -14.97
CA HIS A 5 -13.94 30.00 -14.52
C HIS A 5 -14.34 29.13 -15.73
N HIS A 6 -13.81 27.90 -15.78
CA HIS A 6 -14.19 26.87 -16.77
C HIS A 6 -14.83 25.68 -16.03
N HIS A 7 -15.42 24.76 -16.82
CA HIS A 7 -16.16 23.60 -16.30
C HIS A 7 -15.77 22.33 -17.10
N HIS A 8 -14.94 21.49 -16.47
CA HIS A 8 -14.49 20.20 -17.04
C HIS A 8 -15.24 19.06 -16.36
N SER A 9 -16.22 18.50 -17.07
CA SER A 9 -16.95 17.30 -16.62
C SER A 9 -16.21 16.05 -17.16
N HIS A 10 -14.95 15.90 -16.70
CA HIS A 10 -14.07 14.81 -17.16
C HIS A 10 -14.46 13.50 -16.47
N MET A 11 -15.29 12.70 -17.17
CA MET A 11 -15.74 11.39 -16.69
C MET A 11 -14.58 10.37 -16.80
N ASN A 12 -13.82 10.24 -15.71
CA ASN A 12 -12.79 9.19 -15.55
C ASN A 12 -13.42 7.98 -14.83
N SER A 13 -12.94 6.77 -15.13
CA SER A 13 -13.49 5.53 -14.56
C SER A 13 -12.33 4.54 -14.32
N GLN A 14 -12.03 4.31 -13.03
CA GLN A 14 -11.03 3.32 -12.59
C GLN A 14 -11.52 2.72 -11.26
N ARG A 15 -11.15 1.46 -10.99
CA ARG A 15 -11.62 0.74 -9.80
C ARG A 15 -10.71 1.07 -8.60
N LEU A 16 -11.23 1.88 -7.67
CA LEU A 16 -10.54 2.20 -6.41
C LEU A 16 -10.66 1.01 -5.45
N ILE A 17 -9.65 0.12 -5.54
CA ILE A 17 -9.49 -1.04 -4.64
C ILE A 17 -9.36 -0.54 -3.20
N HIS A 18 -10.40 -0.82 -2.40
CA HIS A 18 -10.49 -0.37 -0.99
C HIS A 18 -9.50 -1.17 -0.15
N ILE A 19 -8.77 -0.48 0.75
CA ILE A 19 -7.78 -1.10 1.64
C ILE A 19 -8.24 -0.85 3.10
N LYS A 20 -8.04 -1.82 4.01
CA LYS A 20 -8.47 -1.71 5.40
C LYS A 20 -7.35 -1.11 6.25
N THR A 21 -7.58 0.08 6.80
CA THR A 21 -6.60 0.80 7.62
C THR A 21 -6.88 0.49 9.11
N LEU A 22 -5.87 -0.08 9.80
CA LEU A 22 -5.98 -0.55 11.19
C LEU A 22 -4.87 0.09 12.03
N THR A 23 -5.21 0.45 13.27
CA THR A 23 -4.23 0.98 14.24
C THR A 23 -3.33 -0.15 14.77
N THR A 24 -2.05 0.18 14.99
CA THR A 24 -1.01 -0.76 15.47
C THR A 24 -0.60 -0.38 16.91
N PRO A 25 0.04 -1.31 17.69
CA PRO A 25 0.63 -0.99 19.03
C PRO A 25 2.03 -0.30 18.92
N ASN A 26 2.23 0.47 17.84
CA ASN A 26 3.51 1.15 17.55
C ASN A 26 3.19 2.54 16.94
N GLU A 27 3.79 3.59 17.53
CA GLU A 27 3.69 4.96 16.98
C GLU A 27 4.56 5.07 15.72
N ASN A 28 4.25 6.07 14.86
CA ASN A 28 4.86 6.28 13.53
C ASN A 28 4.42 5.20 12.53
N ALA A 29 3.68 4.18 13.01
CA ALA A 29 3.32 2.99 12.23
C ALA A 29 1.79 2.91 12.10
N LEU A 30 1.32 2.41 10.95
CA LEU A 30 -0.11 2.26 10.66
C LEU A 30 -0.30 1.11 9.66
N LYS A 31 -1.20 0.18 9.98
CA LYS A 31 -1.45 -1.02 9.19
C LYS A 31 -2.41 -0.73 8.01
N PHE A 32 -2.02 -1.18 6.82
CA PHE A 32 -2.84 -1.16 5.60
C PHE A 32 -2.95 -2.61 5.11
N LEU A 33 -4.17 -3.13 5.14
CA LEU A 33 -4.44 -4.56 5.00
C LEU A 33 -5.21 -4.84 3.71
N SER A 34 -4.69 -5.78 2.89
CA SER A 34 -5.35 -6.18 1.65
C SER A 34 -6.30 -7.36 1.97
N THR A 35 -7.60 -7.05 2.03
CA THR A 35 -8.66 -8.03 2.35
C THR A 35 -9.41 -8.49 1.08
N ASP A 36 -9.16 -7.78 -0.02
CA ASP A 36 -9.81 -8.04 -1.32
C ASP A 36 -9.47 -9.45 -1.87
N GLY A 37 -8.18 -9.82 -1.80
CA GLY A 37 -7.71 -11.12 -2.26
C GLY A 37 -6.27 -11.12 -2.75
N GLU A 38 -5.84 -9.99 -3.34
CA GLU A 38 -4.49 -9.84 -3.88
C GLU A 38 -3.46 -9.80 -2.72
N MET A 39 -2.73 -10.90 -2.58
CA MET A 39 -1.82 -11.14 -1.45
C MET A 39 -0.44 -10.50 -1.72
N LEU A 40 0.10 -9.78 -0.71
CA LEU A 40 1.33 -8.97 -0.86
C LEU A 40 2.60 -9.82 -1.03
N GLN A 41 2.65 -10.96 -0.35
CA GLN A 41 3.72 -11.97 -0.54
C GLN A 41 3.08 -13.35 -0.46
N THR A 42 3.82 -14.39 -0.90
CA THR A 42 3.34 -15.78 -0.84
C THR A 42 3.06 -16.18 0.62
N ARG A 43 1.81 -16.59 0.89
CA ARG A 43 1.26 -16.78 2.25
C ARG A 43 2.14 -17.74 3.08
N GLY A 44 2.69 -17.21 4.17
CA GLY A 44 3.70 -17.90 4.97
C GLY A 44 5.05 -17.21 4.90
N SER A 45 5.07 -15.98 4.33
CA SER A 45 6.29 -15.18 4.18
C SER A 45 6.59 -14.37 5.46
N LYS A 46 7.86 -14.00 5.63
CA LYS A 46 8.34 -13.26 6.80
C LYS A 46 8.05 -11.74 6.63
N SER A 47 7.93 -11.02 7.77
CA SER A 47 7.72 -9.57 7.77
C SER A 47 9.07 -8.85 7.53
N ILE A 48 9.36 -8.58 6.23
CA ILE A 48 10.62 -7.97 5.78
C ILE A 48 10.61 -6.46 6.10
N VAL A 49 11.52 -6.00 6.96
CA VAL A 49 11.63 -4.59 7.31
C VAL A 49 12.62 -3.91 6.35
N ILE A 50 12.12 -2.92 5.60
CA ILE A 50 12.89 -2.15 4.62
C ILE A 50 12.92 -0.70 5.08
N LYS A 51 14.08 -0.20 5.51
CA LYS A 51 14.23 1.21 5.92
C LYS A 51 14.70 2.05 4.74
N ASN A 52 14.72 3.38 4.92
CA ASN A 52 15.11 4.34 3.88
C ASN A 52 16.59 4.18 3.45
N THR A 53 17.42 3.56 4.32
CA THR A 53 18.84 3.29 3.98
C THR A 53 18.96 1.97 3.18
N ASP A 54 17.94 1.10 3.30
CA ASP A 54 17.90 -0.22 2.61
C ASP A 54 17.39 -0.06 1.17
N GLU A 55 18.09 0.80 0.38
CA GLU A 55 17.70 1.16 -1.00
C GLU A 55 17.73 -0.08 -1.93
N ASN A 56 18.57 -1.06 -1.58
CA ASN A 56 18.64 -2.36 -2.27
C ASN A 56 17.29 -3.11 -2.15
N LEU A 57 16.74 -3.12 -0.93
CA LEU A 57 15.45 -3.77 -0.63
C LEU A 57 14.27 -2.95 -1.20
N ILE A 58 14.46 -1.62 -1.28
CA ILE A 58 13.48 -0.70 -1.91
C ILE A 58 13.37 -1.01 -3.42
N ASN A 59 14.52 -1.31 -4.04
CA ASN A 59 14.59 -1.66 -5.49
C ASN A 59 13.99 -3.05 -5.80
N HIS A 60 13.68 -3.86 -4.76
CA HIS A 60 12.91 -5.11 -4.91
C HIS A 60 11.41 -4.82 -4.99
N SER A 61 10.97 -3.79 -4.26
CA SER A 61 9.55 -3.41 -4.19
C SER A 61 9.31 -2.09 -4.95
N LYS A 62 8.65 -2.19 -6.12
CA LYS A 62 8.22 -1.03 -6.91
C LYS A 62 7.35 -0.09 -6.05
N LEU A 63 6.51 -0.68 -5.20
CA LEU A 63 5.62 0.05 -4.27
C LEU A 63 6.43 0.88 -3.28
N ALA A 64 7.52 0.29 -2.73
CA ALA A 64 8.41 0.97 -1.78
C ALA A 64 9.01 2.21 -2.44
N GLN A 65 9.48 2.04 -3.69
CA GLN A 65 10.03 3.13 -4.51
C GLN A 65 9.03 4.29 -4.63
N GLN A 66 7.75 3.95 -4.90
CA GLN A 66 6.65 4.93 -5.01
C GLN A 66 6.41 5.71 -3.69
N ILE A 67 6.36 4.97 -2.56
CA ILE A 67 6.07 5.53 -1.22
C ILE A 67 7.17 6.52 -0.77
N PHE A 68 8.44 6.09 -0.88
CA PHE A 68 9.62 6.90 -0.51
C PHE A 68 9.79 8.11 -1.47
N LEU A 69 9.49 7.91 -2.76
CA LEU A 69 9.60 8.97 -3.80
C LEU A 69 8.62 10.11 -3.52
N GLN A 70 7.36 9.73 -3.22
CA GLN A 70 6.28 10.68 -2.95
C GLN A 70 6.43 11.34 -1.58
N CYS A 71 7.07 10.63 -0.61
CA CYS A 71 7.28 11.15 0.74
C CYS A 71 8.57 10.60 1.36
N PRO A 72 9.67 11.42 1.42
CA PRO A 72 10.90 11.06 2.15
C PRO A 72 10.78 11.23 3.69
N GLY A 73 9.52 11.37 4.18
CA GLY A 73 9.22 11.33 5.61
C GLY A 73 9.02 9.92 6.10
N VAL A 74 8.76 8.99 5.15
CA VAL A 74 8.63 7.56 5.43
C VAL A 74 10.01 6.99 5.78
N GLU A 75 10.18 6.54 7.04
CA GLU A 75 11.48 6.08 7.57
C GLU A 75 11.70 4.59 7.24
N SER A 76 10.59 3.81 7.20
CA SER A 76 10.66 2.36 7.00
C SER A 76 9.30 1.80 6.55
N LEU A 77 9.33 0.55 6.10
CA LEU A 77 8.14 -0.23 5.74
C LEU A 77 8.30 -1.63 6.35
N MET A 78 7.29 -2.12 7.08
CA MET A 78 7.21 -3.51 7.50
C MET A 78 6.32 -4.24 6.48
N ILE A 79 6.95 -5.08 5.65
CA ILE A 79 6.28 -5.76 4.55
C ILE A 79 5.77 -7.13 5.04
N GLY A 80 4.47 -7.24 5.25
CA GLY A 80 3.84 -8.52 5.58
C GLY A 80 3.31 -9.17 4.31
N ASP A 81 3.03 -10.47 4.38
CA ASP A 81 2.42 -11.21 3.27
C ASP A 81 0.94 -10.86 3.12
N ASP A 82 0.28 -10.61 4.27
CA ASP A 82 -1.15 -10.28 4.35
C ASP A 82 -1.37 -8.76 4.49
N PHE A 83 -0.43 -8.09 5.19
CA PHE A 83 -0.59 -6.68 5.60
C PHE A 83 0.65 -5.84 5.24
N LEU A 84 0.52 -4.51 5.37
CA LEU A 84 1.62 -3.55 5.10
C LEU A 84 1.58 -2.43 6.14
N THR A 85 2.56 -2.40 7.04
CA THR A 85 2.63 -1.40 8.11
C THR A 85 3.65 -0.32 7.71
N ILE A 86 3.16 0.90 7.43
CA ILE A 86 4.01 2.01 6.97
C ILE A 86 4.57 2.74 8.20
N ASN A 87 5.90 2.88 8.25
CA ASN A 87 6.60 3.61 9.32
C ASN A 87 7.13 4.93 8.74
N LYS A 88 6.75 6.04 9.37
CA LYS A 88 7.10 7.40 8.93
C LYS A 88 7.17 8.32 10.15
N ASP A 89 7.98 9.39 10.06
CA ASP A 89 8.27 10.28 11.21
C ASP A 89 6.97 10.93 11.73
N ARG A 90 6.80 10.88 13.07
CA ARG A 90 5.58 11.34 13.77
C ARG A 90 5.35 12.86 13.59
N MET A 91 6.41 13.62 13.28
CA MET A 91 6.33 15.07 13.07
C MET A 91 5.50 15.41 11.83
N VAL A 92 5.54 14.51 10.84
CA VAL A 92 4.68 14.57 9.65
C VAL A 92 3.43 13.73 9.94
N HIS A 93 2.27 14.16 9.47
CA HIS A 93 0.98 13.49 9.75
C HIS A 93 0.52 12.65 8.55
N TRP A 94 -0.33 11.66 8.87
CA TRP A 94 -0.93 10.74 7.89
C TRP A 94 -1.96 11.46 6.98
N ASN A 95 -2.42 12.64 7.43
CA ASN A 95 -3.45 13.44 6.71
C ASN A 95 -3.03 13.75 5.25
N SER A 96 -1.71 13.89 5.04
CA SER A 96 -1.12 14.17 3.71
C SER A 96 -0.74 12.87 2.96
N ILE A 97 -0.27 11.86 3.70
CA ILE A 97 0.43 10.69 3.11
C ILE A 97 -0.50 9.48 2.92
N LYS A 98 -1.35 9.19 3.93
CA LYS A 98 -2.28 8.03 3.94
C LYS A 98 -3.17 7.91 2.66
N PRO A 99 -3.83 9.03 2.13
CA PRO A 99 -4.56 8.98 0.83
C PRO A 99 -3.66 8.46 -0.31
N GLU A 100 -2.41 8.93 -0.32
CA GLU A 100 -1.42 8.59 -1.35
C GLU A 100 -1.03 7.10 -1.24
N ILE A 101 -0.89 6.61 0.01
CA ILE A 101 -0.53 5.20 0.30
C ILE A 101 -1.62 4.26 -0.23
N ILE A 102 -2.89 4.53 0.15
CA ILE A 102 -4.05 3.69 -0.25
C ILE A 102 -4.19 3.63 -1.78
N ASP A 103 -3.91 4.78 -2.42
CA ASP A 103 -3.96 4.94 -3.90
C ASP A 103 -2.84 4.13 -4.58
N LEU A 104 -1.65 4.12 -3.96
CA LEU A 104 -0.50 3.31 -4.40
C LEU A 104 -0.77 1.80 -4.25
N LEU A 105 -1.43 1.44 -3.14
CA LEU A 105 -1.83 0.05 -2.87
C LEU A 105 -2.95 -0.39 -3.84
N THR A 106 -3.71 0.58 -4.37
CA THR A 106 -4.76 0.32 -5.36
C THR A 106 -4.13 -0.05 -6.72
N LYS A 107 -3.17 0.79 -7.20
CA LYS A 107 -2.54 0.60 -8.52
C LYS A 107 -1.69 -0.69 -8.56
N GLN A 108 -1.03 -1.02 -7.42
CA GLN A 108 -0.24 -2.26 -7.29
C GLN A 108 -1.13 -3.49 -7.52
N LEU A 109 -2.21 -3.60 -6.73
CA LEU A 109 -3.12 -4.76 -6.77
C LEU A 109 -3.94 -4.78 -8.07
N ALA A 110 -4.08 -3.60 -8.72
CA ALA A 110 -4.83 -3.44 -9.98
C ALA A 110 -4.10 -4.07 -11.18
N TYR A 111 -2.74 -3.99 -11.18
CA TYR A 111 -1.90 -4.52 -12.28
C TYR A 111 -1.13 -5.79 -11.85
N GLY A 112 -1.10 -6.06 -10.53
CA GLY A 112 -0.33 -7.17 -9.96
C GLY A 112 -0.99 -7.73 -8.70
N GLU A 113 -0.20 -8.43 -7.87
CA GLU A 113 -0.68 -9.04 -6.61
C GLU A 113 0.28 -8.68 -5.47
N ASP A 114 1.54 -9.09 -5.66
CA ASP A 114 2.60 -8.95 -4.67
C ASP A 114 3.19 -7.53 -4.65
N VAL A 115 4.03 -7.31 -3.64
CA VAL A 115 4.71 -6.04 -3.38
C VAL A 115 6.22 -6.20 -3.65
N ILE A 116 6.79 -7.36 -3.28
CA ILE A 116 8.23 -7.64 -3.44
C ILE A 116 8.48 -8.32 -4.80
N SER A 117 8.24 -9.66 -4.88
CA SER A 117 8.61 -10.47 -6.05
C SER A 117 7.67 -11.69 -6.19
N LYS A 118 7.57 -12.19 -7.43
CA LYS A 118 6.85 -13.45 -7.75
C LYS A 118 7.81 -14.39 -8.51
N GLU A 119 9.10 -14.29 -8.17
CA GLU A 119 10.18 -15.10 -8.77
C GLU A 119 10.96 -15.81 -7.62
N MET A 1 -55.89 8.87 -6.38
CA MET A 1 -55.54 8.10 -5.17
C MET A 1 -54.40 7.11 -5.51
N GLY A 2 -53.16 7.55 -5.27
CA GLY A 2 -51.96 6.74 -5.53
C GLY A 2 -50.94 7.54 -6.32
N HIS A 3 -49.72 7.69 -5.78
CA HIS A 3 -48.63 8.44 -6.43
C HIS A 3 -47.26 7.85 -6.00
N HIS A 4 -46.56 7.21 -6.95
CA HIS A 4 -45.23 6.60 -6.73
C HIS A 4 -44.53 6.38 -8.08
N HIS A 5 -43.49 7.18 -8.36
CA HIS A 5 -42.73 7.15 -9.62
C HIS A 5 -41.32 7.73 -9.39
N HIS A 6 -40.72 7.36 -8.25
CA HIS A 6 -39.39 7.84 -7.82
C HIS A 6 -38.27 7.33 -8.76
N HIS A 7 -37.21 8.14 -8.93
CA HIS A 7 -36.06 7.82 -9.81
C HIS A 7 -34.80 7.57 -8.97
N HIS A 8 -33.96 6.60 -9.41
CA HIS A 8 -32.60 6.37 -8.88
C HIS A 8 -31.92 5.27 -9.71
N SER A 9 -30.76 5.59 -10.33
CA SER A 9 -30.03 4.66 -11.20
C SER A 9 -28.50 4.81 -11.01
N HIS A 10 -27.86 3.75 -10.50
CA HIS A 10 -26.39 3.67 -10.35
C HIS A 10 -25.78 3.06 -11.62
N MET A 11 -24.64 3.61 -12.08
CA MET A 11 -23.99 3.18 -13.32
C MET A 11 -22.45 3.37 -13.22
N ASN A 12 -21.73 2.26 -13.04
CA ASN A 12 -20.26 2.26 -12.95
C ASN A 12 -19.75 0.84 -13.26
N SER A 13 -19.09 0.69 -14.42
CA SER A 13 -18.49 -0.58 -14.87
C SER A 13 -17.01 -0.69 -14.41
N GLN A 14 -16.57 0.26 -13.58
CA GLN A 14 -15.22 0.26 -12.98
C GLN A 14 -15.24 -0.50 -11.63
N ARG A 15 -14.07 -0.98 -11.20
CA ARG A 15 -13.87 -1.55 -9.86
C ARG A 15 -12.42 -1.28 -9.43
N LEU A 16 -12.23 -0.82 -8.18
CA LEU A 16 -10.88 -0.48 -7.64
C LEU A 16 -10.54 -1.40 -6.48
N ILE A 17 -9.24 -1.45 -6.14
CA ILE A 17 -8.71 -2.31 -5.08
C ILE A 17 -8.95 -1.70 -3.70
N HIS A 18 -9.73 -2.41 -2.89
CA HIS A 18 -10.19 -1.99 -1.57
C HIS A 18 -9.10 -2.26 -0.51
N ILE A 19 -8.81 -1.24 0.30
CA ILE A 19 -7.74 -1.26 1.31
C ILE A 19 -8.33 -0.79 2.65
N LYS A 20 -8.25 -1.64 3.67
CA LYS A 20 -8.77 -1.37 5.02
C LYS A 20 -7.68 -0.72 5.89
N THR A 21 -8.08 0.21 6.75
CA THR A 21 -7.19 0.86 7.72
C THR A 21 -7.40 0.23 9.11
N LEU A 22 -6.33 -0.34 9.67
CA LEU A 22 -6.34 -0.99 10.99
C LEU A 22 -5.24 -0.37 11.87
N THR A 23 -5.56 -0.13 13.15
CA THR A 23 -4.62 0.43 14.12
C THR A 23 -3.78 -0.68 14.77
N THR A 24 -2.51 -0.37 15.06
CA THR A 24 -1.56 -1.27 15.74
C THR A 24 -1.31 -0.73 17.17
N PRO A 25 -0.58 -1.46 18.08
CA PRO A 25 -0.11 -0.88 19.37
C PRO A 25 1.09 0.10 19.19
N ASN A 26 0.95 1.06 18.25
CA ASN A 26 2.01 2.01 17.86
C ASN A 26 1.35 3.20 17.12
N GLU A 27 1.83 4.42 17.37
CA GLU A 27 1.27 5.66 16.77
C GLU A 27 2.04 6.04 15.49
N ASN A 28 3.35 5.72 15.47
CA ASN A 28 4.26 5.98 14.33
C ASN A 28 4.28 4.81 13.34
N ALA A 29 3.40 3.83 13.56
CA ALA A 29 3.21 2.69 12.65
C ALA A 29 1.70 2.43 12.50
N LEU A 30 1.21 2.40 11.24
CA LEU A 30 -0.22 2.14 10.93
C LEU A 30 -0.31 1.03 9.90
N LYS A 31 -1.22 0.09 10.16
CA LYS A 31 -1.44 -1.11 9.35
C LYS A 31 -2.50 -0.84 8.27
N PHE A 32 -2.17 -1.18 7.03
CA PHE A 32 -3.07 -1.16 5.89
C PHE A 32 -3.25 -2.60 5.42
N LEU A 33 -4.47 -3.12 5.51
CA LEU A 33 -4.79 -4.49 5.16
C LEU A 33 -5.42 -4.46 3.77
N SER A 34 -4.90 -5.28 2.85
CA SER A 34 -5.54 -5.46 1.55
C SER A 34 -6.80 -6.30 1.79
N THR A 35 -7.96 -5.67 1.69
CA THR A 35 -9.25 -6.36 1.90
C THR A 35 -9.96 -6.58 0.55
N ASP A 36 -9.18 -6.51 -0.53
CA ASP A 36 -9.67 -6.73 -1.90
C ASP A 36 -9.52 -8.22 -2.26
N GLY A 37 -8.27 -8.72 -2.15
CA GLY A 37 -7.93 -10.09 -2.56
C GLY A 37 -6.45 -10.27 -2.87
N GLU A 38 -5.74 -9.16 -3.11
CA GLU A 38 -4.33 -9.17 -3.52
C GLU A 38 -3.40 -9.27 -2.30
N MET A 39 -2.81 -10.46 -2.10
CA MET A 39 -1.82 -10.68 -1.04
C MET A 39 -0.49 -10.04 -1.44
N LEU A 40 0.12 -9.29 -0.50
CA LEU A 40 1.37 -8.56 -0.74
C LEU A 40 2.53 -9.53 -1.07
N GLN A 41 2.67 -10.57 -0.24
CA GLN A 41 3.73 -11.57 -0.41
C GLN A 41 3.14 -12.99 -0.31
N THR A 42 3.01 -13.51 0.92
CA THR A 42 2.57 -14.89 1.20
C THR A 42 2.11 -14.97 2.68
N ARG A 43 1.09 -15.80 2.95
CA ARG A 43 0.66 -16.09 4.33
C ARG A 43 1.67 -16.99 5.08
N GLY A 44 1.84 -16.73 6.39
CA GLY A 44 2.80 -17.46 7.23
C GLY A 44 4.23 -16.96 7.09
N SER A 45 4.39 -15.71 6.62
CA SER A 45 5.70 -15.07 6.44
C SER A 45 6.11 -14.28 7.69
N LYS A 46 7.42 -14.02 7.82
CA LYS A 46 7.98 -13.11 8.83
C LYS A 46 8.19 -11.75 8.17
N SER A 47 7.64 -10.69 8.79
CA SER A 47 7.55 -9.34 8.20
C SER A 47 8.94 -8.75 7.84
N ILE A 48 9.12 -8.41 6.55
CA ILE A 48 10.38 -7.85 6.01
C ILE A 48 10.39 -6.32 6.16
N VAL A 49 11.47 -5.76 6.70
CA VAL A 49 11.61 -4.30 6.87
C VAL A 49 12.44 -3.74 5.69
N ILE A 50 11.76 -3.00 4.80
CA ILE A 50 12.38 -2.29 3.67
C ILE A 50 12.74 -0.88 4.14
N LYS A 51 14.03 -0.63 4.26
CA LYS A 51 14.56 0.63 4.80
C LYS A 51 14.63 1.70 3.70
N ASN A 52 14.37 2.97 4.05
CA ASN A 52 14.49 4.11 3.12
C ASN A 52 15.97 4.34 2.69
N THR A 53 16.88 3.97 3.59
CA THR A 53 18.33 4.08 3.37
C THR A 53 18.87 2.88 2.56
N ASP A 54 18.05 1.81 2.45
CA ASP A 54 18.43 0.59 1.71
C ASP A 54 17.72 0.61 0.35
N GLU A 55 18.32 1.34 -0.60
CA GLU A 55 17.79 1.53 -1.97
C GLU A 55 17.58 0.18 -2.71
N ASN A 56 18.33 -0.87 -2.30
CA ASN A 56 18.24 -2.21 -2.91
C ASN A 56 16.87 -2.85 -2.64
N LEU A 57 16.46 -2.88 -1.36
CA LEU A 57 15.15 -3.44 -0.94
C LEU A 57 14.00 -2.66 -1.59
N ILE A 58 14.21 -1.34 -1.73
CA ILE A 58 13.26 -0.42 -2.38
C ILE A 58 13.10 -0.77 -3.88
N ASN A 59 14.23 -0.97 -4.58
CA ASN A 59 14.25 -1.29 -6.02
C ASN A 59 13.53 -2.62 -6.34
N HIS A 60 13.59 -3.57 -5.39
CA HIS A 60 12.98 -4.90 -5.54
C HIS A 60 11.46 -4.87 -5.25
N SER A 61 10.98 -3.72 -4.78
CA SER A 61 9.56 -3.53 -4.45
C SER A 61 9.05 -2.22 -5.08
N LYS A 62 8.27 -2.35 -6.18
CA LYS A 62 7.71 -1.22 -6.94
C LYS A 62 6.95 -0.22 -6.04
N LEU A 63 6.23 -0.76 -5.03
CA LEU A 63 5.46 0.03 -4.06
C LEU A 63 6.37 0.95 -3.24
N ALA A 64 7.53 0.42 -2.80
CA ALA A 64 8.48 1.15 -1.94
C ALA A 64 9.03 2.36 -2.67
N GLN A 65 9.40 2.16 -3.95
CA GLN A 65 9.88 3.23 -4.82
C GLN A 65 8.87 4.39 -4.88
N GLN A 66 7.60 4.04 -5.10
CA GLN A 66 6.49 5.01 -5.17
C GLN A 66 6.27 5.76 -3.83
N ILE A 67 6.29 5.02 -2.69
CA ILE A 67 6.02 5.60 -1.36
C ILE A 67 7.11 6.60 -0.95
N PHE A 68 8.39 6.18 -1.08
CA PHE A 68 9.54 7.02 -0.71
C PHE A 68 9.73 8.20 -1.69
N LEU A 69 9.31 8.02 -2.96
CA LEU A 69 9.34 9.09 -3.99
C LEU A 69 8.38 10.22 -3.61
N GLN A 70 7.15 9.82 -3.26
CA GLN A 70 6.05 10.77 -3.00
C GLN A 70 6.04 11.26 -1.54
N CYS A 71 6.77 10.56 -0.64
CA CYS A 71 6.90 10.95 0.77
C CYS A 71 8.26 10.50 1.33
N PRO A 72 9.24 11.46 1.51
CA PRO A 72 10.53 11.17 2.20
C PRO A 72 10.39 11.16 3.74
N GLY A 73 9.14 11.29 4.24
CA GLY A 73 8.85 11.21 5.67
C GLY A 73 8.93 9.80 6.20
N VAL A 74 8.69 8.81 5.31
CA VAL A 74 8.67 7.39 5.68
C VAL A 74 10.11 6.87 5.90
N GLU A 75 10.33 6.24 7.06
CA GLU A 75 11.64 5.71 7.49
C GLU A 75 11.83 4.26 7.00
N SER A 76 10.73 3.48 7.02
CA SER A 76 10.74 2.07 6.60
C SER A 76 9.33 1.54 6.35
N LEU A 77 9.26 0.42 5.62
CA LEU A 77 8.01 -0.31 5.32
C LEU A 77 8.13 -1.70 5.92
N MET A 78 7.11 -2.14 6.65
CA MET A 78 7.05 -3.49 7.20
C MET A 78 6.05 -4.31 6.38
N ILE A 79 6.60 -5.18 5.51
CA ILE A 79 5.85 -6.01 4.58
C ILE A 79 5.35 -7.25 5.32
N GLY A 80 4.06 -7.29 5.62
CA GLY A 80 3.44 -8.47 6.21
C GLY A 80 2.99 -9.46 5.16
N ASP A 81 2.11 -10.39 5.57
CA ASP A 81 1.52 -11.41 4.69
C ASP A 81 0.64 -10.71 3.63
N ASP A 82 -0.44 -10.11 4.13
CA ASP A 82 -1.50 -9.48 3.32
C ASP A 82 -1.73 -8.04 3.82
N PHE A 83 -0.83 -7.56 4.71
CA PHE A 83 -0.94 -6.27 5.39
C PHE A 83 0.41 -5.51 5.32
N LEU A 84 0.35 -4.17 5.37
CA LEU A 84 1.52 -3.29 5.23
C LEU A 84 1.52 -2.26 6.36
N THR A 85 2.56 -2.30 7.19
CA THR A 85 2.70 -1.39 8.33
C THR A 85 3.74 -0.32 8.00
N ILE A 86 3.30 0.94 7.83
CA ILE A 86 4.15 2.05 7.44
C ILE A 86 4.76 2.69 8.68
N ASN A 87 6.09 2.83 8.69
CA ASN A 87 6.83 3.53 9.77
C ASN A 87 7.25 4.90 9.23
N LYS A 88 6.63 5.96 9.75
CA LYS A 88 6.92 7.37 9.35
C LYS A 88 7.71 8.10 10.44
N ASP A 89 8.27 9.25 10.06
CA ASP A 89 8.98 10.15 10.98
C ASP A 89 7.99 10.78 11.96
N ARG A 90 8.43 10.95 13.21
CA ARG A 90 7.60 11.42 14.34
C ARG A 90 6.88 12.77 14.06
N MET A 91 7.51 13.62 13.22
CA MET A 91 6.98 14.96 12.89
C MET A 91 5.94 14.90 11.76
N VAL A 92 6.09 13.94 10.83
CA VAL A 92 5.28 13.87 9.59
C VAL A 92 3.99 13.07 9.85
N HIS A 93 2.83 13.70 9.60
CA HIS A 93 1.51 13.18 10.06
C HIS A 93 0.82 12.35 8.96
N TRP A 94 -0.02 11.38 9.39
CA TRP A 94 -0.77 10.47 8.48
C TRP A 94 -1.75 11.24 7.56
N ASN A 95 -2.20 12.42 8.02
CA ASN A 95 -3.18 13.27 7.30
C ASN A 95 -2.75 13.55 5.84
N SER A 96 -1.44 13.65 5.62
CA SER A 96 -0.86 13.88 4.28
C SER A 96 -0.53 12.54 3.58
N ILE A 97 0.10 11.60 4.31
CA ILE A 97 0.77 10.44 3.70
C ILE A 97 -0.25 9.34 3.32
N LYS A 98 -1.15 9.04 4.28
CA LYS A 98 -2.09 7.89 4.22
C LYS A 98 -2.92 7.79 2.90
N PRO A 99 -3.65 8.86 2.43
CA PRO A 99 -4.48 8.77 1.19
C PRO A 99 -3.64 8.39 -0.05
N GLU A 100 -2.42 8.92 -0.08
CA GLU A 100 -1.48 8.76 -1.18
C GLU A 100 -0.83 7.36 -1.16
N ILE A 101 -0.65 6.78 0.05
CA ILE A 101 -0.17 5.39 0.22
C ILE A 101 -1.22 4.41 -0.32
N ILE A 102 -2.47 4.57 0.16
CA ILE A 102 -3.61 3.70 -0.21
C ILE A 102 -3.84 3.72 -1.73
N ASP A 103 -3.64 4.90 -2.35
CA ASP A 103 -3.72 5.10 -3.80
C ASP A 103 -2.69 4.20 -4.55
N LEU A 104 -1.46 4.16 -4.01
CA LEU A 104 -0.37 3.33 -4.54
C LEU A 104 -0.64 1.82 -4.35
N LEU A 105 -1.33 1.47 -3.24
CA LEU A 105 -1.80 0.09 -2.98
C LEU A 105 -2.94 -0.31 -3.96
N THR A 106 -3.64 0.68 -4.51
CA THR A 106 -4.70 0.46 -5.49
C THR A 106 -4.09 0.27 -6.90
N LYS A 107 -3.00 1.02 -7.18
CA LYS A 107 -2.26 0.94 -8.45
C LYS A 107 -1.47 -0.37 -8.59
N GLN A 108 -0.47 -0.57 -7.71
CA GLN A 108 0.55 -1.63 -7.87
C GLN A 108 -0.07 -3.03 -7.93
N LEU A 109 -0.98 -3.31 -6.97
CA LEU A 109 -1.64 -4.63 -6.82
C LEU A 109 -2.48 -5.00 -8.08
N ALA A 110 -2.92 -3.95 -8.83
CA ALA A 110 -3.68 -4.13 -10.09
C ALA A 110 -2.75 -4.61 -11.23
N TYR A 111 -1.47 -4.22 -11.17
CA TYR A 111 -0.44 -4.67 -12.12
C TYR A 111 0.20 -6.00 -11.64
N GLY A 112 0.18 -6.21 -10.32
CA GLY A 112 0.81 -7.37 -9.69
C GLY A 112 0.69 -7.32 -8.17
N GLU A 113 0.11 -8.38 -7.58
CA GLU A 113 -0.09 -8.51 -6.12
C GLU A 113 1.25 -8.51 -5.34
N ASP A 114 2.32 -8.95 -6.02
CA ASP A 114 3.69 -8.89 -5.47
C ASP A 114 4.10 -7.43 -5.17
N VAL A 115 4.04 -7.06 -3.86
CA VAL A 115 4.60 -5.80 -3.37
C VAL A 115 6.11 -5.77 -3.63
N ILE A 116 6.77 -6.88 -3.27
CA ILE A 116 8.17 -7.14 -3.59
C ILE A 116 8.17 -8.08 -4.80
N SER A 117 8.03 -7.49 -5.98
CA SER A 117 8.11 -8.22 -7.24
C SER A 117 9.58 -8.63 -7.46
N LYS A 118 9.90 -9.92 -7.19
CA LYS A 118 11.27 -10.43 -7.26
C LYS A 118 11.78 -10.44 -8.72
N GLU A 119 10.98 -11.02 -9.62
CA GLU A 119 11.28 -11.15 -11.06
C GLU A 119 10.12 -11.91 -11.71
N MET A 1 -12.69 32.25 -30.45
CA MET A 1 -11.28 32.36 -30.88
C MET A 1 -10.37 31.65 -29.86
N GLY A 2 -9.46 30.78 -30.35
CA GLY A 2 -8.58 30.02 -29.48
C GLY A 2 -7.86 28.90 -30.23
N HIS A 3 -6.77 29.26 -30.93
CA HIS A 3 -5.97 28.32 -31.74
C HIS A 3 -4.98 27.55 -30.84
N HIS A 4 -5.53 26.58 -30.08
CA HIS A 4 -4.75 25.70 -29.16
C HIS A 4 -5.40 24.30 -29.12
N HIS A 5 -4.58 23.29 -28.81
CA HIS A 5 -4.98 21.88 -28.79
C HIS A 5 -3.98 21.08 -27.93
N HIS A 6 -4.42 20.69 -26.72
CA HIS A 6 -3.59 19.95 -25.75
C HIS A 6 -4.04 18.49 -25.69
N HIS A 7 -3.07 17.57 -25.51
CA HIS A 7 -3.35 16.12 -25.43
C HIS A 7 -3.73 15.78 -23.98
N HIS A 8 -4.97 15.32 -23.77
CA HIS A 8 -5.50 14.93 -22.45
C HIS A 8 -6.08 13.51 -22.51
N SER A 9 -5.68 12.66 -21.55
CA SER A 9 -6.19 11.29 -21.39
C SER A 9 -6.04 10.88 -19.92
N HIS A 10 -7.06 11.18 -19.11
CA HIS A 10 -7.12 10.79 -17.69
C HIS A 10 -7.95 9.51 -17.54
N MET A 11 -7.33 8.45 -16.98
CA MET A 11 -7.99 7.16 -16.73
C MET A 11 -8.84 7.23 -15.44
N ASN A 12 -9.92 8.00 -15.52
CA ASN A 12 -10.84 8.25 -14.39
C ASN A 12 -11.76 7.05 -14.15
N SER A 13 -12.02 6.28 -15.23
CA SER A 13 -12.72 4.99 -15.16
C SER A 13 -11.77 3.94 -14.55
N GLN A 14 -11.77 3.87 -13.22
CA GLN A 14 -10.94 2.94 -12.43
C GLN A 14 -11.63 2.63 -11.10
N ARG A 15 -11.40 1.41 -10.58
CA ARG A 15 -11.92 0.98 -9.29
C ARG A 15 -10.82 1.05 -8.23
N LEU A 16 -10.84 2.14 -7.44
CA LEU A 16 -9.94 2.31 -6.29
C LEU A 16 -10.12 1.14 -5.29
N ILE A 17 -9.03 0.41 -5.06
CA ILE A 17 -9.03 -0.87 -4.33
C ILE A 17 -9.17 -0.60 -2.82
N HIS A 18 -10.04 -1.41 -2.17
CA HIS A 18 -10.40 -1.26 -0.76
C HIS A 18 -9.19 -1.59 0.12
N ILE A 19 -8.74 -0.56 0.84
CA ILE A 19 -7.59 -0.61 1.74
C ILE A 19 -8.09 -0.03 3.07
N LYS A 20 -8.15 -0.85 4.13
CA LYS A 20 -8.75 -0.46 5.41
C LYS A 20 -7.65 -0.05 6.40
N THR A 21 -7.89 1.04 7.12
CA THR A 21 -6.94 1.62 8.05
C THR A 21 -7.16 1.05 9.47
N LEU A 22 -6.12 0.41 10.02
CA LEU A 22 -6.15 -0.22 11.35
C LEU A 22 -4.94 0.28 12.17
N THR A 23 -5.17 0.59 13.45
CA THR A 23 -4.11 1.08 14.37
C THR A 23 -3.39 -0.12 15.02
N THR A 24 -2.09 0.04 15.29
CA THR A 24 -1.26 -0.99 15.94
C THR A 24 -0.90 -0.52 17.38
N PRO A 25 -0.39 -1.42 18.30
CA PRO A 25 0.19 -0.96 19.60
C PRO A 25 1.48 -0.13 19.41
N ASN A 26 2.07 -0.24 18.20
CA ASN A 26 3.27 0.50 17.80
C ASN A 26 2.89 1.94 17.40
N GLU A 27 3.67 2.92 17.88
CA GLU A 27 3.45 4.34 17.55
C GLU A 27 4.06 4.66 16.17
N ASN A 28 3.41 5.61 15.45
CA ASN A 28 3.81 6.05 14.08
C ASN A 28 3.87 4.88 13.08
N ALA A 29 3.14 3.80 13.39
CA ALA A 29 3.04 2.59 12.57
C ALA A 29 1.55 2.28 12.36
N LEU A 30 1.11 2.23 11.10
CA LEU A 30 -0.31 2.08 10.75
C LEU A 30 -0.49 0.90 9.80
N LYS A 31 -1.37 -0.03 10.20
CA LYS A 31 -1.66 -1.26 9.47
C LYS A 31 -2.69 -1.00 8.34
N PHE A 32 -2.19 -1.02 7.10
CA PHE A 32 -3.00 -0.92 5.89
C PHE A 32 -3.33 -2.32 5.42
N LEU A 33 -4.62 -2.66 5.43
CA LEU A 33 -5.11 -4.01 5.14
C LEU A 33 -5.68 -4.04 3.72
N SER A 34 -5.18 -4.96 2.89
CA SER A 34 -5.78 -5.23 1.57
C SER A 34 -7.10 -5.99 1.79
N THR A 35 -8.22 -5.25 1.67
CA THR A 35 -9.55 -5.67 2.17
C THR A 35 -10.26 -6.61 1.16
N ASP A 36 -10.01 -6.39 -0.15
CA ASP A 36 -10.58 -7.23 -1.24
C ASP A 36 -10.13 -8.69 -1.12
N GLY A 37 -8.84 -8.88 -0.77
CA GLY A 37 -8.28 -10.22 -0.58
C GLY A 37 -6.90 -10.41 -1.17
N GLU A 38 -6.28 -9.31 -1.66
CA GLU A 38 -4.90 -9.34 -2.18
C GLU A 38 -3.92 -9.69 -1.03
N MET A 39 -2.80 -10.32 -1.36
CA MET A 39 -1.79 -10.74 -0.37
C MET A 39 -0.42 -10.19 -0.76
N LEU A 40 0.27 -9.57 0.21
CA LEU A 40 1.53 -8.82 -0.04
C LEU A 40 2.76 -9.70 0.23
N GLN A 41 2.77 -10.42 1.37
CA GLN A 41 3.85 -11.38 1.71
C GLN A 41 3.34 -12.82 1.63
N THR A 42 4.19 -13.69 1.08
CA THR A 42 4.03 -15.15 1.12
C THR A 42 4.11 -15.61 2.60
N ARG A 43 3.09 -16.35 3.05
CA ARG A 43 2.81 -16.59 4.49
C ARG A 43 3.93 -17.41 5.19
N GLY A 44 4.70 -18.16 4.40
CA GLY A 44 5.81 -18.95 4.92
C GLY A 44 7.16 -18.22 4.90
N SER A 45 7.12 -16.87 4.85
CA SER A 45 8.32 -16.01 4.79
C SER A 45 8.24 -14.88 5.83
N LYS A 46 9.39 -14.18 6.04
CA LYS A 46 9.54 -13.14 7.08
C LYS A 46 8.96 -11.79 6.63
N SER A 47 8.58 -10.96 7.63
CA SER A 47 8.09 -9.59 7.41
C SER A 47 9.23 -8.70 6.86
N ILE A 48 9.14 -8.34 5.56
CA ILE A 48 10.20 -7.56 4.88
C ILE A 48 10.15 -6.09 5.36
N VAL A 49 11.05 -5.73 6.28
CA VAL A 49 11.16 -4.34 6.74
C VAL A 49 12.05 -3.59 5.76
N ILE A 50 11.43 -2.73 4.94
CA ILE A 50 12.14 -2.00 3.88
C ILE A 50 12.52 -0.63 4.43
N LYS A 51 13.81 -0.44 4.72
CA LYS A 51 14.32 0.80 5.30
C LYS A 51 14.75 1.75 4.18
N ASN A 52 14.39 3.04 4.29
CA ASN A 52 14.78 4.07 3.29
C ASN A 52 16.30 4.27 3.23
N THR A 53 16.99 3.91 4.33
CA THR A 53 18.46 3.98 4.46
C THR A 53 19.15 2.77 3.79
N ASP A 54 18.37 1.72 3.47
CA ASP A 54 18.86 0.49 2.84
C ASP A 54 18.30 0.44 1.41
N GLU A 55 18.96 1.21 0.52
CA GLU A 55 18.51 1.51 -0.87
C GLU A 55 18.24 0.24 -1.72
N ASN A 56 19.01 -0.83 -1.47
CA ASN A 56 18.92 -2.11 -2.20
C ASN A 56 17.54 -2.79 -2.01
N LEU A 57 16.93 -2.57 -0.81
CA LEU A 57 15.55 -3.03 -0.49
C LEU A 57 14.49 -2.30 -1.34
N ILE A 58 14.73 -1.01 -1.61
CA ILE A 58 13.83 -0.16 -2.42
C ILE A 58 13.92 -0.62 -3.89
N ASN A 59 15.18 -0.76 -4.38
CA ASN A 59 15.52 -1.12 -5.78
C ASN A 59 14.82 -2.41 -6.25
N HIS A 60 14.58 -3.34 -5.31
CA HIS A 60 13.89 -4.61 -5.59
C HIS A 60 12.36 -4.44 -5.45
N SER A 61 11.92 -3.77 -4.37
CA SER A 61 10.48 -3.66 -4.02
C SER A 61 9.80 -2.48 -4.72
N LYS A 62 8.98 -2.79 -5.75
CA LYS A 62 8.21 -1.82 -6.56
C LYS A 62 7.41 -0.81 -5.69
N LEU A 63 6.62 -1.38 -4.76
CA LEU A 63 5.75 -0.62 -3.87
C LEU A 63 6.55 0.34 -2.96
N ALA A 64 7.76 -0.10 -2.54
CA ALA A 64 8.66 0.70 -1.71
C ALA A 64 9.16 1.93 -2.47
N GLN A 65 9.48 1.73 -3.77
CA GLN A 65 9.95 2.81 -4.66
C GLN A 65 8.91 3.94 -4.70
N GLN A 66 7.64 3.56 -4.93
CA GLN A 66 6.49 4.48 -4.97
C GLN A 66 6.24 5.23 -3.65
N ILE A 67 6.18 4.49 -2.52
CA ILE A 67 5.83 5.07 -1.20
C ILE A 67 6.91 6.07 -0.71
N PHE A 68 8.20 5.66 -0.81
CA PHE A 68 9.34 6.52 -0.41
C PHE A 68 9.55 7.70 -1.39
N LEU A 69 9.20 7.52 -2.68
CA LEU A 69 9.33 8.59 -3.70
C LEU A 69 8.32 9.71 -3.43
N GLN A 70 7.02 9.35 -3.42
CA GLN A 70 5.91 10.29 -3.29
C GLN A 70 5.73 10.77 -1.83
N CYS A 71 6.28 10.01 -0.86
CA CYS A 71 6.25 10.37 0.56
C CYS A 71 7.62 10.03 1.20
N PRO A 72 8.67 10.91 1.04
CA PRO A 72 10.01 10.71 1.66
C PRO A 72 9.99 10.79 3.22
N GLY A 73 8.84 11.17 3.80
CA GLY A 73 8.68 11.25 5.26
C GLY A 73 8.43 9.89 5.91
N VAL A 74 8.24 8.85 5.07
CA VAL A 74 8.15 7.46 5.52
C VAL A 74 9.56 6.91 5.80
N GLU A 75 9.75 6.29 6.98
CA GLU A 75 11.04 5.78 7.46
C GLU A 75 11.30 4.35 6.96
N SER A 76 10.28 3.50 7.09
CA SER A 76 10.38 2.09 6.74
C SER A 76 8.99 1.50 6.48
N LEU A 77 8.96 0.42 5.70
CA LEU A 77 7.77 -0.40 5.47
C LEU A 77 7.96 -1.72 6.21
N MET A 78 6.87 -2.48 6.34
CA MET A 78 6.92 -3.86 6.82
C MET A 78 5.88 -4.64 6.02
N ILE A 79 6.36 -5.44 5.05
CA ILE A 79 5.51 -6.22 4.17
C ILE A 79 5.01 -7.44 4.94
N GLY A 80 3.77 -7.34 5.42
CA GLY A 80 3.13 -8.42 6.15
C GLY A 80 2.30 -9.26 5.20
N ASP A 81 1.76 -10.39 5.73
CA ASP A 81 1.03 -11.41 4.93
C ASP A 81 -0.13 -10.76 4.15
N ASP A 82 -1.10 -10.29 4.93
CA ASP A 82 -2.35 -9.68 4.45
C ASP A 82 -2.34 -8.15 4.63
N PHE A 83 -1.23 -7.61 5.18
CA PHE A 83 -1.17 -6.23 5.67
C PHE A 83 0.15 -5.54 5.28
N LEU A 84 0.18 -4.22 5.48
CA LEU A 84 1.37 -3.39 5.25
C LEU A 84 1.46 -2.36 6.36
N THR A 85 2.50 -2.46 7.19
CA THR A 85 2.72 -1.57 8.33
C THR A 85 3.67 -0.45 7.90
N ILE A 86 3.12 0.76 7.72
CA ILE A 86 3.89 1.94 7.31
C ILE A 86 4.43 2.62 8.58
N ASN A 87 5.75 2.68 8.69
CA ASN A 87 6.46 3.39 9.78
C ASN A 87 7.01 4.70 9.19
N LYS A 88 6.67 5.83 9.82
CA LYS A 88 7.03 7.17 9.32
C LYS A 88 7.57 8.05 10.45
N ASP A 89 8.12 9.22 10.08
CA ASP A 89 8.67 10.19 11.02
C ASP A 89 7.52 11.04 11.60
N ARG A 90 7.62 11.39 12.89
CA ARG A 90 6.56 12.07 13.65
C ARG A 90 6.53 13.59 13.41
N MET A 91 7.43 14.10 12.54
CA MET A 91 7.37 15.51 12.08
C MET A 91 6.28 15.70 11.01
N VAL A 92 5.92 14.59 10.32
CA VAL A 92 4.90 14.58 9.25
C VAL A 92 3.57 14.00 9.81
N HIS A 93 2.44 14.50 9.29
CA HIS A 93 1.08 14.04 9.66
C HIS A 93 0.75 12.66 8.99
N TRP A 94 -0.21 11.90 9.55
CA TRP A 94 -0.61 10.56 9.03
C TRP A 94 -1.61 10.67 7.85
N ASN A 95 -2.74 11.37 8.09
CA ASN A 95 -3.84 11.55 7.10
C ASN A 95 -3.38 12.27 5.82
N SER A 96 -2.23 12.96 5.90
CA SER A 96 -1.61 13.67 4.76
C SER A 96 -0.91 12.66 3.81
N ILE A 97 -0.24 11.66 4.42
CA ILE A 97 0.47 10.58 3.68
C ILE A 97 -0.53 9.50 3.18
N LYS A 98 -1.64 9.32 3.94
CA LYS A 98 -2.58 8.19 3.75
C LYS A 98 -3.22 8.11 2.30
N PRO A 99 -3.72 9.22 1.63
CA PRO A 99 -4.32 9.13 0.26
C PRO A 99 -3.29 8.65 -0.76
N GLU A 100 -2.01 9.05 -0.55
CA GLU A 100 -0.86 8.59 -1.35
C GLU A 100 -0.69 7.07 -1.21
N ILE A 101 -0.64 6.58 0.05
CA ILE A 101 -0.43 5.14 0.36
C ILE A 101 -1.54 4.28 -0.28
N ILE A 102 -2.81 4.59 0.04
CA ILE A 102 -3.99 3.87 -0.49
C ILE A 102 -3.99 3.85 -2.04
N ASP A 103 -3.59 4.99 -2.65
CA ASP A 103 -3.50 5.14 -4.12
C ASP A 103 -2.47 4.16 -4.71
N LEU A 104 -1.25 4.17 -4.13
CA LEU A 104 -0.12 3.36 -4.60
C LEU A 104 -0.35 1.84 -4.39
N LEU A 105 -1.09 1.51 -3.31
CA LEU A 105 -1.54 0.14 -3.03
C LEU A 105 -2.63 -0.28 -4.05
N THR A 106 -3.39 0.69 -4.57
CA THR A 106 -4.40 0.42 -5.61
C THR A 106 -3.71 0.18 -6.97
N LYS A 107 -2.73 1.06 -7.29
CA LYS A 107 -1.99 1.05 -8.58
C LYS A 107 -1.25 -0.28 -8.77
N GLN A 108 -0.50 -0.69 -7.72
CA GLN A 108 0.24 -1.97 -7.67
C GLN A 108 -0.69 -3.15 -7.97
N LEU A 109 -1.73 -3.29 -7.14
CA LEU A 109 -2.64 -4.44 -7.14
C LEU A 109 -3.60 -4.41 -8.36
N ALA A 110 -3.65 -3.25 -9.06
CA ALA A 110 -4.41 -3.07 -10.32
C ALA A 110 -3.70 -3.74 -11.50
N TYR A 111 -2.36 -3.83 -11.42
CA TYR A 111 -1.54 -4.55 -12.41
C TYR A 111 -1.44 -6.04 -12.00
N GLY A 112 -1.21 -6.28 -10.70
CA GLY A 112 -1.12 -7.63 -10.16
C GLY A 112 -0.90 -7.63 -8.65
N GLU A 113 -1.24 -8.77 -8.01
CA GLU A 113 -1.12 -8.98 -6.55
C GLU A 113 0.34 -8.86 -6.04
N ASP A 114 1.30 -9.21 -6.93
CA ASP A 114 2.74 -9.32 -6.61
C ASP A 114 3.33 -8.00 -6.09
N VAL A 115 4.22 -8.12 -5.08
CA VAL A 115 5.07 -7.01 -4.63
C VAL A 115 6.33 -6.97 -5.52
N ILE A 116 6.90 -8.17 -5.78
CA ILE A 116 8.03 -8.38 -6.71
C ILE A 116 7.79 -9.75 -7.42
N SER A 117 7.22 -9.74 -8.64
CA SER A 117 7.10 -10.97 -9.46
C SER A 117 8.53 -11.43 -9.87
N LYS A 118 9.18 -10.55 -10.63
CA LYS A 118 10.64 -10.48 -10.79
C LYS A 118 11.05 -8.99 -10.74
N GLU A 119 10.05 -8.16 -10.40
CA GLU A 119 10.07 -6.70 -10.48
C GLU A 119 8.76 -6.20 -9.81
N MET A 1 -51.01 6.25 6.77
CA MET A 1 -50.49 5.03 6.09
C MET A 1 -50.22 5.36 4.62
N GLY A 2 -48.96 5.13 4.17
CA GLY A 2 -48.55 5.40 2.79
C GLY A 2 -47.27 6.23 2.73
N HIS A 3 -46.14 5.59 2.39
CA HIS A 3 -44.83 6.25 2.21
C HIS A 3 -44.07 5.55 1.07
N HIS A 4 -43.97 6.23 -0.09
CA HIS A 4 -43.21 5.75 -1.24
C HIS A 4 -41.70 5.95 -0.97
N HIS A 5 -40.92 4.86 -1.07
CA HIS A 5 -39.45 4.90 -0.94
C HIS A 5 -38.86 5.06 -2.34
N HIS A 6 -38.38 6.28 -2.65
CA HIS A 6 -37.83 6.62 -3.96
C HIS A 6 -36.55 5.82 -4.23
N HIS A 7 -36.66 4.88 -5.19
CA HIS A 7 -35.52 4.09 -5.68
C HIS A 7 -34.48 5.04 -6.29
N HIS A 8 -33.25 4.96 -5.78
CA HIS A 8 -32.15 5.87 -6.13
C HIS A 8 -31.47 5.39 -7.42
N SER A 9 -30.64 6.27 -8.01
CA SER A 9 -29.78 5.93 -9.16
C SER A 9 -28.79 4.82 -8.73
N HIS A 10 -28.75 3.70 -9.48
CA HIS A 10 -27.94 2.51 -9.14
C HIS A 10 -26.44 2.80 -9.38
N MET A 11 -25.83 3.53 -8.42
CA MET A 11 -24.43 3.99 -8.53
C MET A 11 -23.46 2.82 -8.22
N ASN A 12 -22.70 2.43 -9.25
CA ASN A 12 -21.70 1.34 -9.17
C ASN A 12 -20.32 1.88 -9.60
N SER A 13 -20.09 3.16 -9.26
CA SER A 13 -18.90 3.92 -9.67
C SER A 13 -17.63 3.56 -8.86
N GLN A 14 -17.76 2.54 -7.98
CA GLN A 14 -16.66 2.03 -7.15
C GLN A 14 -15.54 1.43 -8.04
N ARG A 15 -14.62 2.30 -8.45
CA ARG A 15 -13.46 1.94 -9.28
C ARG A 15 -12.18 2.13 -8.45
N LEU A 16 -12.03 1.25 -7.46
CA LEU A 16 -10.84 1.18 -6.60
C LEU A 16 -10.81 -0.19 -5.91
N ILE A 17 -9.64 -0.52 -5.37
CA ILE A 17 -9.42 -1.73 -4.56
C ILE A 17 -9.56 -1.34 -3.09
N HIS A 18 -10.38 -2.11 -2.35
CA HIS A 18 -10.82 -1.75 -0.99
C HIS A 18 -9.66 -1.98 0.01
N ILE A 19 -9.15 -0.88 0.56
CA ILE A 19 -7.94 -0.87 1.41
C ILE A 19 -8.35 -0.31 2.79
N LYS A 20 -8.32 -1.19 3.81
CA LYS A 20 -8.80 -0.90 5.16
C LYS A 20 -7.64 -0.34 6.01
N THR A 21 -7.85 0.82 6.63
CA THR A 21 -6.83 1.46 7.48
C THR A 21 -7.03 0.98 8.93
N LEU A 22 -5.97 0.36 9.48
CA LEU A 22 -5.96 -0.19 10.84
C LEU A 22 -4.73 0.35 11.59
N THR A 23 -4.92 0.69 12.86
CA THR A 23 -3.85 1.17 13.73
C THR A 23 -3.09 -0.03 14.34
N THR A 24 -1.87 0.22 14.82
CA THR A 24 -1.04 -0.76 15.52
C THR A 24 -0.83 -0.31 16.99
N PRO A 25 -0.42 -1.23 17.91
CA PRO A 25 0.07 -0.84 19.27
C PRO A 25 1.31 0.11 19.23
N ASN A 26 1.97 0.19 18.06
CA ASN A 26 3.11 1.12 17.84
C ASN A 26 2.61 2.53 17.46
N GLU A 27 3.41 3.54 17.81
CA GLU A 27 3.10 4.98 17.59
C GLU A 27 3.06 5.36 16.09
N ASN A 28 4.15 5.04 15.36
CA ASN A 28 4.40 5.55 13.98
C ASN A 28 4.18 4.45 12.94
N ALA A 29 3.45 3.40 13.32
CA ALA A 29 3.10 2.29 12.43
C ALA A 29 1.57 2.30 12.18
N LEU A 30 1.18 2.26 10.90
CA LEU A 30 -0.22 2.21 10.47
C LEU A 30 -0.31 1.21 9.33
N LYS A 31 -1.04 0.11 9.54
CA LYS A 31 -1.15 -0.96 8.54
C LYS A 31 -2.39 -0.78 7.66
N PHE A 32 -2.29 -1.26 6.42
CA PHE A 32 -3.33 -1.16 5.40
C PHE A 32 -3.63 -2.57 4.89
N LEU A 33 -4.89 -2.98 5.02
CA LEU A 33 -5.31 -4.37 4.88
C LEU A 33 -5.99 -4.57 3.52
N SER A 34 -5.52 -5.56 2.75
CA SER A 34 -6.07 -5.91 1.44
C SER A 34 -7.26 -6.88 1.65
N THR A 35 -8.49 -6.38 1.45
CA THR A 35 -9.74 -7.10 1.81
C THR A 35 -10.36 -7.85 0.61
N ASP A 36 -9.81 -7.61 -0.59
CA ASP A 36 -10.40 -8.06 -1.87
C ASP A 36 -10.10 -9.54 -2.18
N GLY A 37 -8.92 -10.01 -1.75
CA GLY A 37 -8.42 -11.35 -2.12
C GLY A 37 -7.08 -11.24 -2.83
N GLU A 38 -6.83 -10.06 -3.41
CA GLU A 38 -5.52 -9.67 -3.91
C GLU A 38 -4.57 -9.48 -2.73
N MET A 39 -3.78 -10.53 -2.44
CA MET A 39 -2.82 -10.54 -1.32
C MET A 39 -1.54 -9.78 -1.74
N LEU A 40 -0.98 -8.98 -0.82
CA LEU A 40 0.23 -8.15 -1.10
C LEU A 40 1.44 -9.01 -1.50
N GLN A 41 1.52 -10.20 -0.89
CA GLN A 41 2.61 -11.16 -1.10
C GLN A 41 2.31 -12.47 -0.35
N THR A 42 2.95 -13.56 -0.80
CA THR A 42 2.91 -14.88 -0.15
C THR A 42 3.23 -14.78 1.36
N ARG A 43 2.55 -15.65 2.13
CA ARG A 43 2.70 -15.74 3.59
C ARG A 43 4.11 -16.22 4.01
N GLY A 44 4.86 -16.80 3.04
CA GLY A 44 6.23 -17.30 3.27
C GLY A 44 7.25 -16.21 3.63
N SER A 45 6.87 -14.94 3.43
CA SER A 45 7.68 -13.77 3.89
C SER A 45 7.52 -13.60 5.42
N LYS A 46 8.45 -12.85 6.06
CA LYS A 46 8.48 -12.72 7.54
C LYS A 46 8.73 -11.24 7.97
N SER A 47 7.68 -10.39 7.81
CA SER A 47 7.72 -8.93 8.13
C SER A 47 8.93 -8.24 7.46
N ILE A 48 8.89 -8.13 6.13
CA ILE A 48 10.01 -7.58 5.35
C ILE A 48 10.04 -6.06 5.50
N VAL A 49 10.92 -5.58 6.38
CA VAL A 49 11.09 -4.16 6.64
C VAL A 49 11.97 -3.57 5.54
N ILE A 50 11.47 -2.54 4.85
CA ILE A 50 12.20 -1.87 3.76
C ILE A 50 12.72 -0.53 4.28
N LYS A 51 14.05 -0.41 4.46
CA LYS A 51 14.67 0.84 4.96
C LYS A 51 14.79 1.85 3.81
N ASN A 52 14.53 3.15 4.08
CA ASN A 52 14.69 4.24 3.10
C ASN A 52 16.18 4.43 2.70
N THR A 53 17.08 4.00 3.60
CA THR A 53 18.54 4.06 3.40
C THR A 53 19.05 2.82 2.63
N ASP A 54 18.26 1.72 2.62
CA ASP A 54 18.66 0.46 1.97
C ASP A 54 18.12 0.46 0.53
N GLU A 55 18.99 0.87 -0.40
CA GLU A 55 18.70 0.93 -1.85
C GLU A 55 18.17 -0.43 -2.40
N ASN A 56 18.76 -1.56 -1.94
CA ASN A 56 18.53 -2.90 -2.52
C ASN A 56 17.08 -3.40 -2.28
N LEU A 57 16.57 -3.21 -1.05
CA LEU A 57 15.19 -3.59 -0.67
C LEU A 57 14.15 -2.79 -1.49
N ILE A 58 14.50 -1.53 -1.79
CA ILE A 58 13.66 -0.59 -2.55
C ILE A 58 13.70 -0.92 -4.06
N ASN A 59 14.87 -1.38 -4.54
CA ASN A 59 15.04 -1.87 -5.94
C ASN A 59 14.10 -3.05 -6.24
N HIS A 60 13.89 -3.91 -5.23
CA HIS A 60 12.98 -5.07 -5.33
C HIS A 60 11.51 -4.64 -5.27
N SER A 61 11.22 -3.66 -4.41
CA SER A 61 9.86 -3.16 -4.17
C SER A 61 9.66 -1.80 -4.86
N LYS A 62 9.02 -1.83 -6.05
CA LYS A 62 8.62 -0.60 -6.78
C LYS A 62 7.64 0.23 -5.93
N LEU A 63 6.81 -0.48 -5.14
CA LEU A 63 5.88 0.12 -4.18
C LEU A 63 6.64 0.99 -3.15
N ALA A 64 7.82 0.50 -2.71
CA ALA A 64 8.72 1.24 -1.80
C ALA A 64 9.30 2.49 -2.47
N GLN A 65 9.67 2.36 -3.77
CA GLN A 65 10.22 3.47 -4.58
C GLN A 65 9.24 4.65 -4.58
N GLN A 66 7.97 4.32 -4.83
CA GLN A 66 6.85 5.28 -4.87
C GLN A 66 6.62 5.98 -3.51
N ILE A 67 6.50 5.19 -2.42
CA ILE A 67 6.16 5.71 -1.07
C ILE A 67 7.26 6.65 -0.53
N PHE A 68 8.54 6.21 -0.65
CA PHE A 68 9.71 7.00 -0.18
C PHE A 68 9.94 8.26 -1.05
N LEU A 69 9.63 8.18 -2.36
CA LEU A 69 9.75 9.34 -3.29
C LEU A 69 8.68 10.39 -3.00
N GLN A 70 7.43 9.93 -2.77
CA GLN A 70 6.27 10.81 -2.52
C GLN A 70 6.32 11.42 -1.11
N CYS A 71 6.97 10.73 -0.17
CA CYS A 71 7.13 11.20 1.21
C CYS A 71 8.48 10.74 1.80
N PRO A 72 9.50 11.65 1.89
CA PRO A 72 10.80 11.35 2.55
C PRO A 72 10.72 11.42 4.10
N GLY A 73 9.49 11.58 4.63
CA GLY A 73 9.23 11.47 6.06
C GLY A 73 9.16 10.03 6.52
N VAL A 74 8.79 9.12 5.60
CA VAL A 74 8.67 7.67 5.89
C VAL A 74 10.06 7.06 6.15
N GLU A 75 10.24 6.47 7.35
CA GLU A 75 11.51 5.85 7.79
C GLU A 75 11.73 4.51 7.07
N SER A 76 10.68 3.69 7.08
CA SER A 76 10.71 2.33 6.57
C SER A 76 9.30 1.82 6.32
N LEU A 77 9.20 0.70 5.60
CA LEU A 77 7.96 -0.04 5.41
C LEU A 77 8.09 -1.37 6.16
N MET A 78 6.98 -2.10 6.28
CA MET A 78 6.98 -3.48 6.78
C MET A 78 5.94 -4.25 5.99
N ILE A 79 6.40 -5.23 5.23
CA ILE A 79 5.54 -6.08 4.43
C ILE A 79 5.02 -7.21 5.33
N GLY A 80 3.75 -7.09 5.73
CA GLY A 80 3.05 -8.20 6.36
C GLY A 80 2.45 -9.09 5.28
N ASP A 81 1.89 -10.21 5.71
CA ASP A 81 1.33 -11.23 4.81
C ASP A 81 0.16 -10.64 3.98
N ASP A 82 -0.80 -10.03 4.68
CA ASP A 82 -2.03 -9.46 4.09
C ASP A 82 -2.20 -7.95 4.44
N PHE A 83 -1.20 -7.36 5.11
CA PHE A 83 -1.26 -5.96 5.61
C PHE A 83 0.09 -5.26 5.41
N LEU A 84 0.06 -4.03 4.88
CA LEU A 84 1.28 -3.21 4.69
C LEU A 84 1.35 -2.14 5.78
N THR A 85 2.37 -2.24 6.62
CA THR A 85 2.56 -1.35 7.76
C THR A 85 3.57 -0.26 7.38
N ILE A 86 3.10 0.99 7.30
CA ILE A 86 3.91 2.15 6.96
C ILE A 86 4.50 2.72 8.26
N ASN A 87 5.82 2.92 8.30
CA ASN A 87 6.54 3.41 9.47
C ASN A 87 7.21 4.76 9.10
N LYS A 88 6.70 5.85 9.70
CA LYS A 88 7.15 7.23 9.35
C LYS A 88 7.80 7.93 10.56
N ASP A 89 8.35 9.13 10.33
CA ASP A 89 8.89 10.02 11.38
C ASP A 89 7.69 10.64 12.14
N ARG A 90 7.73 10.60 13.48
CA ARG A 90 6.60 11.00 14.36
C ARG A 90 6.09 12.44 14.11
N MET A 91 7.01 13.35 13.70
CA MET A 91 6.69 14.78 13.48
C MET A 91 5.90 15.02 12.17
N VAL A 92 5.81 13.97 11.33
CA VAL A 92 5.04 13.97 10.07
C VAL A 92 3.64 13.37 10.35
N HIS A 93 2.58 13.98 9.77
CA HIS A 93 1.17 13.56 10.01
C HIS A 93 0.81 12.31 9.17
N TRP A 94 -0.26 11.60 9.59
CA TRP A 94 -0.78 10.42 8.86
C TRP A 94 -1.66 10.84 7.65
N ASN A 95 -2.67 11.71 7.91
CA ASN A 95 -3.72 12.08 6.92
C ASN A 95 -3.13 12.74 5.64
N SER A 96 -1.89 13.22 5.75
CA SER A 96 -1.15 13.81 4.63
C SER A 96 -0.72 12.70 3.63
N ILE A 97 -0.10 11.64 4.18
CA ILE A 97 0.51 10.54 3.39
C ILE A 97 -0.55 9.47 3.00
N LYS A 98 -1.56 9.29 3.89
CA LYS A 98 -2.53 8.18 3.86
C LYS A 98 -3.25 7.99 2.49
N PRO A 99 -3.85 9.05 1.85
CA PRO A 99 -4.50 8.91 0.50
C PRO A 99 -3.51 8.42 -0.58
N GLU A 100 -2.25 8.89 -0.46
CA GLU A 100 -1.17 8.55 -1.41
C GLU A 100 -0.79 7.07 -1.31
N ILE A 101 -0.80 6.54 -0.06
CA ILE A 101 -0.52 5.13 0.23
C ILE A 101 -1.63 4.24 -0.38
N ILE A 102 -2.90 4.55 -0.04
CA ILE A 102 -4.09 3.78 -0.48
C ILE A 102 -4.14 3.66 -2.02
N ASP A 103 -3.76 4.75 -2.71
CA ASP A 103 -3.69 4.84 -4.18
C ASP A 103 -2.65 3.85 -4.75
N LEU A 104 -1.44 3.88 -4.17
CA LEU A 104 -0.30 3.02 -4.60
C LEU A 104 -0.57 1.52 -4.36
N LEU A 105 -1.31 1.20 -3.28
CA LEU A 105 -1.73 -0.18 -2.96
C LEU A 105 -2.81 -0.68 -3.94
N THR A 106 -3.60 0.25 -4.50
CA THR A 106 -4.58 -0.06 -5.56
C THR A 106 -3.83 -0.36 -6.88
N LYS A 107 -2.67 0.31 -7.09
CA LYS A 107 -1.81 0.10 -8.28
C LYS A 107 -1.13 -1.30 -8.23
N GLN A 108 -0.59 -1.66 -7.05
CA GLN A 108 0.11 -2.94 -6.81
C GLN A 108 -0.86 -4.10 -7.07
N LEU A 109 -2.00 -4.05 -6.36
CA LEU A 109 -3.01 -5.11 -6.35
C LEU A 109 -3.82 -5.16 -7.66
N ALA A 110 -3.75 -4.08 -8.48
CA ALA A 110 -4.34 -4.06 -9.85
C ALA A 110 -3.69 -5.13 -10.73
N TYR A 111 -2.38 -5.35 -10.51
CA TYR A 111 -1.64 -6.45 -11.12
C TYR A 111 -1.75 -7.71 -10.23
N GLY A 112 -1.81 -7.49 -8.91
CA GLY A 112 -1.84 -8.54 -7.90
C GLY A 112 -0.45 -9.10 -7.67
N GLU A 113 0.49 -8.17 -7.39
CA GLU A 113 1.92 -8.49 -7.29
C GLU A 113 2.31 -9.04 -5.92
N ASP A 114 3.40 -9.81 -5.91
CA ASP A 114 4.19 -10.10 -4.72
C ASP A 114 5.24 -8.98 -4.61
N VAL A 115 4.93 -7.99 -3.77
CA VAL A 115 5.64 -6.69 -3.66
C VAL A 115 7.19 -6.79 -3.69
N ILE A 116 7.75 -7.77 -2.97
CA ILE A 116 9.19 -7.98 -2.87
C ILE A 116 9.66 -9.04 -3.89
N SER A 117 9.30 -10.30 -3.60
CA SER A 117 9.72 -11.49 -4.37
C SER A 117 8.58 -12.51 -4.39
N LYS A 118 8.33 -13.10 -5.57
CA LYS A 118 7.29 -14.11 -5.77
C LYS A 118 7.90 -15.50 -5.59
N GLU A 119 9.13 -15.67 -6.11
CA GLU A 119 9.89 -16.93 -6.05
C GLU A 119 11.28 -16.66 -5.42
N MET A 1 -29.58 25.37 -25.90
CA MET A 1 -28.17 25.72 -26.19
C MET A 1 -27.30 24.46 -26.11
N GLY A 2 -26.19 24.43 -26.87
CA GLY A 2 -25.32 23.25 -26.95
C GLY A 2 -23.88 23.62 -27.34
N HIS A 3 -23.10 24.05 -26.34
CA HIS A 3 -21.66 24.36 -26.50
C HIS A 3 -20.80 23.27 -25.79
N HIS A 4 -21.43 22.12 -25.52
CA HIS A 4 -20.84 21.00 -24.77
C HIS A 4 -19.62 20.42 -25.50
N HIS A 5 -18.50 20.27 -24.77
CA HIS A 5 -17.23 19.76 -25.31
C HIS A 5 -17.29 18.22 -25.44
N HIS A 6 -16.71 17.70 -26.54
CA HIS A 6 -16.68 16.25 -26.85
C HIS A 6 -15.91 15.50 -25.75
N HIS A 7 -14.68 16.00 -25.48
CA HIS A 7 -13.83 15.58 -24.35
C HIS A 7 -13.86 14.06 -24.08
N HIS A 8 -13.10 13.31 -24.90
CA HIS A 8 -13.16 11.84 -25.01
C HIS A 8 -12.29 11.13 -23.93
N SER A 9 -12.09 11.81 -22.79
CA SER A 9 -11.33 11.29 -21.64
C SER A 9 -12.07 10.08 -21.02
N HIS A 10 -11.66 8.87 -21.43
CA HIS A 10 -12.20 7.60 -20.92
C HIS A 10 -11.61 7.33 -19.52
N MET A 11 -12.19 7.98 -18.50
CA MET A 11 -11.75 7.85 -17.10
C MET A 11 -12.22 6.51 -16.52
N ASN A 12 -11.28 5.56 -16.37
CA ASN A 12 -11.52 4.34 -15.59
C ASN A 12 -11.44 4.70 -14.10
N SER A 13 -12.47 4.33 -13.34
CA SER A 13 -12.54 4.53 -11.89
C SER A 13 -12.61 3.17 -11.15
N GLN A 14 -12.78 2.09 -11.93
CA GLN A 14 -12.84 0.70 -11.44
C GLN A 14 -11.44 0.17 -11.12
N ARG A 15 -11.42 -1.02 -10.48
CA ARG A 15 -10.24 -1.61 -9.82
C ARG A 15 -9.74 -0.70 -8.69
N LEU A 16 -10.71 -0.07 -7.99
CA LEU A 16 -10.44 0.65 -6.74
C LEU A 16 -10.35 -0.37 -5.60
N ILE A 17 -9.16 -0.95 -5.52
CA ILE A 17 -8.78 -2.01 -4.59
C ILE A 17 -8.77 -1.46 -3.17
N HIS A 18 -9.82 -1.84 -2.42
CA HIS A 18 -10.08 -1.33 -1.07
C HIS A 18 -8.99 -1.82 -0.10
N ILE A 19 -8.39 -0.88 0.63
CA ILE A 19 -7.26 -1.13 1.54
C ILE A 19 -7.72 -0.71 2.94
N LYS A 20 -7.75 -1.65 3.89
CA LYS A 20 -8.28 -1.41 5.24
C LYS A 20 -7.10 -1.06 6.15
N THR A 21 -7.23 0.05 6.89
CA THR A 21 -6.19 0.55 7.78
C THR A 21 -6.52 0.16 9.23
N LEU A 22 -5.52 -0.41 9.92
CA LEU A 22 -5.65 -0.89 11.30
C LEU A 22 -4.53 -0.25 12.16
N THR A 23 -4.89 0.15 13.38
CA THR A 23 -3.96 0.81 14.32
C THR A 23 -2.97 -0.21 14.91
N THR A 24 -1.75 0.26 15.23
CA THR A 24 -0.63 -0.56 15.74
C THR A 24 -0.19 0.03 17.11
N PRO A 25 0.66 -0.69 17.94
CA PRO A 25 1.15 -0.13 19.25
C PRO A 25 1.89 1.23 19.09
N ASN A 26 2.33 1.55 17.86
CA ASN A 26 2.98 2.83 17.54
C ASN A 26 2.04 3.68 16.67
N GLU A 27 1.89 4.97 17.01
CA GLU A 27 1.26 5.98 16.13
C GLU A 27 2.18 6.29 14.92
N ASN A 28 3.49 6.00 15.10
CA ASN A 28 4.54 6.07 14.07
C ASN A 28 4.23 5.13 12.91
N ALA A 29 3.85 3.90 13.27
CA ALA A 29 3.48 2.84 12.34
C ALA A 29 1.96 2.84 12.10
N LEU A 30 1.54 2.22 10.98
CA LEU A 30 0.11 2.01 10.68
C LEU A 30 -0.01 0.85 9.69
N LYS A 31 -0.86 -0.13 10.02
CA LYS A 31 -1.05 -1.37 9.24
C LYS A 31 -2.03 -1.11 8.07
N PHE A 32 -1.60 -1.46 6.85
CA PHE A 32 -2.40 -1.40 5.63
C PHE A 32 -2.61 -2.82 5.11
N LEU A 33 -3.86 -3.25 5.09
CA LEU A 33 -4.25 -4.63 4.84
C LEU A 33 -5.03 -4.71 3.53
N SER A 34 -4.65 -5.64 2.63
CA SER A 34 -5.41 -5.89 1.39
C SER A 34 -6.28 -7.14 1.60
N THR A 35 -7.59 -6.90 1.80
CA THR A 35 -8.60 -7.97 1.95
C THR A 35 -9.43 -8.08 0.66
N ASP A 36 -9.18 -7.13 -0.27
CA ASP A 36 -10.00 -6.90 -1.47
C ASP A 36 -10.03 -8.11 -2.39
N GLY A 37 -8.84 -8.51 -2.87
CA GLY A 37 -8.70 -9.71 -3.71
C GLY A 37 -7.25 -10.18 -3.73
N GLU A 38 -6.45 -9.53 -4.58
CA GLU A 38 -5.02 -9.79 -4.68
C GLU A 38 -4.30 -9.22 -3.44
N MET A 39 -3.64 -10.12 -2.71
CA MET A 39 -2.95 -9.81 -1.46
C MET A 39 -1.45 -9.59 -1.74
N LEU A 40 -0.78 -8.82 -0.86
CA LEU A 40 0.58 -8.33 -1.09
C LEU A 40 1.64 -9.44 -1.33
N GLN A 41 1.86 -10.31 -0.34
CA GLN A 41 2.94 -11.33 -0.41
C GLN A 41 2.34 -12.75 -0.45
N THR A 42 2.18 -13.40 0.74
CA THR A 42 1.66 -14.78 0.88
C THR A 42 1.70 -15.20 2.37
N ARG A 43 0.86 -16.17 2.77
CA ARG A 43 0.90 -16.77 4.12
C ARG A 43 2.14 -17.66 4.27
N GLY A 44 2.66 -17.77 5.51
CA GLY A 44 3.89 -18.51 5.80
C GLY A 44 5.13 -17.62 5.73
N SER A 45 4.89 -16.29 5.66
CA SER A 45 5.93 -15.27 5.58
C SER A 45 6.30 -14.75 7.00
N LYS A 46 7.26 -13.81 7.06
CA LYS A 46 7.69 -13.14 8.29
C LYS A 46 7.74 -11.61 8.07
N SER A 47 8.15 -10.88 9.12
CA SER A 47 8.25 -9.40 9.09
C SER A 47 9.50 -8.97 8.28
N ILE A 48 9.29 -8.69 6.98
CA ILE A 48 10.35 -8.18 6.09
C ILE A 48 10.48 -6.66 6.30
N VAL A 49 11.45 -6.25 7.14
CA VAL A 49 11.68 -4.84 7.47
C VAL A 49 12.57 -4.22 6.37
N ILE A 50 11.96 -3.37 5.54
CA ILE A 50 12.67 -2.59 4.51
C ILE A 50 12.75 -1.15 5.01
N LYS A 51 13.93 -0.67 5.39
CA LYS A 51 14.10 0.74 5.83
C LYS A 51 14.51 1.60 4.63
N ASN A 52 14.54 2.92 4.86
CA ASN A 52 14.95 3.93 3.86
C ASN A 52 16.38 3.68 3.32
N THR A 53 17.21 3.01 4.14
CA THR A 53 18.60 2.69 3.83
C THR A 53 18.72 1.37 3.04
N ASP A 54 17.66 0.53 3.07
CA ASP A 54 17.63 -0.78 2.39
C ASP A 54 17.25 -0.61 0.91
N GLU A 55 18.07 0.17 0.18
CA GLU A 55 17.84 0.51 -1.24
C GLU A 55 17.82 -0.75 -2.14
N ASN A 56 18.47 -1.83 -1.68
CA ASN A 56 18.42 -3.18 -2.32
C ASN A 56 16.97 -3.65 -2.43
N LEU A 57 16.28 -3.60 -1.28
CA LEU A 57 14.93 -4.14 -1.12
C LEU A 57 13.88 -3.16 -1.71
N ILE A 58 14.17 -1.84 -1.59
CA ILE A 58 13.32 -0.76 -2.16
C ILE A 58 13.28 -0.86 -3.70
N ASN A 59 14.45 -1.03 -4.34
CA ASN A 59 14.57 -1.18 -5.82
C ASN A 59 13.93 -2.48 -6.33
N HIS A 60 13.66 -3.43 -5.44
CA HIS A 60 12.91 -4.67 -5.78
C HIS A 60 11.39 -4.48 -5.64
N SER A 61 10.96 -3.35 -5.07
CA SER A 61 9.54 -3.02 -4.87
C SER A 61 9.26 -1.61 -5.40
N LYS A 62 8.66 -1.52 -6.61
CA LYS A 62 8.26 -0.23 -7.22
C LYS A 62 7.27 0.53 -6.30
N LEU A 63 6.51 -0.24 -5.49
CA LEU A 63 5.61 0.34 -4.47
C LEU A 63 6.42 1.11 -3.43
N ALA A 64 7.50 0.47 -2.93
CA ALA A 64 8.39 1.07 -1.92
C ALA A 64 9.00 2.37 -2.45
N GLN A 65 9.45 2.31 -3.72
CA GLN A 65 10.03 3.45 -4.43
C GLN A 65 9.03 4.62 -4.50
N GLN A 66 7.76 4.30 -4.82
CA GLN A 66 6.68 5.31 -4.92
C GLN A 66 6.31 5.92 -3.55
N ILE A 67 6.35 5.10 -2.47
CA ILE A 67 6.03 5.55 -1.11
C ILE A 67 7.11 6.53 -0.61
N PHE A 68 8.39 6.16 -0.82
CA PHE A 68 9.54 7.01 -0.45
C PHE A 68 9.68 8.23 -1.41
N LEU A 69 9.09 8.14 -2.63
CA LEU A 69 9.13 9.22 -3.64
C LEU A 69 8.14 10.34 -3.29
N GLN A 70 6.88 9.93 -3.08
CA GLN A 70 5.76 10.86 -2.84
C GLN A 70 5.66 11.26 -1.37
N CYS A 71 6.30 10.47 -0.47
CA CYS A 71 6.34 10.76 0.97
C CYS A 71 7.74 10.41 1.54
N PRO A 72 8.71 11.38 1.54
CA PRO A 72 10.08 11.16 2.09
C PRO A 72 10.12 11.14 3.64
N GLY A 73 8.94 11.37 4.28
CA GLY A 73 8.82 11.28 5.72
C GLY A 73 8.83 9.84 6.21
N VAL A 74 8.50 8.91 5.30
CA VAL A 74 8.47 7.47 5.57
C VAL A 74 9.90 6.97 5.85
N GLU A 75 10.07 6.40 7.05
CA GLU A 75 11.37 5.90 7.55
C GLU A 75 11.56 4.42 7.17
N SER A 76 10.47 3.64 7.27
CA SER A 76 10.52 2.18 7.05
C SER A 76 9.15 1.63 6.60
N LEU A 77 9.21 0.45 6.00
CA LEU A 77 8.07 -0.36 5.58
C LEU A 77 8.26 -1.75 6.20
N MET A 78 7.21 -2.36 6.73
CA MET A 78 7.26 -3.76 7.19
C MET A 78 6.30 -4.58 6.34
N ILE A 79 6.86 -5.37 5.40
CA ILE A 79 6.10 -6.21 4.50
C ILE A 79 5.79 -7.52 5.23
N GLY A 80 4.51 -7.75 5.52
CA GLY A 80 4.07 -8.98 6.17
C GLY A 80 3.56 -9.98 5.16
N ASP A 81 2.74 -10.91 5.65
CA ASP A 81 2.04 -11.92 4.83
C ASP A 81 0.97 -11.21 3.99
N ASP A 82 0.02 -10.62 4.71
CA ASP A 82 -1.19 -9.99 4.15
C ASP A 82 -1.01 -8.46 4.05
N PHE A 83 -0.19 -7.91 4.97
CA PHE A 83 -0.21 -6.47 5.32
C PHE A 83 1.10 -5.75 4.96
N LEU A 84 1.07 -4.42 5.12
CA LEU A 84 2.20 -3.52 4.94
C LEU A 84 2.08 -2.40 5.99
N THR A 85 3.07 -2.32 6.87
CA THR A 85 3.04 -1.38 8.00
C THR A 85 3.99 -0.21 7.68
N ILE A 86 3.41 0.97 7.43
CA ILE A 86 4.17 2.16 7.04
C ILE A 86 4.59 2.92 8.31
N ASN A 87 5.91 3.03 8.52
CA ASN A 87 6.50 3.80 9.61
C ASN A 87 7.00 5.13 9.02
N LYS A 88 6.61 6.27 9.62
CA LYS A 88 7.04 7.61 9.13
C LYS A 88 7.41 8.51 10.32
N ASP A 89 8.01 9.68 10.03
CA ASP A 89 8.40 10.66 11.04
C ASP A 89 7.14 11.16 11.77
N ARG A 90 7.15 11.08 13.10
CA ARG A 90 5.97 11.29 13.94
C ARG A 90 5.41 12.73 13.89
N MET A 91 6.28 13.69 13.52
CA MET A 91 5.90 15.12 13.42
C MET A 91 5.14 15.40 12.10
N VAL A 92 5.34 14.51 11.10
CA VAL A 92 4.61 14.55 9.81
C VAL A 92 3.29 13.74 9.97
N HIS A 93 2.21 14.17 9.30
CA HIS A 93 0.84 13.65 9.58
C HIS A 93 0.32 12.72 8.47
N TRP A 94 -0.43 11.67 8.89
CA TRP A 94 -1.13 10.72 7.99
C TRP A 94 -2.17 11.41 7.09
N ASN A 95 -2.66 12.58 7.53
CA ASN A 95 -3.67 13.38 6.82
C ASN A 95 -3.27 13.67 5.35
N SER A 96 -1.96 13.81 5.11
CA SER A 96 -1.40 14.09 3.78
C SER A 96 -0.76 12.82 3.15
N ILE A 97 -0.42 11.82 3.99
CA ILE A 97 0.39 10.64 3.56
C ILE A 97 -0.52 9.43 3.24
N LYS A 98 -1.39 9.05 4.21
CA LYS A 98 -2.23 7.83 4.15
C LYS A 98 -3.08 7.70 2.83
N PRO A 99 -3.83 8.77 2.36
CA PRO A 99 -4.59 8.70 1.08
C PRO A 99 -3.71 8.30 -0.12
N GLU A 100 -2.50 8.86 -0.14
CA GLU A 100 -1.54 8.64 -1.23
C GLU A 100 -1.00 7.20 -1.18
N ILE A 101 -0.78 6.67 0.04
CA ILE A 101 -0.35 5.27 0.26
C ILE A 101 -1.38 4.28 -0.32
N ILE A 102 -2.65 4.47 0.08
CA ILE A 102 -3.77 3.62 -0.38
C ILE A 102 -3.89 3.63 -1.93
N ASP A 103 -3.66 4.82 -2.52
CA ASP A 103 -3.67 5.03 -3.98
C ASP A 103 -2.54 4.24 -4.69
N LEU A 104 -1.35 4.25 -4.07
CA LEU A 104 -0.18 3.49 -4.55
C LEU A 104 -0.44 1.98 -4.47
N LEU A 105 -1.02 1.54 -3.34
CA LEU A 105 -1.37 0.12 -3.09
C LEU A 105 -2.50 -0.36 -4.05
N THR A 106 -3.31 0.59 -4.54
CA THR A 106 -4.40 0.32 -5.49
C THR A 106 -3.84 0.11 -6.91
N LYS A 107 -2.97 1.04 -7.36
CA LYS A 107 -2.46 1.04 -8.75
C LYS A 107 -1.53 -0.16 -8.99
N GLN A 108 -0.68 -0.49 -7.98
CA GLN A 108 0.23 -1.64 -8.02
C GLN A 108 -0.56 -2.93 -8.27
N LEU A 109 -1.50 -3.20 -7.36
CA LEU A 109 -2.28 -4.44 -7.35
C LEU A 109 -3.30 -4.49 -8.52
N ALA A 110 -3.49 -3.35 -9.21
CA ALA A 110 -4.39 -3.26 -10.38
C ALA A 110 -3.80 -3.98 -11.60
N TYR A 111 -2.46 -3.90 -11.77
CA TYR A 111 -1.73 -4.58 -12.89
C TYR A 111 -0.86 -5.75 -12.39
N GLY A 112 -0.55 -5.74 -11.09
CA GLY A 112 0.33 -6.73 -10.46
C GLY A 112 -0.40 -7.49 -9.38
N GLU A 113 0.15 -8.63 -8.98
CA GLU A 113 -0.42 -9.48 -7.92
C GLU A 113 0.37 -9.29 -6.61
N ASP A 114 1.64 -8.86 -6.73
CA ASP A 114 2.62 -8.87 -5.64
C ASP A 114 3.02 -7.44 -5.24
N VAL A 115 3.55 -7.31 -4.00
CA VAL A 115 4.09 -6.04 -3.46
C VAL A 115 5.56 -5.84 -3.92
N ILE A 116 6.37 -6.91 -3.84
CA ILE A 116 7.81 -6.90 -4.19
C ILE A 116 8.06 -7.74 -5.47
N SER A 117 7.24 -8.81 -5.64
CA SER A 117 7.51 -9.93 -6.58
C SER A 117 8.72 -10.74 -6.06
N LYS A 118 8.68 -11.01 -4.74
CA LYS A 118 9.69 -11.75 -3.99
C LYS A 118 9.47 -13.26 -4.27
N GLU A 119 10.03 -13.73 -5.40
CA GLU A 119 9.89 -15.11 -5.91
C GLU A 119 8.39 -15.52 -6.11
#